data_4NCM
# 
_entry.id   4NCM 
# 
_audit_conform.dict_name       mmcif_pdbx.dic 
_audit_conform.dict_version    5.379 
_audit_conform.dict_location   http://mmcif.pdb.org/dictionaries/ascii/mmcif_pdbx.dic 
# 
loop_
_database_2.database_id 
_database_2.database_code 
_database_2.pdbx_database_accession 
_database_2.pdbx_DOI 
PDB   4NCM         pdb_00004ncm 10.2210/pdb4ncm/pdb 
RCSB  RCSB083033   ?            ?                   
WWPDB D_1000083033 ?            ?                   
# 
_pdbx_database_related.db_name        PDB 
_pdbx_database_related.db_id          4NCE 
_pdbx_database_related.details        . 
_pdbx_database_related.content_type   unspecified 
# 
_pdbx_database_status.status_code                     REL 
_pdbx_database_status.entry_id                        4NCM 
_pdbx_database_status.recvd_initial_deposition_date   2013-10-24 
_pdbx_database_status.deposit_site                    RCSB 
_pdbx_database_status.process_site                    RCSB 
_pdbx_database_status.status_code_sf                  REL 
_pdbx_database_status.status_code_mr                  ? 
_pdbx_database_status.SG_entry                        ? 
_pdbx_database_status.status_code_cs                  ? 
_pdbx_database_status.methods_development_category    ? 
_pdbx_database_status.pdb_format_compatible           Y 
_pdbx_database_status.status_code_nmr_data            ? 
# 
_audit_author.name           'Jacobs, M.D.' 
_audit_author.pdbx_ordinal   1 
# 
_citation.id                        primary 
_citation.title                     
'Discovery of a Novel, First-in-Class, Orally Bioavailable Azaindole Inhibitor (VX-787) of Influenza PB2.' 
_citation.journal_abbrev            J.Med.Chem. 
_citation.journal_volume            57 
_citation.page_first                6668 
_citation.page_last                 6678 
_citation.year                      2014 
_citation.journal_id_ASTM           JMCMAR 
_citation.country                   US 
_citation.journal_id_ISSN           0022-2623 
_citation.journal_id_CSD            0151 
_citation.book_publisher            ? 
_citation.pdbx_database_id_PubMed   25019388 
_citation.pdbx_database_id_DOI      10.1021/jm5007275 
# 
loop_
_citation_author.citation_id 
_citation_author.name 
_citation_author.ordinal 
_citation_author.identifier_ORCID 
primary 'Clark, M.P.'      1  ? 
primary 'Ledeboer, M.W.'   2  ? 
primary 'Davies, I.'       3  ? 
primary 'Byrn, R.A.'       4  ? 
primary 'Jones, S.M.'      5  ? 
primary 'Perola, E.'       6  ? 
primary 'Tsai, A.'         7  ? 
primary 'Jacobs, M.'       8  ? 
primary 'Nti-Addae, K.'    9  ? 
primary 'Bandarage, U.K.'  10 ? 
primary 'Boyd, M.J.'       11 ? 
primary 'Bethiel, R.S.'    12 ? 
primary 'Court, J.J.'      13 ? 
primary 'Deng, H.'         14 ? 
primary 'Duffy, J.P.'      15 ? 
primary 'Dorsch, W.A.'     16 ? 
primary 'Farmer, L.J.'     17 ? 
primary 'Gao, H.'          18 ? 
primary 'Gu, W.'           19 ? 
primary 'Jackson, K.'      20 ? 
primary 'Jacobs, D.H.'     21 ? 
primary 'Kennedy, J.M.'    22 ? 
primary 'Ledford, B.'      23 ? 
primary 'Liang, J.'        24 ? 
primary 'Maltais, F.'      25 ? 
primary 'Murcko, M.'       26 ? 
primary 'Wang, T.'         27 ? 
primary 'Wannamaker, M.W.' 28 ? 
primary 'Bennett, H.B.'    29 ? 
primary 'Leeman, J.R.'     30 ? 
primary 'McNeil, C.'       31 ? 
primary 'Taylor, W.P.'     32 ? 
primary 'Memmott, C.'      33 ? 
primary 'Jiang, M.'        34 ? 
primary 'Rijnbrand, R.'    35 ? 
primary 'Bral, C.'         36 ? 
primary 'Germann, U.'      37 ? 
primary 'Nezami, A.'       38 ? 
primary 'Zhang, Y.'        39 ? 
primary 'Salituro, F.G.'   40 ? 
primary 'Bennani, Y.L.'    41 ? 
primary 'Charifson, P.S.'  42 ? 
# 
_cell.entry_id           4NCM 
_cell.length_a           82.100 
_cell.length_b           82.100 
_cell.length_c           54.360 
_cell.angle_alpha        90.00 
_cell.angle_beta         90.00 
_cell.angle_gamma        120.00 
_cell.Z_PDB              6 
_cell.pdbx_unique_axis   ? 
_cell.length_a_esd       ? 
_cell.length_b_esd       ? 
_cell.length_c_esd       ? 
_cell.angle_alpha_esd    ? 
_cell.angle_beta_esd     ? 
_cell.angle_gamma_esd    ? 
# 
_symmetry.entry_id                         4NCM 
_symmetry.space_group_name_H-M             'P 65' 
_symmetry.pdbx_full_space_group_name_H-M   ? 
_symmetry.cell_setting                     ? 
_symmetry.Int_Tables_number                170 
_symmetry.space_group_name_Hall            ? 
# 
loop_
_entity.id 
_entity.type 
_entity.src_method 
_entity.pdbx_description 
_entity.formula_weight 
_entity.pdbx_number_of_molecules 
_entity.pdbx_ec 
_entity.pdbx_mutation 
_entity.pdbx_fragment 
_entity.details 
1 polymer     man 'Polymerase basic protein 2'                                                                          19174.324 
1  ? R389K 'CAP-BINDING DOMAIN' ? 
2 non-polymer syn 'N~2~-[2-(5-chloro-1H-pyrrolo[2,3-b]pyridin-3-yl)-5-fluoropyrimidin-4-yl]-N,N-dimethyl-L-alaninamide' 362.789   
1  ? ?     ?                    ? 
3 water       nat water                                                                                                 18.015    
27 ? ?     ?                    ? 
# 
_entity_name_com.entity_id   1 
_entity_name_com.name        'RNA-directed RNA polymerase subunit P3' 
# 
_entity_poly.entity_id                      1 
_entity_poly.type                           'polypeptide(L)' 
_entity_poly.nstd_linkage                   no 
_entity_poly.nstd_monomer                   no 
_entity_poly.pdbx_seq_one_letter_code       
;GHMRISSSFSFGGFTFKRTSGSSIKREEEVLTGNLQTLKIRVHEGYEEFTMVGKRATAILRKATRRLVQLIVSGKDEQSI
AEAIIVAMVFSQEDCMIKAVRGDLNFVNRANQRLNPMHQLLRHFQKDAKVLFQNWGIEHIDNVMGMVGVLPDMTPSTEMS
MRGIRVSKM
;
_entity_poly.pdbx_seq_one_letter_code_can   
;GHMRISSSFSFGGFTFKRTSGSSIKREEEVLTGNLQTLKIRVHEGYEEFTMVGKRATAILRKATRRLVQLIVSGKDEQSI
AEAIIVAMVFSQEDCMIKAVRGDLNFVNRANQRLNPMHQLLRHFQKDAKVLFQNWGIEHIDNVMGMVGVLPDMTPSTEMS
MRGIRVSKM
;
_entity_poly.pdbx_strand_id                 A 
_entity_poly.pdbx_target_identifier         ? 
# 
loop_
_entity_poly_seq.entity_id 
_entity_poly_seq.num 
_entity_poly_seq.mon_id 
_entity_poly_seq.hetero 
1 1   GLY n 
1 2   HIS n 
1 3   MET n 
1 4   ARG n 
1 5   ILE n 
1 6   SER n 
1 7   SER n 
1 8   SER n 
1 9   PHE n 
1 10  SER n 
1 11  PHE n 
1 12  GLY n 
1 13  GLY n 
1 14  PHE n 
1 15  THR n 
1 16  PHE n 
1 17  LYS n 
1 18  ARG n 
1 19  THR n 
1 20  SER n 
1 21  GLY n 
1 22  SER n 
1 23  SER n 
1 24  ILE n 
1 25  LYS n 
1 26  ARG n 
1 27  GLU n 
1 28  GLU n 
1 29  GLU n 
1 30  VAL n 
1 31  LEU n 
1 32  THR n 
1 33  GLY n 
1 34  ASN n 
1 35  LEU n 
1 36  GLN n 
1 37  THR n 
1 38  LEU n 
1 39  LYS n 
1 40  ILE n 
1 41  ARG n 
1 42  VAL n 
1 43  HIS n 
1 44  GLU n 
1 45  GLY n 
1 46  TYR n 
1 47  GLU n 
1 48  GLU n 
1 49  PHE n 
1 50  THR n 
1 51  MET n 
1 52  VAL n 
1 53  GLY n 
1 54  LYS n 
1 55  ARG n 
1 56  ALA n 
1 57  THR n 
1 58  ALA n 
1 59  ILE n 
1 60  LEU n 
1 61  ARG n 
1 62  LYS n 
1 63  ALA n 
1 64  THR n 
1 65  ARG n 
1 66  ARG n 
1 67  LEU n 
1 68  VAL n 
1 69  GLN n 
1 70  LEU n 
1 71  ILE n 
1 72  VAL n 
1 73  SER n 
1 74  GLY n 
1 75  LYS n 
1 76  ASP n 
1 77  GLU n 
1 78  GLN n 
1 79  SER n 
1 80  ILE n 
1 81  ALA n 
1 82  GLU n 
1 83  ALA n 
1 84  ILE n 
1 85  ILE n 
1 86  VAL n 
1 87  ALA n 
1 88  MET n 
1 89  VAL n 
1 90  PHE n 
1 91  SER n 
1 92  GLN n 
1 93  GLU n 
1 94  ASP n 
1 95  CYS n 
1 96  MET n 
1 97  ILE n 
1 98  LYS n 
1 99  ALA n 
1 100 VAL n 
1 101 ARG n 
1 102 GLY n 
1 103 ASP n 
1 104 LEU n 
1 105 ASN n 
1 106 PHE n 
1 107 VAL n 
1 108 ASN n 
1 109 ARG n 
1 110 ALA n 
1 111 ASN n 
1 112 GLN n 
1 113 ARG n 
1 114 LEU n 
1 115 ASN n 
1 116 PRO n 
1 117 MET n 
1 118 HIS n 
1 119 GLN n 
1 120 LEU n 
1 121 LEU n 
1 122 ARG n 
1 123 HIS n 
1 124 PHE n 
1 125 GLN n 
1 126 LYS n 
1 127 ASP n 
1 128 ALA n 
1 129 LYS n 
1 130 VAL n 
1 131 LEU n 
1 132 PHE n 
1 133 GLN n 
1 134 ASN n 
1 135 TRP n 
1 136 GLY n 
1 137 ILE n 
1 138 GLU n 
1 139 HIS n 
1 140 ILE n 
1 141 ASP n 
1 142 ASN n 
1 143 VAL n 
1 144 MET n 
1 145 GLY n 
1 146 MET n 
1 147 VAL n 
1 148 GLY n 
1 149 VAL n 
1 150 LEU n 
1 151 PRO n 
1 152 ASP n 
1 153 MET n 
1 154 THR n 
1 155 PRO n 
1 156 SER n 
1 157 THR n 
1 158 GLU n 
1 159 MET n 
1 160 SER n 
1 161 MET n 
1 162 ARG n 
1 163 GLY n 
1 164 ILE n 
1 165 ARG n 
1 166 VAL n 
1 167 SER n 
1 168 LYS n 
1 169 MET n 
# 
_entity_src_gen.entity_id                          1 
_entity_src_gen.pdbx_src_id                        1 
_entity_src_gen.pdbx_alt_source_flag               sample 
_entity_src_gen.pdbx_seq_type                      ? 
_entity_src_gen.pdbx_beg_seq_num                   ? 
_entity_src_gen.pdbx_end_seq_num                   ? 
_entity_src_gen.gene_src_common_name               ? 
_entity_src_gen.gene_src_genus                     ? 
_entity_src_gen.pdbx_gene_src_gene                 'PB2, polymerase basic protein 2 PB2' 
_entity_src_gen.gene_src_species                   ? 
_entity_src_gen.gene_src_strain                    'A/Victoria/3/1975 H3N2' 
_entity_src_gen.gene_src_tissue                    ? 
_entity_src_gen.gene_src_tissue_fraction           ? 
_entity_src_gen.gene_src_details                   ? 
_entity_src_gen.pdbx_gene_src_fragment             ? 
_entity_src_gen.pdbx_gene_src_scientific_name      'Influenza A virus' 
_entity_src_gen.pdbx_gene_src_ncbi_taxonomy_id     392809 
_entity_src_gen.pdbx_gene_src_variant              ? 
_entity_src_gen.pdbx_gene_src_cell_line            ? 
_entity_src_gen.pdbx_gene_src_atcc                 ? 
_entity_src_gen.pdbx_gene_src_organ                ? 
_entity_src_gen.pdbx_gene_src_organelle            ? 
_entity_src_gen.pdbx_gene_src_cell                 ? 
_entity_src_gen.pdbx_gene_src_cellular_location    ? 
_entity_src_gen.host_org_common_name               ? 
_entity_src_gen.pdbx_host_org_scientific_name      'Escherichia coli' 
_entity_src_gen.pdbx_host_org_ncbi_taxonomy_id     562 
_entity_src_gen.host_org_genus                     ? 
_entity_src_gen.pdbx_host_org_gene                 ? 
_entity_src_gen.pdbx_host_org_organ                ? 
_entity_src_gen.host_org_species                   ? 
_entity_src_gen.pdbx_host_org_tissue               ? 
_entity_src_gen.pdbx_host_org_tissue_fraction      ? 
_entity_src_gen.pdbx_host_org_strain               'BL21(DE3)pLysS' 
_entity_src_gen.pdbx_host_org_variant              ? 
_entity_src_gen.pdbx_host_org_cell_line            ? 
_entity_src_gen.pdbx_host_org_atcc                 ? 
_entity_src_gen.pdbx_host_org_culture_collection   ? 
_entity_src_gen.pdbx_host_org_cell                 ? 
_entity_src_gen.pdbx_host_org_organelle            ? 
_entity_src_gen.pdbx_host_org_cellular_location    ? 
_entity_src_gen.pdbx_host_org_vector_type          plasmid 
_entity_src_gen.pdbx_host_org_vector               ? 
_entity_src_gen.host_org_details                   ? 
_entity_src_gen.expression_system_id               ? 
_entity_src_gen.plasmid_name                       pET28b.1 
_entity_src_gen.plasmid_details                    ? 
_entity_src_gen.pdbx_description                   ? 
# 
_struct_ref.id                         1 
_struct_ref.db_name                    UNP 
_struct_ref.db_code                    PB2_I75A3 
_struct_ref.pdbx_db_accession          P31345 
_struct_ref.entity_id                  1 
_struct_ref.pdbx_seq_one_letter_code   
;LRISSSFSFGGFTFKRTSGSSIKREEEVLTGNLQTLKIRVHEGYEEFTMVGKRATAILRKATRRLVQLIVSGRDEQSIAE
AIIVAMVFSQEDCMIKAVRGDLNFVNRANQRLNPMHQLLRHFQKDAKVLFQNWGIEHIDNVMGMVGVLPDMTPSTEMSMR
GIRVSKM
;
_struct_ref.pdbx_align_begin           317 
_struct_ref.pdbx_db_isoform            ? 
# 
_struct_ref_seq.align_id                      1 
_struct_ref_seq.ref_id                        1 
_struct_ref_seq.pdbx_PDB_id_code              4NCM 
_struct_ref_seq.pdbx_strand_id                A 
_struct_ref_seq.seq_align_beg                 3 
_struct_ref_seq.pdbx_seq_align_beg_ins_code   ? 
_struct_ref_seq.seq_align_end                 169 
_struct_ref_seq.pdbx_seq_align_end_ins_code   ? 
_struct_ref_seq.pdbx_db_accession             P31345 
_struct_ref_seq.db_align_beg                  317 
_struct_ref_seq.pdbx_db_align_beg_ins_code    ? 
_struct_ref_seq.db_align_end                  483 
_struct_ref_seq.pdbx_db_align_end_ins_code    ? 
_struct_ref_seq.pdbx_auth_seq_align_beg       317 
_struct_ref_seq.pdbx_auth_seq_align_end       483 
# 
loop_
_struct_ref_seq_dif.align_id 
_struct_ref_seq_dif.pdbx_pdb_id_code 
_struct_ref_seq_dif.mon_id 
_struct_ref_seq_dif.pdbx_pdb_strand_id 
_struct_ref_seq_dif.seq_num 
_struct_ref_seq_dif.pdbx_pdb_ins_code 
_struct_ref_seq_dif.pdbx_seq_db_name 
_struct_ref_seq_dif.pdbx_seq_db_accession_code 
_struct_ref_seq_dif.db_mon_id 
_struct_ref_seq_dif.pdbx_seq_db_seq_num 
_struct_ref_seq_dif.details 
_struct_ref_seq_dif.pdbx_auth_seq_num 
_struct_ref_seq_dif.pdbx_ordinal 
1 4NCM GLY A 1  ? UNP P31345 ?   ?   'expression tag' 315 1 
1 4NCM HIS A 2  ? UNP P31345 ?   ?   'expression tag' 316 2 
1 4NCM MET A 3  ? UNP P31345 LEU 317 conflict         317 3 
1 4NCM LYS A 75 ? UNP P31345 ARG 389 conflict         389 4 
# 
loop_
_chem_comp.id 
_chem_comp.type 
_chem_comp.mon_nstd_flag 
_chem_comp.name 
_chem_comp.pdbx_synonyms 
_chem_comp.formula 
_chem_comp.formula_weight 
704 non-polymer         . 'N~2~-[2-(5-chloro-1H-pyrrolo[2,3-b]pyridin-3-yl)-5-fluoropyrimidin-4-yl]-N,N-dimethyl-L-alaninamide' ? 
'C16 H16 Cl F N6 O' 362.789 
ALA 'L-peptide linking' y ALANINE                                                                                               ? 
'C3 H7 N O2'        89.093  
ARG 'L-peptide linking' y ARGININE                                                                                              ? 
'C6 H15 N4 O2 1'    175.209 
ASN 'L-peptide linking' y ASPARAGINE                                                                                            ? 
'C4 H8 N2 O3'       132.118 
ASP 'L-peptide linking' y 'ASPARTIC ACID'                                                                                       ? 
'C4 H7 N O4'        133.103 
CYS 'L-peptide linking' y CYSTEINE                                                                                              ? 
'C3 H7 N O2 S'      121.158 
GLN 'L-peptide linking' y GLUTAMINE                                                                                             ? 
'C5 H10 N2 O3'      146.144 
GLU 'L-peptide linking' y 'GLUTAMIC ACID'                                                                                       ? 
'C5 H9 N O4'        147.129 
GLY 'peptide linking'   y GLYCINE                                                                                               ? 
'C2 H5 N O2'        75.067  
HIS 'L-peptide linking' y HISTIDINE                                                                                             ? 
'C6 H10 N3 O2 1'    156.162 
HOH non-polymer         . WATER                                                                                                 ? 
'H2 O'              18.015  
ILE 'L-peptide linking' y ISOLEUCINE                                                                                            ? 
'C6 H13 N O2'       131.173 
LEU 'L-peptide linking' y LEUCINE                                                                                               ? 
'C6 H13 N O2'       131.173 
LYS 'L-peptide linking' y LYSINE                                                                                                ? 
'C6 H15 N2 O2 1'    147.195 
MET 'L-peptide linking' y METHIONINE                                                                                            ? 
'C5 H11 N O2 S'     149.211 
PHE 'L-peptide linking' y PHENYLALANINE                                                                                         ? 
'C9 H11 N O2'       165.189 
PRO 'L-peptide linking' y PROLINE                                                                                               ? 
'C5 H9 N O2'        115.130 
SER 'L-peptide linking' y SERINE                                                                                                ? 
'C3 H7 N O3'        105.093 
THR 'L-peptide linking' y THREONINE                                                                                             ? 
'C4 H9 N O3'        119.119 
TRP 'L-peptide linking' y TRYPTOPHAN                                                                                            ? 
'C11 H12 N2 O2'     204.225 
TYR 'L-peptide linking' y TYROSINE                                                                                              ? 
'C9 H11 N O3'       181.189 
VAL 'L-peptide linking' y VALINE                                                                                                ? 
'C5 H11 N O2'       117.146 
# 
_exptl.entry_id          4NCM 
_exptl.method            'X-RAY DIFFRACTION' 
_exptl.crystals_number   1 
# 
_exptl_crystal.id                    1 
_exptl_crystal.density_meas          ? 
_exptl_crystal.density_Matthews      2.76 
_exptl_crystal.density_percent_sol   55.41 
_exptl_crystal.description           ? 
_exptl_crystal.F_000                 ? 
_exptl_crystal.preparation           ? 
# 
_exptl_crystal_grow.crystal_id      1 
_exptl_crystal_grow.method          'VAPOR DIFFUSION, HANGING DROP' 
_exptl_crystal_grow.temp            298 
_exptl_crystal_grow.temp_details    ? 
_exptl_crystal_grow.pH              4.7 
_exptl_crystal_grow.pdbx_details    
;0.7 uL of protein solution (9.7 mg/mL protein, 50 mM Tris buffer pH 8, 200 mM sodium chloride, 2 mM dithiothreitol, 5 mM m7GTP) was mixed with 0.35 uL Hampton Research Silver Bullet screening reagent #36.  This mixture was combined with 0.35 uL of well solution (approximately 1.3 M sodium formate, 100 mM sodium citrate buffer pH 4.6, 5 mM dithiothreitol) and suspended over 1 mL of well solution, VAPOR DIFFUSION, HANGING DROP, temperature 298K
;
_exptl_crystal_grow.pdbx_pH_range   ? 
# 
_diffrn.id                     1 
_diffrn.ambient_temp           100 
_diffrn.ambient_temp_details   ? 
_diffrn.crystal_id             1 
# 
_diffrn_detector.diffrn_id              1 
_diffrn_detector.detector               CCD 
_diffrn_detector.type                   'ADSC QUANTUM 315' 
_diffrn_detector.pdbx_collection_date   2008-08-19 
_diffrn_detector.details                ? 
# 
_diffrn_radiation.diffrn_id                        1 
_diffrn_radiation.wavelength_id                    1 
_diffrn_radiation.pdbx_monochromatic_or_laue_m_l   M 
_diffrn_radiation.monochromator                    ? 
_diffrn_radiation.pdbx_diffrn_protocol             'SINGLE WAVELENGTH' 
_diffrn_radiation.pdbx_scattering_type             x-ray 
# 
_diffrn_radiation_wavelength.id           1 
_diffrn_radiation_wavelength.wavelength   1.0 
_diffrn_radiation_wavelength.wt           1.0 
# 
_diffrn_source.diffrn_id                   1 
_diffrn_source.source                      SYNCHROTRON 
_diffrn_source.type                        'ALS BEAMLINE 5.0.2' 
_diffrn_source.pdbx_synchrotron_site       ALS 
_diffrn_source.pdbx_synchrotron_beamline   5.0.2 
_diffrn_source.pdbx_wavelength             ? 
_diffrn_source.pdbx_wavelength_list        1.0 
# 
_reflns.entry_id                     4NCM 
_reflns.observed_criterion_sigma_I   1 
_reflns.observed_criterion_sigma_F   1 
_reflns.d_resolution_low             43.186 
_reflns.d_resolution_high            2.818 
_reflns.number_obs                   4894 
_reflns.number_all                   5135 
_reflns.percent_possible_obs         95.3 
_reflns.pdbx_Rmerge_I_obs            0.082 
_reflns.pdbx_Rsym_value              ? 
_reflns.pdbx_netI_over_sigmaI        20.3 
_reflns.B_iso_Wilson_estimate        69.16 
_reflns.pdbx_redundancy              7.3 
_reflns.R_free_details               ? 
_reflns.limit_h_max                  ? 
_reflns.limit_h_min                  ? 
_reflns.limit_k_max                  ? 
_reflns.limit_k_min                  ? 
_reflns.limit_l_max                  ? 
_reflns.limit_l_min                  ? 
_reflns.observed_criterion_F_max     ? 
_reflns.observed_criterion_F_min     ? 
_reflns.pdbx_chi_squared             ? 
_reflns.pdbx_scaling_rejects         ? 
_reflns.pdbx_ordinal                 1 
_reflns.pdbx_diffrn_id               1 
# 
_refine.entry_id                                 4NCM 
_refine.ls_number_reflns_obs                     4872 
_refine.ls_number_reflns_all                     5135 
_refine.pdbx_ls_sigma_I                          ? 
_refine.pdbx_ls_sigma_F                          0.0 
_refine.pdbx_data_cutoff_high_absF               ? 
_refine.pdbx_data_cutoff_low_absF                ? 
_refine.pdbx_data_cutoff_high_rms_absF           ? 
_refine.ls_d_res_low                             41.05 
_refine.ls_d_res_high                            2.82 
_refine.ls_percent_reflns_obs                    95.03 
_refine.ls_R_factor_obs                          0.1706 
_refine.ls_R_factor_all                          0.1706 
_refine.ls_R_factor_R_work                       0.1696 
_refine.ls_R_factor_R_free                       0.1911 
_refine.ls_R_factor_R_free_error                 ? 
_refine.ls_R_factor_R_free_error_details         ? 
_refine.ls_percent_reflns_R_free                 4.78 
_refine.ls_number_reflns_R_free                  233 
_refine.ls_number_parameters                     ? 
_refine.ls_number_restraints                     ? 
_refine.occupancy_min                            ? 
_refine.occupancy_max                            ? 
_refine.correlation_coeff_Fo_to_Fc               0.9393 
_refine.correlation_coeff_Fo_to_Fc_free          0.9319 
_refine.B_iso_mean                               54.59 
_refine.aniso_B[1][1]                            -4.3265 
_refine.aniso_B[2][2]                            -4.3265 
_refine.aniso_B[3][3]                            8.6530 
_refine.aniso_B[1][2]                            0.0000 
_refine.aniso_B[1][3]                            0.0000 
_refine.aniso_B[2][3]                            0.0000 
_refine.solvent_model_details                    ? 
_refine.solvent_model_param_ksol                 ? 
_refine.solvent_model_param_bsol                 ? 
_refine.pdbx_solvent_vdw_probe_radii             ? 
_refine.pdbx_solvent_ion_probe_radii             ? 
_refine.pdbx_solvent_shrinkage_radii             ? 
_refine.pdbx_ls_cross_valid_method               THROUGHOUT 
_refine.details                                  ? 
_refine.pdbx_starting_model                      'PDB ENTRY 4NCE' 
_refine.pdbx_method_to_determine_struct          'FOURIER SYNTHESIS' 
_refine.pdbx_isotropic_thermal_model             ? 
_refine.pdbx_stereochemistry_target_values       'Engh & Huber' 
_refine.pdbx_stereochem_target_val_spec_case     ? 
_refine.pdbx_R_Free_selection_details            RANDOM 
_refine.pdbx_overall_ESU_R                       ? 
_refine.pdbx_overall_ESU_R_Free                  ? 
_refine.overall_SU_ML                            ? 
_refine.pdbx_overall_phase_error                 ? 
_refine.overall_SU_B                             ? 
_refine.overall_SU_R_Cruickshank_DPI             ? 
_refine.ls_redundancy_reflns_obs                 ? 
_refine.B_iso_min                                ? 
_refine.B_iso_max                                ? 
_refine.overall_SU_R_free                        ? 
_refine.ls_wR_factor_R_free                      ? 
_refine.ls_wR_factor_R_work                      ? 
_refine.overall_FOM_free_R_set                   ? 
_refine.overall_FOM_work_R_set                   ? 
_refine.pdbx_diffrn_id                           1 
_refine.pdbx_refine_id                           'X-RAY DIFFRACTION' 
_refine.pdbx_TLS_residual_ADP_flag               ? 
_refine.pdbx_overall_SU_R_free_Cruickshank_DPI   ? 
_refine.pdbx_overall_SU_R_Blow_DPI               ? 
_refine.pdbx_overall_SU_R_free_Blow_DPI          ? 
# 
_refine_analyze.entry_id                        4NCM 
_refine_analyze.Luzzati_coordinate_error_obs    0.277 
_refine_analyze.Luzzati_sigma_a_obs             ? 
_refine_analyze.Luzzati_d_res_low_obs           ? 
_refine_analyze.Luzzati_coordinate_error_free   ? 
_refine_analyze.Luzzati_sigma_a_free            ? 
_refine_analyze.Luzzati_d_res_low_free          ? 
_refine_analyze.number_disordered_residues      ? 
_refine_analyze.occupancy_sum_hydrogen          ? 
_refine_analyze.occupancy_sum_non_hydrogen      ? 
_refine_analyze.pdbx_Luzzati_d_res_high_obs     ? 
_refine_analyze.pdbx_refine_id                  'X-RAY DIFFRACTION' 
# 
_refine_hist.pdbx_refine_id                   'X-RAY DIFFRACTION' 
_refine_hist.cycle_id                         LAST 
_refine_hist.pdbx_number_atoms_protein        1287 
_refine_hist.pdbx_number_atoms_nucleic_acid   0 
_refine_hist.pdbx_number_atoms_ligand         25 
_refine_hist.number_atoms_solvent             27 
_refine_hist.number_atoms_total               1339 
_refine_hist.d_res_high                       2.82 
_refine_hist.d_res_low                        41.05 
# 
loop_
_refine_ls_restr.type 
_refine_ls_restr.dev_ideal 
_refine_ls_restr.dev_ideal_target 
_refine_ls_restr.weight 
_refine_ls_restr.number 
_refine_ls_restr.pdbx_restraint_function 
_refine_ls_restr.pdbx_refine_id 
t_bond_d                  0.010 ? 2.00  1334 HARMONIC     'X-RAY DIFFRACTION' 
t_angle_deg               1.08  ? 2.00  1791 HARMONIC     'X-RAY DIFFRACTION' 
t_dihedral_angle_d        ?     ? 2.00  494  SINUSOIDAL   'X-RAY DIFFRACTION' 
t_incorr_chiral_ct        ?     ? ?     ?    ?            'X-RAY DIFFRACTION' 
t_pseud_angle             ?     ? ?     ?    ?            'X-RAY DIFFRACTION' 
t_trig_c_planes           ?     ? 2.00  31   HARMONIC     'X-RAY DIFFRACTION' 
t_gen_planes              ?     ? 5.00  195  HARMONIC     'X-RAY DIFFRACTION' 
t_it                      ?     ? 20.00 1334 HARMONIC     'X-RAY DIFFRACTION' 
t_nbd                     ?     ? ?     ?    ?            'X-RAY DIFFRACTION' 
t_omega_torsion           3.94  ? ?     ?    ?            'X-RAY DIFFRACTION' 
t_other_torsion           16.24 ? ?     ?    ?            'X-RAY DIFFRACTION' 
t_improper_torsion        ?     ? ?     ?    ?            'X-RAY DIFFRACTION' 
t_chiral_improper_torsion ?     ? 5.00  172  SEMIHARMONIC 'X-RAY DIFFRACTION' 
t_sum_occupancies         ?     ? ?     ?    ?            'X-RAY DIFFRACTION' 
t_utility_distance        ?     ? ?     ?    ?            'X-RAY DIFFRACTION' 
t_utility_angle           ?     ? ?     ?    ?            'X-RAY DIFFRACTION' 
t_utility_torsion         ?     ? ?     ?    ?            'X-RAY DIFFRACTION' 
t_ideal_dist_contact      ?     ? 4.00  1543 SEMIHARMONIC 'X-RAY DIFFRACTION' 
# 
_refine_ls_shell.pdbx_total_number_of_bins_used   5 
_refine_ls_shell.d_res_high                       2.82 
_refine_ls_shell.d_res_low                        3.15 
_refine_ls_shell.number_reflns_R_work             1373 
_refine_ls_shell.R_factor_R_work                  0.1675 
_refine_ls_shell.percent_reflns_obs               95.03 
_refine_ls_shell.R_factor_R_free                  0.2558 
_refine_ls_shell.R_factor_R_free_error            ? 
_refine_ls_shell.percent_reflns_R_free            4.79 
_refine_ls_shell.number_reflns_R_free             69 
_refine_ls_shell.number_reflns_all                1442 
_refine_ls_shell.R_factor_all                     0.1717 
_refine_ls_shell.number_reflns_obs                ? 
_refine_ls_shell.redundancy_reflns_obs            ? 
_refine_ls_shell.pdbx_refine_id                   'X-RAY DIFFRACTION' 
# 
_struct.entry_id                  4NCM 
_struct.title                     'Influenza polymerase basic protein 2 (PB2) bound to a small-molecule inhibitor' 
_struct.pdbx_model_details        ? 
_struct.pdbx_CASP_flag            ? 
_struct.pdbx_model_type_details   ? 
# 
_struct_keywords.entry_id        4NCM 
_struct_keywords.pdbx_keywords   'TRANSCRIPTION/TRANSCRIPTION INHIBITOR' 
_struct_keywords.text            
;RNA-dependent RNA polymerase, transcription, PB2 subunit, influenza virus, cap-binding domain, TRANSCRIPTION-TRANSCRIPTION INHIBITOR complex
;
# 
loop_
_struct_asym.id 
_struct_asym.pdbx_blank_PDB_chainid_flag 
_struct_asym.pdbx_modified 
_struct_asym.entity_id 
_struct_asym.details 
A N N 1 ? 
B N N 2 ? 
C N N 3 ? 
# 
_struct_biol.id        1 
_struct_biol.details   ? 
# 
loop_
_struct_conf.conf_type_id 
_struct_conf.id 
_struct_conf.pdbx_PDB_helix_id 
_struct_conf.beg_label_comp_id 
_struct_conf.beg_label_asym_id 
_struct_conf.beg_label_seq_id 
_struct_conf.pdbx_beg_PDB_ins_code 
_struct_conf.end_label_comp_id 
_struct_conf.end_label_asym_id 
_struct_conf.end_label_seq_id 
_struct_conf.pdbx_end_PDB_ins_code 
_struct_conf.beg_auth_comp_id 
_struct_conf.beg_auth_asym_id 
_struct_conf.beg_auth_seq_id 
_struct_conf.end_auth_comp_id 
_struct_conf.end_auth_asym_id 
_struct_conf.end_auth_seq_id 
_struct_conf.pdbx_PDB_helix_class 
_struct_conf.details 
_struct_conf.pdbx_PDB_helix_length 
HELX_P HELX_P1 1 ASP A 76  ? SER A 91  ? ASP A 390 SER A 405 1 ? 16 
HELX_P HELX_P2 2 GLU A 93  ? LYS A 98  ? GLU A 407 LYS A 412 1 ? 6  
HELX_P HELX_P3 3 ASN A 108 ? GLN A 112 ? ASN A 422 GLN A 426 5 ? 5  
HELX_P HELX_P4 4 ASN A 115 ? ASP A 127 ? ASN A 429 ASP A 441 1 ? 13 
HELX_P HELX_P5 5 ALA A 128 ? GLY A 136 ? ALA A 442 GLY A 450 1 ? 9  
# 
_struct_conf_type.id          HELX_P 
_struct_conf_type.criteria    ? 
_struct_conf_type.reference   ? 
# 
loop_
_struct_sheet.id 
_struct_sheet.type 
_struct_sheet.number_strands 
_struct_sheet.details 
A ? 8 ? 
B ? 2 ? 
C ? 2 ? 
# 
loop_
_struct_sheet_order.sheet_id 
_struct_sheet_order.range_id_1 
_struct_sheet_order.range_id_2 
_struct_sheet_order.offset 
_struct_sheet_order.sense 
A 1 2 ? anti-parallel 
A 2 3 ? anti-parallel 
A 3 4 ? anti-parallel 
A 4 5 ? anti-parallel 
A 5 6 ? parallel      
A 6 7 ? anti-parallel 
A 7 8 ? anti-parallel 
B 1 2 ? anti-parallel 
C 1 2 ? anti-parallel 
# 
loop_
_struct_sheet_range.sheet_id 
_struct_sheet_range.id 
_struct_sheet_range.beg_label_comp_id 
_struct_sheet_range.beg_label_asym_id 
_struct_sheet_range.beg_label_seq_id 
_struct_sheet_range.pdbx_beg_PDB_ins_code 
_struct_sheet_range.end_label_comp_id 
_struct_sheet_range.end_label_asym_id 
_struct_sheet_range.end_label_seq_id 
_struct_sheet_range.pdbx_end_PDB_ins_code 
_struct_sheet_range.beg_auth_comp_id 
_struct_sheet_range.beg_auth_asym_id 
_struct_sheet_range.beg_auth_seq_id 
_struct_sheet_range.end_auth_comp_id 
_struct_sheet_range.end_auth_asym_id 
_struct_sheet_range.end_auth_seq_id 
A 1 SER A 8   ? PHE A 11  ? SER A 322 PHE A 325 
A 2 PHE A 14  ? GLY A 21  ? PHE A 328 GLY A 335 
A 3 GLU A 47  ? VAL A 52  ? GLU A 361 VAL A 366 
A 4 ALA A 56  ? ALA A 63  ? ALA A 370 ALA A 377 
A 5 ARG A 66  ? GLY A 74  ? ARG A 380 GLY A 388 
A 6 ILE A 164 ? SER A 167 ? ILE A 478 SER A 481 
A 7 MET A 146 ? VAL A 149 ? MET A 460 VAL A 463 
A 8 PRO A 155 ? SER A 156 ? PRO A 469 SER A 470 
B 1 ILE A 24  ? LEU A 31  ? ILE A 338 LEU A 345 
B 2 THR A 37  ? GLU A 44  ? THR A 351 GLU A 358 
C 1 ILE A 137 ? HIS A 139 ? ILE A 451 HIS A 453 
C 2 MET A 159 ? MET A 161 ? MET A 473 MET A 475 
# 
loop_
_pdbx_struct_sheet_hbond.sheet_id 
_pdbx_struct_sheet_hbond.range_id_1 
_pdbx_struct_sheet_hbond.range_id_2 
_pdbx_struct_sheet_hbond.range_1_label_atom_id 
_pdbx_struct_sheet_hbond.range_1_label_comp_id 
_pdbx_struct_sheet_hbond.range_1_label_asym_id 
_pdbx_struct_sheet_hbond.range_1_label_seq_id 
_pdbx_struct_sheet_hbond.range_1_PDB_ins_code 
_pdbx_struct_sheet_hbond.range_1_auth_atom_id 
_pdbx_struct_sheet_hbond.range_1_auth_comp_id 
_pdbx_struct_sheet_hbond.range_1_auth_asym_id 
_pdbx_struct_sheet_hbond.range_1_auth_seq_id 
_pdbx_struct_sheet_hbond.range_2_label_atom_id 
_pdbx_struct_sheet_hbond.range_2_label_comp_id 
_pdbx_struct_sheet_hbond.range_2_label_asym_id 
_pdbx_struct_sheet_hbond.range_2_label_seq_id 
_pdbx_struct_sheet_hbond.range_2_PDB_ins_code 
_pdbx_struct_sheet_hbond.range_2_auth_atom_id 
_pdbx_struct_sheet_hbond.range_2_auth_comp_id 
_pdbx_struct_sheet_hbond.range_2_auth_asym_id 
_pdbx_struct_sheet_hbond.range_2_auth_seq_id 
A 1 2 N PHE A 9   ? N PHE A 323 O PHE A 16  ? O PHE A 330 
A 2 3 N THR A 15  ? N THR A 329 O VAL A 52  ? O VAL A 366 
A 3 4 N GLU A 47  ? N GLU A 361 O LYS A 62  ? O LYS A 376 
A 4 5 N ARG A 61  ? N ARG A 375 O GLN A 69  ? O GLN A 383 
A 5 6 N LEU A 70  ? N LEU A 384 O ARG A 165 ? O ARG A 479 
A 6 7 O VAL A 166 ? O VAL A 480 N VAL A 147 ? N VAL A 461 
A 7 8 N GLY A 148 ? N GLY A 462 O SER A 156 ? O SER A 470 
B 1 2 N ILE A 24  ? N ILE A 338 O GLU A 44  ? O GLU A 358 
C 1 2 N GLU A 138 ? N GLU A 452 O SER A 160 ? O SER A 474 
# 
_struct_site.id                   AC1 
_struct_site.pdbx_evidence_code   Software 
_struct_site.pdbx_auth_asym_id    A 
_struct_site.pdbx_auth_comp_id    704 
_struct_site.pdbx_auth_seq_id     501 
_struct_site.pdbx_auth_ins_code   ? 
_struct_site.pdbx_num_residues    9 
_struct_site.details              'BINDING SITE FOR RESIDUE 704 A 501' 
# 
loop_
_struct_site_gen.id 
_struct_site_gen.site_id 
_struct_site_gen.pdbx_num_res 
_struct_site_gen.label_comp_id 
_struct_site_gen.label_asym_id 
_struct_site_gen.label_seq_id 
_struct_site_gen.pdbx_auth_ins_code 
_struct_site_gen.auth_comp_id 
_struct_site_gen.auth_asym_id 
_struct_site_gen.auth_seq_id 
_struct_site_gen.label_atom_id 
_struct_site_gen.label_alt_id 
_struct_site_gen.symmetry 
_struct_site_gen.details 
1 AC1 9 PHE A 9   ? PHE A 323 . ? 1_555 ? 
2 AC1 9 SER A 10  ? SER A 324 . ? 1_555 ? 
3 AC1 9 PHE A 11  ? PHE A 325 . ? 1_555 ? 
4 AC1 9 SER A 23  ? SER A 337 . ? 1_555 ? 
5 AC1 9 HIS A 43  ? HIS A 357 . ? 1_555 ? 
6 AC1 9 GLU A 47  ? GLU A 361 . ? 1_555 ? 
7 AC1 9 LYS A 62  ? LYS A 376 . ? 1_555 ? 
8 AC1 9 PHE A 90  ? PHE A 404 . ? 1_555 ? 
9 AC1 9 MET A 117 ? MET A 431 . ? 1_555 ? 
# 
_atom_sites.entry_id                    4NCM 
_atom_sites.fract_transf_matrix[1][1]   0.01101543 
_atom_sites.fract_transf_matrix[1][2]   0.00557526 
_atom_sites.fract_transf_matrix[1][3]   0.00673633 
_atom_sites.fract_transf_matrix[2][1]   0.01227865 
_atom_sites.fract_transf_matrix[2][2]   0.00155346 
_atom_sites.fract_transf_matrix[2][3]   -0.00668175 
_atom_sites.fract_transf_matrix[3][1]   -0.00512402 
_atom_sites.fract_transf_matrix[3][2]   0.01678565 
_atom_sites.fract_transf_matrix[3][3]   -0.00551355 
_atom_sites.fract_transf_vector[1]      -0.458926 
_atom_sites.fract_transf_vector[2]      0.002644 
_atom_sites.fract_transf_vector[3]      0.058203 
# 
loop_
_atom_type.symbol 
C  
CL 
F  
N  
O  
S  
# 
loop_
_atom_site.group_PDB 
_atom_site.id 
_atom_site.type_symbol 
_atom_site.label_atom_id 
_atom_site.label_alt_id 
_atom_site.label_comp_id 
_atom_site.label_asym_id 
_atom_site.label_entity_id 
_atom_site.label_seq_id 
_atom_site.pdbx_PDB_ins_code 
_atom_site.Cartn_x 
_atom_site.Cartn_y 
_atom_site.Cartn_z 
_atom_site.occupancy 
_atom_site.B_iso_or_equiv 
_atom_site.pdbx_formal_charge 
_atom_site.auth_seq_id 
_atom_site.auth_comp_id 
_atom_site.auth_asym_id 
_atom_site.auth_atom_id 
_atom_site.pdbx_PDB_model_num 
ATOM   1    N  N   . SER A 1 7   ? -6.047  -8.635  -13.420 1.00 71.01  ?  321 SER A N   1 
ATOM   2    C  CA  . SER A 1 7   ? -6.261  -8.335  -14.842 1.00 71.06  ?  321 SER A CA  1 
ATOM   3    C  C   . SER A 1 7   ? -5.459  -7.061  -15.210 1.00 71.63  ?  321 SER A C   1 
ATOM   4    O  O   . SER A 1 7   ? -4.238  -7.030  -15.004 1.00 70.85  ?  321 SER A O   1 
ATOM   5    C  CB  . SER A 1 7   ? -7.765  -8.199  -15.134 1.00 76.45  ?  321 SER A CB  1 
ATOM   6    O  OG  . SER A 1 7   ? -8.476  -7.482  -14.129 1.00 84.80  ?  321 SER A OG  1 
ATOM   7    N  N   . SER A 1 8   ? -6.145  -6.038  -15.768 1.00 64.75  ?  322 SER A N   1 
ATOM   8    C  CA  . SER A 1 8   ? -5.610  -4.711  -16.031 1.00 62.54  ?  322 SER A CA  1 
ATOM   9    C  C   . SER A 1 8   ? -6.649  -3.710  -15.514 1.00 59.53  ?  322 SER A C   1 
ATOM   10   O  O   . SER A 1 8   ? -7.771  -3.644  -16.041 1.00 60.48  ?  322 SER A O   1 
ATOM   11   C  CB  . SER A 1 8   ? -5.283  -4.484  -17.502 1.00 66.05  ?  322 SER A CB  1 
ATOM   12   O  OG  . SER A 1 8   ? -4.824  -3.148  -17.680 1.00 70.29  ?  322 SER A OG  1 
ATOM   13   N  N   . PHE A 1 9   ? -6.276  -2.950  -14.464 1.00 46.75  ?  323 PHE A N   1 
ATOM   14   C  CA  . PHE A 1 9   ? -7.197  -2.027  -13.800 1.00 41.86  ?  323 PHE A CA  1 
ATOM   15   C  C   . PHE A 1 9   ? -6.486  -0.845  -13.183 1.00 42.52  ?  323 PHE A C   1 
ATOM   16   O  O   . PHE A 1 9   ? -5.251  -0.789  -13.160 1.00 42.07  ?  323 PHE A O   1 
ATOM   17   C  CB  . PHE A 1 9   ? -8.027  -2.779  -12.729 1.00 41.30  ?  323 PHE A CB  1 
ATOM   18   C  CG  . PHE A 1 9   ? -7.183  -3.389  -11.634 1.00 39.87  ?  323 PHE A CG  1 
ATOM   19   C  CD1 . PHE A 1 9   ? -6.852  -2.651  -10.491 1.00 40.43  ?  323 PHE A CD1 1 
ATOM   20   C  CD2 . PHE A 1 9   ? -6.671  -4.676  -11.767 1.00 39.20  ?  323 PHE A CD2 1 
ATOM   21   C  CE1 . PHE A 1 9   ? -6.046  -3.195  -9.495  1.00 39.92  ?  323 PHE A CE1 1 
ATOM   22   C  CE2 . PHE A 1 9   ? -5.860  -5.221  -10.774 1.00 41.43  ?  323 PHE A CE2 1 
ATOM   23   C  CZ  . PHE A 1 9   ? -5.553  -4.474  -9.641  1.00 39.57  ?  323 PHE A CZ  1 
ATOM   24   N  N   . SER A 1 10  ? -7.259  0.107   -12.686 1.00 37.61  ?  324 SER A N   1 
ATOM   25   C  CA  . SER A 1 10  ? -6.645  1.281   -12.088 1.00 37.46  ?  324 SER A CA  1 
ATOM   26   C  C   . SER A 1 10  ? -7.076  1.580   -10.615 1.00 40.33  ?  324 SER A C   1 
ATOM   27   O  O   . SER A 1 10  ? -8.213  1.309   -10.209 1.00 39.14  ?  324 SER A O   1 
ATOM   28   C  CB  . SER A 1 10  ? -6.688  2.485   -13.019 1.00 37.96  ?  324 SER A CB  1 
ATOM   29   O  OG  . SER A 1 10  ? -7.932  3.137   -12.882 1.00 49.98  ?  324 SER A OG  1 
ATOM   30   N  N   . PHE A 1 11  ? -6.136  2.110   -9.830  1.00 34.18  ?  325 PHE A N   1 
ATOM   31   C  CA  . PHE A 1 11  ? -6.376  2.403   -8.428  1.00 33.49  ?  325 PHE A CA  1 
ATOM   32   C  C   . PHE A 1 11  ? -5.389  3.421   -7.950  1.00 36.61  ?  325 PHE A C   1 
ATOM   33   O  O   . PHE A 1 11  ? -4.185  3.240   -8.118  1.00 37.04  ?  325 PHE A O   1 
ATOM   34   C  CB  . PHE A 1 11  ? -6.283  1.111   -7.577  1.00 35.26  ?  325 PHE A CB  1 
ATOM   35   C  CG  . PHE A 1 11  ? -6.558  1.269   -6.104  1.00 36.61  ?  325 PHE A CG  1 
ATOM   36   C  CD1 . PHE A 1 11  ? -7.799  1.736   -5.654  1.00 40.49  ?  325 PHE A CD1 1 
ATOM   37   C  CD2 . PHE A 1 11  ? -5.589  0.935   -5.164  1.00 38.22  ?  325 PHE A CD2 1 
ATOM   38   C  CE1 . PHE A 1 11  ? -8.068  1.857   -4.280  1.00 41.57  ?  325 PHE A CE1 1 
ATOM   39   C  CE2 . PHE A 1 11  ? -5.854  1.033   -3.801  1.00 42.03  ?  325 PHE A CE2 1 
ATOM   40   C  CZ  . PHE A 1 11  ? -7.101  1.487   -3.362  1.00 41.35  ?  325 PHE A CZ  1 
ATOM   41   N  N   . GLY A 1 12  ? -5.902  4.485   -7.339  1.00 32.79  ?  326 GLY A N   1 
ATOM   42   C  CA  . GLY A 1 12  ? -5.084  5.567   -6.798  1.00 31.92  ?  326 GLY A CA  1 
ATOM   43   C  C   . GLY A 1 12  ? -4.185  6.211   -7.828  1.00 37.09  ?  326 GLY A C   1 
ATOM   44   O  O   . GLY A 1 12  ? -3.089  6.660   -7.492  1.00 37.38  ?  326 GLY A O   1 
ATOM   45   N  N   . GLY A 1 13  ? -4.648  6.243   -9.077  1.00 34.23  ?  327 GLY A N   1 
ATOM   46   C  CA  . GLY A 1 13  ? -3.915  6.880   -10.160 1.00 34.20  ?  327 GLY A CA  1 
ATOM   47   C  C   . GLY A 1 13  ? -2.891  5.994   -10.837 1.00 37.66  ?  327 GLY A C   1 
ATOM   48   O  O   . GLY A 1 13  ? -2.175  6.457   -11.734 1.00 38.51  ?  327 GLY A O   1 
ATOM   49   N  N   . PHE A 1 14  ? -2.827  4.716   -10.429 1.00 30.80  ?  328 PHE A N   1 
ATOM   50   C  CA  . PHE A 1 14  ? -1.908  3.730   -10.996 1.00 28.56  ?  328 PHE A CA  1 
ATOM   51   C  C   . PHE A 1 14  ? -2.625  2.667   -11.811 1.00 34.14  ?  328 PHE A C   1 
ATOM   52   O  O   . PHE A 1 14  ? -3.703  2.156   -11.423 1.00 30.82  ?  328 PHE A O   1 
ATOM   53   C  CB  . PHE A 1 14  ? -1.075  3.022   -9.899  1.00 29.21  ?  328 PHE A CB  1 
ATOM   54   C  CG  . PHE A 1 14  ? -0.124  3.962   -9.224  1.00 30.56  ?  328 PHE A CG  1 
ATOM   55   C  CD1 . PHE A 1 14  ? 1.150   4.161   -9.727  1.00 33.67  ?  328 PHE A CD1 1 
ATOM   56   C  CD2 . PHE A 1 14  ? -0.512  4.683   -8.104  1.00 32.03  ?  328 PHE A CD2 1 
ATOM   57   C  CE1 . PHE A 1 14  ? 2.011   5.070   -9.137  1.00 34.34  ?  328 PHE A CE1 1 
ATOM   58   C  CE2 . PHE A 1 14  ? 0.353   5.582   -7.504  1.00 33.98  ?  328 PHE A CE2 1 
ATOM   59   C  CZ  . PHE A 1 14  ? 1.597   5.786   -8.035  1.00 32.85  ?  328 PHE A CZ  1 
ATOM   60   N  N   . THR A 1 15  ? -1.969  2.276   -12.927 1.00 33.93  ?  329 THR A N   1 
ATOM   61   C  CA  . THR A 1 15  ? -2.454  1.167   -13.730 1.00 34.95  ?  329 THR A CA  1 
ATOM   62   C  C   . THR A 1 15  ? -1.797  -0.098  -13.217 1.00 42.47  ?  329 THR A C   1 
ATOM   63   O  O   . THR A 1 15  ? -0.564  -0.195  -13.151 1.00 44.03  ?  329 THR A O   1 
ATOM   64   C  CB  . THR A 1 15  ? -2.229  1.380   -15.208 1.00 42.29  ?  329 THR A CB  1 
ATOM   65   O  OG1 . THR A 1 15  ? -2.808  2.635   -15.621 1.00 44.41  ?  329 THR A OG1 1 
ATOM   66   C  CG2 . THR A 1 15  ? -2.812  0.236   -16.009 1.00 31.74  ?  329 THR A CG2 1 
ATOM   67   N  N   . PHE A 1 16  ? -2.620  -1.046  -12.798 1.00 37.95  ?  330 PHE A N   1 
ATOM   68   C  CA  . PHE A 1 16  ? -2.146  -2.311  -12.270 1.00 35.39  ?  330 PHE A CA  1 
ATOM   69   C  C   . PHE A 1 16  ? -2.285  -3.353  -13.362 1.00 44.54  ?  330 PHE A C   1 
ATOM   70   O  O   . PHE A 1 16  ? -3.328  -3.417  -14.034 1.00 45.07  ?  330 PHE A O   1 
ATOM   71   C  CB  . PHE A 1 16  ? -3.012  -2.725  -11.090 1.00 33.77  ?  330 PHE A CB  1 
ATOM   72   C  CG  . PHE A 1 16  ? -2.667  -2.077  -9.785  1.00 31.38  ?  330 PHE A CG  1 
ATOM   73   C  CD1 . PHE A 1 16  ? -3.090  -0.781  -9.498  1.00 31.01  ?  330 PHE A CD1 1 
ATOM   74   C  CD2 . PHE A 1 16  ? -1.990  -2.787  -8.800  1.00 29.73  ?  330 PHE A CD2 1 
ATOM   75   C  CE1 . PHE A 1 16  ? -2.803  -0.195  -8.259  1.00 30.21  ?  330 PHE A CE1 1 
ATOM   76   C  CE2 . PHE A 1 16  ? -1.709  -2.202  -7.562  1.00 29.86  ?  330 PHE A CE2 1 
ATOM   77   C  CZ  . PHE A 1 16  ? -2.100  -0.908  -7.308  1.00 27.57  ?  330 PHE A CZ  1 
ATOM   78   N  N   . LYS A 1 17  ? -1.231  -4.161  -13.549 1.00 41.83  ?  331 LYS A N   1 
ATOM   79   C  CA  . LYS A 1 17  ? -1.214  -5.231  -14.544 1.00 41.13  ?  331 LYS A CA  1 
ATOM   80   C  C   . LYS A 1 17  ? -0.645  -6.409  -13.857 1.00 45.85  ?  331 LYS A C   1 
ATOM   81   O  O   . LYS A 1 17  ? 0.493   -6.356  -13.356 1.00 42.97  ?  331 LYS A O   1 
ATOM   82   C  CB  . LYS A 1 17  ? -0.350  -4.874  -15.779 1.00 43.63  ?  331 LYS A CB  1 
ATOM   83   C  CG  . LYS A 1 17  ? -0.913  -3.741  -16.612 1.00 58.26  ?  331 LYS A CG  1 
ATOM   84   C  CD  . LYS A 1 17  ? 0.070   -3.227  -17.651 1.00 70.28  ?  331 LYS A CD  1 
ATOM   85   C  CE  . LYS A 1 17  ? -0.482  -2.041  -18.421 1.00 82.12  ?  331 LYS A CE  1 
ATOM   86   N  NZ  . LYS A 1 17  ? -1.582  -2.418  -19.365 1.00 91.56  1  331 LYS A NZ  1 
ATOM   87   N  N   . ARG A 1 18  ? -1.434  -7.491  -13.818 1.00 47.13  ?  332 ARG A N   1 
ATOM   88   C  CA  . ARG A 1 18  ? -0.994  -8.721  -13.160 1.00 48.22  ?  332 ARG A CA  1 
ATOM   89   C  C   . ARG A 1 18  ? -0.024  -9.496  -14.044 1.00 54.36  ?  332 ARG A C   1 
ATOM   90   O  O   . ARG A 1 18  ? -0.311  -9.754  -15.222 1.00 54.93  ?  332 ARG A O   1 
ATOM   91   C  CB  . ARG A 1 18  ? -2.180  -9.583  -12.751 1.00 45.79  ?  332 ARG A CB  1 
ATOM   92   C  CG  . ARG A 1 18  ? -1.766  -10.707 -11.817 1.00 57.25  ?  332 ARG A CG  1 
ATOM   93   C  CD  . ARG A 1 18  ? -2.962  -11.340 -11.174 1.00 67.86  ?  332 ARG A CD  1 
ATOM   94   N  NE  . ARG A 1 18  ? -3.859  -11.949 -12.150 1.00 70.37  ?  332 ARG A NE  1 
ATOM   95   C  CZ  . ARG A 1 18  ? -5.149  -12.187 -11.926 1.00 89.70  ?  332 ARG A CZ  1 
ATOM   96   N  NH1 . ARG A 1 18  ? -5.703  -11.856 -10.762 1.00 68.64  1  332 ARG A NH1 1 
ATOM   97   N  NH2 . ARG A 1 18  ? -5.892  -12.768 -12.857 1.00 90.21  ?  332 ARG A NH2 1 
ATOM   98   N  N   . THR A 1 19  ? 1.122   -9.857  -13.472 1.00 50.16  ?  333 THR A N   1 
ATOM   99   C  CA  . THR A 1 19  ? 2.145   -10.576 -14.213 1.00 50.18  ?  333 THR A CA  1 
ATOM   100  C  C   . THR A 1 19  ? 2.244   -12.058 -13.842 1.00 57.71  ?  333 THR A C   1 
ATOM   101  O  O   . THR A 1 19  ? 2.677   -12.872 -14.661 1.00 58.84  ?  333 THR A O   1 
ATOM   102  C  CB  . THR A 1 19  ? 3.477   -9.845  -14.133 1.00 43.75  ?  333 THR A CB  1 
ATOM   103  O  OG1 . THR A 1 19  ? 3.887   -9.744  -12.764 1.00 41.93  ?  333 THR A OG1 1 
ATOM   104  C  CG2 . THR A 1 19  ? 3.416   -8.488  -14.786 1.00 34.97  ?  333 THR A CG2 1 
ATOM   105  N  N   . SER A 1 20  ? 1.864   -12.400 -12.605 1.00 55.01  ?  334 SER A N   1 
ATOM   106  C  CA  . SER A 1 20  ? 1.924   -13.765 -12.049 1.00 53.58  ?  334 SER A CA  1 
ATOM   107  C  C   . SER A 1 20  ? 0.798   -13.949 -11.037 1.00 55.18  ?  334 SER A C   1 
ATOM   108  O  O   . SER A 1 20  ? 0.313   -12.976 -10.465 1.00 53.44  ?  334 SER A O   1 
ATOM   109  C  CB  . SER A 1 20  ? 3.272   -14.029 -11.365 1.00 55.96  ?  334 SER A CB  1 
ATOM   110  O  OG  . SER A 1 20  ? 4.379   -13.243 -11.803 1.00 64.00  ?  334 SER A OG  1 
ATOM   111  N  N   . GLY A 1 21  ? 0.397   -15.192 -10.821 1.00 52.73  ?  335 GLY A N   1 
ATOM   112  C  CA  . GLY A 1 21  ? -0.654  -15.527 -9.864  1.00 52.53  ?  335 GLY A CA  1 
ATOM   113  C  C   . GLY A 1 21  ? -2.086  -15.204 -10.260 1.00 55.28  ?  335 GLY A C   1 
ATOM   114  O  O   . GLY A 1 21  ? -2.379  -14.876 -11.422 1.00 54.61  ?  335 GLY A O   1 
ATOM   115  N  N   . SER A 1 22  ? -2.988  -15.327 -9.271  1.00 51.37  ?  336 SER A N   1 
ATOM   116  C  CA  . SER A 1 22  ? -4.447  -15.161 -9.407  1.00 51.49  ?  336 SER A CA  1 
ATOM   117  C  C   . SER A 1 22  ? -5.054  -15.026 -8.026  1.00 54.33  ?  336 SER A C   1 
ATOM   118  O  O   . SER A 1 22  ? -4.419  -15.404 -7.023  1.00 55.70  ?  336 SER A O   1 
ATOM   119  C  CB  . SER A 1 22  ? -5.064  -16.386 -10.086 1.00 57.36  ?  336 SER A CB  1 
ATOM   120  O  OG  . SER A 1 22  ? -4.731  -17.599 -9.422  1.00 68.18  ?  336 SER A OG  1 
ATOM   121  N  N   . SER A 1 23  ? -6.281  -14.493 -7.963  1.00 47.45  ?  337 SER A N   1 
ATOM   122  C  CA  . SER A 1 23  ? -6.979  -14.349 -6.689  1.00 46.01  ?  337 SER A CA  1 
ATOM   123  C  C   . SER A 1 23  ? -8.473  -14.522 -6.822  1.00 50.36  ?  337 SER A C   1 
ATOM   124  O  O   . SER A 1 23  ? -9.019  -14.500 -7.933  1.00 51.02  ?  337 SER A O   1 
ATOM   125  C  CB  . SER A 1 23  ? -6.642  -13.023 -6.007  1.00 47.82  ?  337 SER A CB  1 
ATOM   126  O  OG  . SER A 1 23  ? -7.085  -11.872 -6.706  1.00 53.00  ?  337 SER A OG  1 
ATOM   127  N  N   . ILE A 1 24  ? -9.134  -14.756 -5.683  1.00 45.26  ?  338 ILE A N   1 
ATOM   128  C  CA  . ILE A 1 24  ? -10.596 -14.860 -5.584  1.00 43.18  ?  338 ILE A CA  1 
ATOM   129  C  C   . ILE A 1 24  ? -11.038 -13.877 -4.531  1.00 48.28  ?  338 ILE A C   1 
ATOM   130  O  O   . ILE A 1 24  ? -10.233 -13.544 -3.640  1.00 49.96  ?  338 ILE A O   1 
ATOM   131  C  CB  . ILE A 1 24  ? -11.097 -16.273 -5.273  1.00 44.53  ?  338 ILE A CB  1 
ATOM   132  C  CG1 . ILE A 1 24  ? -10.519 -16.810 -3.962  1.00 44.28  ?  338 ILE A CG1 1 
ATOM   133  C  CG2 . ILE A 1 24  ? -10.818 -17.176 -6.433  1.00 46.19  ?  338 ILE A CG2 1 
ATOM   134  C  CD1 . ILE A 1 24  ? -11.408 -17.745 -3.199  1.00 50.92  ?  338 ILE A CD1 1 
ATOM   135  N  N   . LYS A 1 25  ? -12.303 -13.441 -4.594  1.00 42.81  ?  339 LYS A N   1 
ATOM   136  C  CA  . LYS A 1 25  ? -12.849 -12.492 -3.620  1.00 41.91  ?  339 LYS A CA  1 
ATOM   137  C  C   . LYS A 1 25  ? -13.702 -13.154 -2.540  1.00 46.77  ?  339 LYS A C   1 
ATOM   138  O  O   . LYS A 1 25  ? -14.547 -13.993 -2.842  1.00 48.20  ?  339 LYS A O   1 
ATOM   139  C  CB  . LYS A 1 25  ? -13.715 -11.469 -4.336  1.00 43.32  ?  339 LYS A CB  1 
ATOM   140  C  CG  . LYS A 1 25  ? -12.948 -10.411 -5.068  1.00 49.53  ?  339 LYS A CG  1 
ATOM   141  C  CD  . LYS A 1 25  ? -13.891 -9.373  -5.642  1.00 52.62  ?  339 LYS A CD  1 
ATOM   142  C  CE  . LYS A 1 25  ? -14.267 -9.645  -7.073  1.00 70.78  ?  339 LYS A CE  1 
ATOM   143  N  NZ  . LYS A 1 25  ? -13.351 -8.904  -8.018  1.00 87.14  1  339 LYS A NZ  1 
ATOM   144  N  N   . ARG A 1 26  ? -13.515 -12.755 -1.291  1.00 42.57  ?  340 ARG A N   1 
ATOM   145  C  CA  . ARG A 1 26  ? -14.376 -13.185 -0.183  1.00 42.16  ?  340 ARG A CA  1 
ATOM   146  C  C   . ARG A 1 26  ? -14.641 -11.954 0.683   1.00 46.15  ?  340 ARG A C   1 
ATOM   147  O  O   . ARG A 1 26  ? -13.686 -11.314 1.110   1.00 48.61  ?  340 ARG A O   1 
ATOM   148  C  CB  . ARG A 1 26  ? -13.780 -14.366 0.635   1.00 41.68  ?  340 ARG A CB  1 
ATOM   149  C  CG  . ARG A 1 26  ? -14.660 -14.828 1.822   1.00 48.23  ?  340 ARG A CG  1 
ATOM   150  C  CD  . ARG A 1 26  ? -14.080 -15.986 2.632   1.00 57.91  ?  340 ARG A CD  1 
ATOM   151  N  NE  . ARG A 1 26  ? -12.693 -15.733 3.019   1.00 79.21  ?  340 ARG A NE  1 
ATOM   152  C  CZ  . ARG A 1 26  ? -12.314 -15.127 4.142   1.00 95.75  ?  340 ARG A CZ  1 
ATOM   153  N  NH1 . ARG A 1 26  ? -13.220 -14.737 5.034   1.00 89.40  1  340 ARG A NH1 1 
ATOM   154  N  NH2 . ARG A 1 26  ? -11.025 -14.901 4.381   1.00 72.65  ?  340 ARG A NH2 1 
ATOM   155  N  N   . GLU A 1 27  ? -15.914 -11.602 0.922   1.00 41.12  ?  341 GLU A N   1 
ATOM   156  C  CA  . GLU A 1 27  ? -16.262 -10.479 1.794   1.00 40.06  ?  341 GLU A CA  1 
ATOM   157  C  C   . GLU A 1 27  ? -15.899 -10.811 3.220   1.00 45.77  ?  341 GLU A C   1 
ATOM   158  O  O   . GLU A 1 27  ? -16.161 -11.910 3.696   1.00 46.96  ?  341 GLU A O   1 
ATOM   159  C  CB  . GLU A 1 27  ? -17.715 -10.047 1.685   1.00 41.11  ?  341 GLU A CB  1 
ATOM   160  C  CG  . GLU A 1 27  ? -17.879 -8.565  2.003   1.00 61.48  ?  341 GLU A CG  1 
ATOM   161  C  CD  . GLU A 1 27  ? -19.301 -8.036  2.092   1.00 97.64  ?  341 GLU A CD  1 
ATOM   162  O  OE1 . GLU A 1 27  ? -20.160 -8.497  1.303   1.00 89.11  ?  341 GLU A OE1 1 
ATOM   163  O  OE2 . GLU A 1 27  ? -19.536 -7.097  2.889   1.00 95.09  -1 341 GLU A OE2 1 
ATOM   164  N  N   . GLU A 1 28  ? -15.222 -9.889  3.875   1.00 43.49  ?  342 GLU A N   1 
ATOM   165  C  CA  . GLU A 1 28  ? -14.704 -10.116 5.204   1.00 44.22  ?  342 GLU A CA  1 
ATOM   166  C  C   . GLU A 1 28  ? -14.854 -8.863  6.032   1.00 48.48  ?  342 GLU A C   1 
ATOM   167  O  O   . GLU A 1 28  ? -14.753 -7.759  5.509   1.00 48.88  ?  342 GLU A O   1 
ATOM   168  C  CB  . GLU A 1 28  ? -13.207 -10.523 5.110   1.00 46.06  ?  342 GLU A CB  1 
ATOM   169  C  CG  . GLU A 1 28  ? -12.582 -11.068 6.390   1.00 61.35  ?  342 GLU A CG  1 
ATOM   170  C  CD  . GLU A 1 28  ? -11.261 -11.800 6.221   1.00 102.61 ?  342 GLU A CD  1 
ATOM   171  O  OE1 . GLU A 1 28  ? -11.032 -12.401 5.148   1.00 108.83 ?  342 GLU A OE1 1 
ATOM   172  O  OE2 . GLU A 1 28  ? -10.417 -11.717 7.142   1.00 109.60 -1 342 GLU A OE2 1 
ATOM   173  N  N   . GLU A 1 29  ? -15.122 -9.039  7.318   1.00 45.42  ?  343 GLU A N   1 
ATOM   174  C  CA  . GLU A 1 29  ? -15.193 -7.936  8.234   1.00 45.94  ?  343 GLU A CA  1 
ATOM   175  C  C   . GLU A 1 29  ? -13.834 -7.760  8.853   1.00 49.57  ?  343 GLU A C   1 
ATOM   176  O  O   . GLU A 1 29  ? -13.214 -8.733  9.275   1.00 50.74  ?  343 GLU A O   1 
ATOM   177  C  CB  . GLU A 1 29  ? -16.262 -8.160  9.300   1.00 47.72  ?  343 GLU A CB  1 
ATOM   178  C  CG  . GLU A 1 29  ? -17.658 -7.938  8.757   1.00 60.79  ?  343 GLU A CG  1 
ATOM   179  C  CD  . GLU A 1 29  ? -18.778 -8.167  9.747   1.00 98.49  ?  343 GLU A CD  1 
ATOM   180  O  OE1 . GLU A 1 29  ? -18.828 -9.255  10.367  1.00 102.68 ?  343 GLU A OE1 1 
ATOM   181  O  OE2 . GLU A 1 29  ? -19.631 -7.262  9.879   1.00 102.77 -1 343 GLU A OE2 1 
ATOM   182  N  N   . VAL A 1 30  ? -13.352 -6.518  8.870   1.00 44.41  ?  344 VAL A N   1 
ATOM   183  C  CA  . VAL A 1 30  ? -12.061 -6.154  9.457   1.00 42.88  ?  344 VAL A CA  1 
ATOM   184  C  C   . VAL A 1 30  ? -12.262 -5.070  10.528  1.00 42.85  ?  344 VAL A C   1 
ATOM   185  O  O   . VAL A 1 30  ? -13.241 -4.309  10.451  1.00 41.94  ?  344 VAL A O   1 
ATOM   186  C  CB  . VAL A 1 30  ? -10.984 -5.767  8.383   1.00 46.49  ?  344 VAL A CB  1 
ATOM   187  C  CG1 . VAL A 1 30  ? -10.668 -6.950  7.461   1.00 46.13  ?  344 VAL A CG1 1 
ATOM   188  C  CG2 . VAL A 1 30  ? -11.401 -4.538  7.563   1.00 46.02  ?  344 VAL A CG2 1 
ATOM   189  N  N   . LEU A 1 31  ? -11.357 -5.012  11.512  1.00 37.11  ?  345 LEU A N   1 
ATOM   190  C  CA  . LEU A 1 31  ? -11.431 -4.001  12.548  1.00 37.67  ?  345 LEU A CA  1 
ATOM   191  C  C   . LEU A 1 31  ? -10.315 -2.973  12.389  1.00 42.27  ?  345 LEU A C   1 
ATOM   192  O  O   . LEU A 1 31  ? -9.151  -3.337  12.286  1.00 42.40  ?  345 LEU A O   1 
ATOM   193  C  CB  . LEU A 1 31  ? -11.373 -4.624  13.958  1.00 37.84  ?  345 LEU A CB  1 
ATOM   194  C  CG  . LEU A 1 31  ? -12.626 -5.250  14.555  1.00 41.58  ?  345 LEU A CG  1 
ATOM   195  C  CD1 . LEU A 1 31  ? -12.303 -5.796  15.926  1.00 39.92  ?  345 LEU A CD1 1 
ATOM   196  C  CD2 . LEU A 1 31  ? -13.716 -4.226  14.771  1.00 45.35  ?  345 LEU A CD2 1 
ATOM   197  N  N   . THR A 1 32  ? -10.660 -1.701  12.436  1.00 39.92  ?  346 THR A N   1 
ATOM   198  C  CA  . THR A 1 32  ? -9.660  -0.642  12.354  1.00 40.89  ?  346 THR A CA  1 
ATOM   199  C  C   . THR A 1 32  ? -9.016  -0.445  13.716  1.00 43.67  ?  346 THR A C   1 
ATOM   200  O  O   . THR A 1 32  ? -9.502  -0.985  14.712  1.00 41.64  ?  346 THR A O   1 
ATOM   201  C  CB  . THR A 1 32  ? -10.298 0.683   11.870  1.00 49.85  ?  346 THR A CB  1 
ATOM   202  O  OG1 . THR A 1 32  ? -11.104 1.241   12.913  1.00 50.75  ?  346 THR A OG1 1 
ATOM   203  C  CG2 . THR A 1 32  ? -11.136 0.502   10.609  1.00 46.17  ?  346 THR A CG2 1 
ATOM   204  N  N   . GLY A 1 33  ? -7.976  0.390   13.764  1.00 41.23  ?  347 GLY A N   1 
ATOM   205  C  CA  . GLY A 1 33  ? -7.347  0.783   15.020  1.00 41.10  ?  347 GLY A CA  1 
ATOM   206  C  C   . GLY A 1 33  ? -8.303  1.536   15.939  1.00 44.10  ?  347 GLY A C   1 
ATOM   207  O  O   . GLY A 1 33  ? -8.016  1.714   17.116  1.00 44.99  ?  347 GLY A O   1 
ATOM   208  N  N   . ASN A 1 34  ? -9.441  1.971   15.421  1.00 39.57  ?  348 ASN A N   1 
ATOM   209  C  CA  . ASN A 1 34  ? -10.479 2.664   16.183  1.00 40.45  ?  348 ASN A CA  1 
ATOM   210  C  C   . ASN A 1 34  ? -11.663 1.687   16.479  1.00 46.69  ?  348 ASN A C   1 
ATOM   211  O  O   . ASN A 1 34  ? -12.744 2.097   16.917  1.00 46.73  ?  348 ASN A O   1 
ATOM   212  C  CB  . ASN A 1 34  ? -10.948 3.902   15.390  1.00 43.05  ?  348 ASN A CB  1 
ATOM   213  C  CG  . ASN A 1 34  ? -11.885 4.786   16.137  1.00 57.34  ?  348 ASN A CG  1 
ATOM   214  O  OD1 . ASN A 1 34  ? -11.677 5.074   17.325  1.00 57.72  ?  348 ASN A OD1 1 
ATOM   215  N  ND2 . ASN A 1 34  ? -12.953 5.207   15.466  1.00 44.09  ?  348 ASN A ND2 1 
ATOM   216  N  N   . LEU A 1 35  ? -11.427 0.377   16.242  1.00 42.32  ?  349 LEU A N   1 
ATOM   217  C  CA  . LEU A 1 35  ? -12.379 -0.705  16.452  1.00 39.82  ?  349 LEU A CA  1 
ATOM   218  C  C   . LEU A 1 35  ? -13.658 -0.482  15.711  1.00 45.88  ?  349 LEU A C   1 
ATOM   219  O  O   . LEU A 1 35  ? -14.739 -0.845  16.179  1.00 47.94  ?  349 LEU A O   1 
ATOM   220  C  CB  . LEU A 1 35  ? -12.587 -1.056  17.935  1.00 38.91  ?  349 LEU A CB  1 
ATOM   221  C  CG  . LEU A 1 35  ? -11.353 -1.487  18.703  1.00 43.10  ?  349 LEU A CG  1 
ATOM   222  C  CD1 . LEU A 1 35  ? -11.689 -1.906  20.068  1.00 43.79  ?  349 LEU A CD1 1 
ATOM   223  C  CD2 . LEU A 1 35  ? -10.679 -2.641  18.063  1.00 45.31  ?  349 LEU A CD2 1 
ATOM   224  N  N   . GLN A 1 36  ? -13.537 0.117   14.529  1.00 42.30  ?  350 GLN A N   1 
ATOM   225  C  CA  . GLN A 1 36  ? -14.652 0.276   13.601  1.00 41.80  ?  350 GLN A CA  1 
ATOM   226  C  C   . GLN A 1 36  ? -14.626 -0.967  12.674  1.00 44.60  ?  350 GLN A C   1 
ATOM   227  O  O   . GLN A 1 36  ? -13.554 -1.387  12.220  1.00 41.38  ?  350 GLN A O   1 
ATOM   228  C  CB  . GLN A 1 36  ? -14.517 1.576   12.788  1.00 43.14  ?  350 GLN A CB  1 
ATOM   229  C  CG  . GLN A 1 36  ? -15.636 1.806   11.761  1.00 54.41  ?  350 GLN A CG  1 
ATOM   230  C  CD  . GLN A 1 36  ? -15.402 2.999   10.871  1.00 63.10  ?  350 GLN A CD  1 
ATOM   231  O  OE1 . GLN A 1 36  ? -14.307 3.541   10.793  1.00 59.38  ?  350 GLN A OE1 1 
ATOM   232  N  NE2 . GLN A 1 36  ? -16.430 3.437   10.174  1.00 59.21  ?  350 GLN A NE2 1 
ATOM   233  N  N   . THR A 1 37  ? -15.800 -1.549  12.416  1.00 42.34  ?  351 THR A N   1 
ATOM   234  C  CA  . THR A 1 37  ? -15.868 -2.670  11.505  1.00 43.31  ?  351 THR A CA  1 
ATOM   235  C  C   . THR A 1 37  ? -16.062 -2.165  10.074  1.00 51.41  ?  351 THR A C   1 
ATOM   236  O  O   . THR A 1 37  ? -17.012 -1.419  9.794   1.00 52.21  ?  351 THR A O   1 
ATOM   237  C  CB  . THR A 1 37  ? -17.005 -3.663  11.875  1.00 49.47  ?  351 THR A CB  1 
ATOM   238  O  OG1 . THR A 1 37  ? -16.805 -4.187  13.184  1.00 47.19  ?  351 THR A OG1 1 
ATOM   239  C  CG2 . THR A 1 37  ? -17.124 -4.824  10.872  1.00 46.85  ?  351 THR A CG2 1 
ATOM   240  N  N   . LEU A 1 38  ? -15.200 -2.638  9.161   1.00 48.13  ?  352 LEU A N   1 
ATOM   241  C  CA  . LEU A 1 38  ? -15.316 -2.383  7.725   1.00 46.14  ?  352 LEU A CA  1 
ATOM   242  C  C   . LEU A 1 38  ? -15.581 -3.710  7.037   1.00 45.07  ?  352 LEU A C   1 
ATOM   243  O  O   . LEU A 1 38  ? -14.976 -4.741  7.375   1.00 41.51  ?  352 LEU A O   1 
ATOM   244  C  CB  . LEU A 1 38  ? -14.021 -1.796  7.138   1.00 46.31  ?  352 LEU A CB  1 
ATOM   245  C  CG  . LEU A 1 38  ? -13.460 -0.523  7.736   1.00 52.10  ?  352 LEU A CG  1 
ATOM   246  C  CD1 . LEU A 1 38  ? -12.150 -0.158  7.073   1.00 52.45  ?  352 LEU A CD1 1 
ATOM   247  C  CD2 . LEU A 1 38  ? -14.444 0.630   7.612   1.00 56.11  ?  352 LEU A CD2 1 
ATOM   248  N  N   . LYS A 1 39  ? -16.451 -3.676  6.041   1.00 41.55  ?  353 LYS A N   1 
ATOM   249  C  CA  . LYS A 1 39  ? -16.705 -4.865  5.244   1.00 42.23  ?  353 LYS A CA  1 
ATOM   250  C  C   . LYS A 1 39  ? -15.973 -4.679  3.913   1.00 45.16  ?  353 LYS A C   1 
ATOM   251  O  O   . LYS A 1 39  ? -16.343 -3.805  3.113   1.00 41.58  ?  353 LYS A O   1 
ATOM   252  C  CB  . LYS A 1 39  ? -18.209 -5.100  5.050   1.00 45.44  ?  353 LYS A CB  1 
ATOM   253  C  CG  . LYS A 1 39  ? -18.954 -5.370  6.344   1.00 58.19  ?  353 LYS A CG  1 
ATOM   254  C  CD  . LYS A 1 39  ? -20.433 -5.040  6.225   1.00 71.41  ?  353 LYS A CD  1 
ATOM   255  C  CE  . LYS A 1 39  ? -21.299 -5.611  7.335   1.00 74.83  ?  353 LYS A CE  1 
ATOM   256  N  NZ  . LYS A 1 39  ? -20.989 -5.055  8.671   1.00 87.48  1  353 LYS A NZ  1 
ATOM   257  N  N   . ILE A 1 40  ? -14.880 -5.458  3.718   1.00 43.07  ?  354 ILE A N   1 
ATOM   258  C  CA  . ILE A 1 40  ? -14.058 -5.377  2.510   1.00 42.97  ?  354 ILE A CA  1 
ATOM   259  C  C   . ILE A 1 40  ? -14.079 -6.685  1.746   1.00 45.88  ?  354 ILE A C   1 
ATOM   260  O  O   . ILE A 1 40  ? -14.284 -7.743  2.339   1.00 43.31  ?  354 ILE A O   1 
ATOM   261  C  CB  . ILE A 1 40  ? -12.609 -4.926  2.811   1.00 46.70  ?  354 ILE A CB  1 
ATOM   262  C  CG1 . ILE A 1 40  ? -11.818 -5.984  3.617   1.00 47.53  ?  354 ILE A CG1 1 
ATOM   263  C  CG2 . ILE A 1 40  ? -12.565 -3.545  3.490   1.00 46.75  ?  354 ILE A CG2 1 
ATOM   264  C  CD1 . ILE A 1 40  ? -10.274 -5.812  3.536   1.00 60.03  ?  354 ILE A CD1 1 
ATOM   265  N  N   . ARG A 1 41  ? -13.856 -6.609  0.428   1.00 43.58  ?  355 ARG A N   1 
ATOM   266  C  CA  . ARG A 1 41  ? -13.728 -7.814  -0.385  1.00 42.85  ?  355 ARG A CA  1 
ATOM   267  C  C   . ARG A 1 41  ? -12.242 -8.165  -0.361  1.00 46.22  ?  355 ARG A C   1 
ATOM   268  O  O   . ARG A 1 41  ? -11.430 -7.444  -0.944  1.00 46.64  ?  355 ARG A O   1 
ATOM   269  C  CB  . ARG A 1 41  ? -14.235 -7.609  -1.824  1.00 40.56  ?  355 ARG A CB  1 
ATOM   270  C  CG  . ARG A 1 41  ? -15.705 -7.210  -1.872  1.00 59.10  ?  355 ARG A CG  1 
ATOM   271  C  CD  . ARG A 1 41  ? -16.322 -7.317  -3.259  1.00 83.77  ?  355 ARG A CD  1 
ATOM   272  N  NE  . ARG A 1 41  ? -16.866 -8.657  -3.528  1.00 100.41 ?  355 ARG A NE  1 
ATOM   273  C  CZ  . ARG A 1 41  ? -17.444 -9.032  -4.671  1.00 109.13 ?  355 ARG A CZ  1 
ATOM   274  N  NH1 . ARG A 1 41  ? -17.586 -8.167  -5.670  1.00 81.79  1  355 ARG A NH1 1 
ATOM   275  N  NH2 . ARG A 1 41  ? -17.883 -10.275 -4.821  1.00 97.72  ?  355 ARG A NH2 1 
ATOM   276  N  N   . VAL A 1 42  ? -11.886 -9.204  0.397   1.00 41.03  ?  356 VAL A N   1 
ATOM   277  C  CA  . VAL A 1 42  ? -10.513 -9.673  0.509   1.00 40.29  ?  356 VAL A CA  1 
ATOM   278  C  C   . VAL A 1 42  ? -10.173 -10.479 -0.731  1.00 43.19  ?  356 VAL A C   1 
ATOM   279  O  O   . VAL A 1 42  ? -10.943 -11.349 -1.136  1.00 41.64  ?  356 VAL A O   1 
ATOM   280  C  CB  . VAL A 1 42  ? -10.287 -10.529 1.784   1.00 43.53  ?  356 VAL A CB  1 
ATOM   281  C  CG1 . VAL A 1 42  ? -8.922  -11.231 1.759   1.00 42.20  ?  356 VAL A CG1 1 
ATOM   282  C  CG2 . VAL A 1 42  ? -10.436 -9.677  3.037   1.00 43.18  ?  356 VAL A CG2 1 
ATOM   283  N  N   . HIS A 1 43  ? -9.015  -10.176 -1.330  1.00 38.94  ?  357 HIS A N   1 
ATOM   284  C  CA  . HIS A 1 43  ? -8.511  -10.896 -2.478  1.00 36.41  ?  357 HIS A CA  1 
ATOM   285  C  C   . HIS A 1 43  ? -7.588  -11.942 -1.947  1.00 44.36  ?  357 HIS A C   1 
ATOM   286  O  O   . HIS A 1 43  ? -6.618  -11.641 -1.243  1.00 44.86  ?  357 HIS A O   1 
ATOM   287  C  CB  . HIS A 1 43  ? -7.844  -9.972  -3.487  1.00 35.02  ?  357 HIS A CB  1 
ATOM   288  C  CG  . HIS A 1 43  ? -8.842  -9.248  -4.333  1.00 37.45  ?  357 HIS A CG  1 
ATOM   289  N  ND1 . HIS A 1 43  ? -9.461  -8.089  -3.889  1.00 39.14  ?  357 HIS A ND1 1 
ATOM   290  C  CD2 . HIS A 1 43  ? -9.308  -9.537  -5.567  1.00 37.99  ?  357 HIS A CD2 1 
ATOM   291  C  CE1 . HIS A 1 43  ? -10.290 -7.727  -4.855  1.00 37.51  ?  357 HIS A CE1 1 
ATOM   292  N  NE2 . HIS A 1 43  ? -10.217 -8.554  -5.892  1.00 37.50  ?  357 HIS A NE2 1 
ATOM   293  N  N   . GLU A 1 44  ? -7.936  -13.195 -2.229  1.00 43.01  ?  358 GLU A N   1 
ATOM   294  C  CA  . GLU A 1 44  ? -7.182  -14.333 -1.732  1.00 43.65  ?  358 GLU A CA  1 
ATOM   295  C  C   . GLU A 1 44  ? -6.388  -15.001 -2.820  1.00 45.76  ?  358 GLU A C   1 
ATOM   296  O  O   . GLU A 1 44  ? -6.957  -15.468 -3.815  1.00 43.12  ?  358 GLU A O   1 
ATOM   297  C  CB  . GLU A 1 44  ? -8.139  -15.337 -1.117  1.00 45.61  ?  358 GLU A CB  1 
ATOM   298  C  CG  . GLU A 1 44  ? -8.897  -14.809 0.076   1.00 53.02  ?  358 GLU A CG  1 
ATOM   299  C  CD  . GLU A 1 44  ? -9.833  -15.852 0.605   1.00 58.93  ?  358 GLU A CD  1 
ATOM   300  O  OE1 . GLU A 1 44  ? -10.360 -16.639 -0.213  1.00 53.22  ?  358 GLU A OE1 1 
ATOM   301  O  OE2 . GLU A 1 44  ? -9.965  -15.938 1.844   1.00 52.99  -1 358 GLU A OE2 1 
ATOM   302  N  N   . GLY A 1 45  ? -5.089  -15.087 -2.589  1.00 43.29  ?  359 GLY A N   1 
ATOM   303  C  CA  . GLY A 1 45  ? -4.136  -15.669 -3.519  1.00 43.89  ?  359 GLY A CA  1 
ATOM   304  C  C   . GLY A 1 45  ? -2.900  -14.814 -3.687  1.00 51.85  ?  359 GLY A C   1 
ATOM   305  O  O   . GLY A 1 45  ? -2.926  -13.596 -3.467  1.00 55.89  ?  359 GLY A O   1 
ATOM   306  N  N   . TYR A 1 46  ? -1.807  -15.449 -4.061  1.00 47.46  ?  360 TYR A N   1 
ATOM   307  C  CA  . TYR A 1 46  ? -0.544  -14.769 -4.307  1.00 46.18  ?  360 TYR A CA  1 
ATOM   308  C  C   . TYR A 1 46  ? -0.538  -14.207 -5.731  1.00 49.61  ?  360 TYR A C   1 
ATOM   309  O  O   . TYR A 1 46  ? -0.836  -14.932 -6.695  1.00 48.13  ?  360 TYR A O   1 
ATOM   310  C  CB  . TYR A 1 46  ? 0.638   -15.717 -4.109  1.00 44.95  ?  360 TYR A CB  1 
ATOM   311  C  CG  . TYR A 1 46  ? 1.972   -15.050 -4.336  1.00 43.67  ?  360 TYR A CG  1 
ATOM   312  C  CD1 . TYR A 1 46  ? 2.615   -14.371 -3.307  1.00 43.49  ?  360 TYR A CD1 1 
ATOM   313  C  CD2 . TYR A 1 46  ? 2.593   -15.093 -5.586  1.00 44.37  ?  360 TYR A CD2 1 
ATOM   314  C  CE1 . TYR A 1 46  ? 3.851   -13.762 -3.510  1.00 42.65  ?  360 TYR A CE1 1 
ATOM   315  C  CE2 . TYR A 1 46  ? 3.827   -14.491 -5.798  1.00 44.40  ?  360 TYR A CE2 1 
ATOM   316  C  CZ  . TYR A 1 46  ? 4.458   -13.835 -4.753  1.00 49.72  ?  360 TYR A CZ  1 
ATOM   317  O  OH  . TYR A 1 46  ? 5.692   -13.259 -4.946  1.00 53.66  ?  360 TYR A OH  1 
ATOM   318  N  N   . GLU A 1 47  ? -0.180  -12.907 -5.850  1.00 44.01  ?  361 GLU A N   1 
ATOM   319  C  CA  . GLU A 1 47  ? -0.125  -12.239 -7.133  1.00 42.46  ?  361 GLU A CA  1 
ATOM   320  C  C   . GLU A 1 47  ? 1.060   -11.307 -7.218  1.00 47.65  ?  361 GLU A C   1 
ATOM   321  O  O   . GLU A 1 47  ? 1.487   -10.718 -6.212  1.00 47.11  ?  361 GLU A O   1 
ATOM   322  C  CB  . GLU A 1 47  ? -1.391  -11.407 -7.362  1.00 43.46  ?  361 GLU A CB  1 
ATOM   323  C  CG  . GLU A 1 47  ? -2.717  -12.143 -7.365  1.00 49.34  ?  361 GLU A CG  1 
ATOM   324  C  CD  . GLU A 1 47  ? -3.895  -11.191 -7.216  1.00 71.92  ?  361 GLU A CD  1 
ATOM   325  O  OE1 . GLU A 1 47  ? -3.995  -10.504 -6.167  1.00 62.86  ?  361 GLU A OE1 1 
ATOM   326  O  OE2 . GLU A 1 47  ? -4.734  -11.147 -8.149  1.00 58.86  -1 361 GLU A OE2 1 
ATOM   327  N  N   . GLU A 1 48  ? 1.547   -11.111 -8.447  1.00 45.30  ?  362 GLU A N   1 
ATOM   328  C  CA  . GLU A 1 48  ? 2.584   -10.131 -8.742  1.00 44.73  ?  362 GLU A CA  1 
ATOM   329  C  C   . GLU A 1 48  ? 2.015   -9.156  -9.773  1.00 47.29  ?  362 GLU A C   1 
ATOM   330  O  O   . GLU A 1 48  ? 1.308   -9.565  -10.718 1.00 44.62  ?  362 GLU A O   1 
ATOM   331  C  CB  . GLU A 1 48  ? 3.866   -10.778 -9.246  1.00 46.14  ?  362 GLU A CB  1 
ATOM   332  C  CG  . GLU A 1 48  ? 4.304   -11.962 -8.405  1.00 57.79  ?  362 GLU A CG  1 
ATOM   333  C  CD  . GLU A 1 48  ? 5.732   -12.414 -8.594  1.00 72.07  ?  362 GLU A CD  1 
ATOM   334  O  OE1 . GLU A 1 48  ? 6.290   -12.230 -9.701  1.00 71.69  ?  362 GLU A OE1 1 
ATOM   335  O  OE2 . GLU A 1 48  ? 6.288   -12.979 -7.629  1.00 61.97  -1 362 GLU A OE2 1 
ATOM   336  N  N   . PHE A 1 49  ? 2.278   -7.849  -9.541  1.00 43.06  ?  363 PHE A N   1 
ATOM   337  C  CA  . PHE A 1 49  ? 1.781   -6.775  -10.388 1.00 41.42  ?  363 PHE A CA  1 
ATOM   338  C  C   . PHE A 1 49  ? 2.832   -5.774  -10.741 1.00 46.36  ?  363 PHE A C   1 
ATOM   339  O  O   . PHE A 1 49  ? 3.783   -5.584  -9.992  1.00 47.21  ?  363 PHE A O   1 
ATOM   340  C  CB  . PHE A 1 49  ? 0.712   -5.976  -9.641  1.00 41.68  ?  363 PHE A CB  1 
ATOM   341  C  CG  . PHE A 1 49  ? -0.545  -6.710  -9.282  1.00 41.05  ?  363 PHE A CG  1 
ATOM   342  C  CD1 . PHE A 1 49  ? -1.631  -6.725  -10.154 1.00 40.54  ?  363 PHE A CD1 1 
ATOM   343  C  CD2 . PHE A 1 49  ? -0.672  -7.333  -8.038  1.00 42.38  ?  363 PHE A CD2 1 
ATOM   344  C  CE1 . PHE A 1 49  ? -2.806  -7.396  -9.817  1.00 40.63  ?  363 PHE A CE1 1 
ATOM   345  C  CE2 . PHE A 1 49  ? -1.848  -7.991  -7.692  1.00 43.92  ?  363 PHE A CE2 1 
ATOM   346  C  CZ  . PHE A 1 49  ? -2.908  -8.020  -8.588  1.00 41.15  ?  363 PHE A CZ  1 
ATOM   347  N  N   . THR A 1 50  ? 2.612   -5.058  -11.840 1.00 42.59  ?  364 THR A N   1 
ATOM   348  C  CA  . THR A 1 50  ? 3.389   -3.865  -12.136 1.00 41.83  ?  364 THR A CA  1 
ATOM   349  C  C   . THR A 1 50  ? 2.368   -2.756  -11.908 1.00 45.30  ?  364 THR A C   1 
ATOM   350  O  O   . THR A 1 50  ? 1.184   -2.885  -12.296 1.00 44.45  ?  364 THR A O   1 
ATOM   351  C  CB  . THR A 1 50  ? 3.990   -3.814  -13.550 1.00 46.21  ?  364 THR A CB  1 
ATOM   352  O  OG1 . THR A 1 50  ? 2.944   -3.811  -14.542 1.00 57.84  ?  364 THR A OG1 1 
ATOM   353  C  CG2 . THR A 1 50  ? 4.966   -4.930  -13.801 1.00 34.32  ?  364 THR A CG2 1 
ATOM   354  N  N   . MET A 1 51  ? 2.812   -1.702  -11.212 1.00 40.87  ?  365 MET A N   1 
ATOM   355  C  CA  . MET A 1 51  ? 2.001   -0.517  -10.953 1.00 40.32  ?  365 MET A CA  1 
ATOM   356  C  C   . MET A 1 51  ? 2.642   0.563   -11.789 1.00 41.84  ?  365 MET A C   1 
ATOM   357  O  O   . MET A 1 51  ? 3.834   0.831   -11.644 1.00 44.17  ?  365 MET A O   1 
ATOM   358  C  CB  . MET A 1 51  ? 2.068   -0.087  -9.495  1.00 42.89  ?  365 MET A CB  1 
ATOM   359  C  CG  . MET A 1 51  ? 1.287   -0.925  -8.554  1.00 46.93  ?  365 MET A CG  1 
ATOM   360  S  SD  . MET A 1 51  ? 1.655   -0.472  -6.836  1.00 52.13  ?  365 MET A SD  1 
ATOM   361  C  CE  . MET A 1 51  ? 1.263   1.250   -6.811  1.00 48.35  ?  365 MET A CE  1 
ATOM   362  N  N   . VAL A 1 52  ? 1.877   1.167   -12.671 1.00 33.05  ?  366 VAL A N   1 
ATOM   363  C  CA  . VAL A 1 52  ? 2.424   2.170   -13.548 1.00 31.30  ?  366 VAL A CA  1 
ATOM   364  C  C   . VAL A 1 52  ? 1.670   3.431   -13.374 1.00 35.32  ?  366 VAL A C   1 
ATOM   365  O  O   . VAL A 1 52  ? 0.449   3.466   -13.611 1.00 35.53  ?  366 VAL A O   1 
ATOM   366  C  CB  . VAL A 1 52  ? 2.406   1.669   -15.032 1.00 34.10  ?  366 VAL A CB  1 
ATOM   367  C  CG1 . VAL A 1 52  ? 2.624   2.814   -16.037 1.00 31.62  ?  366 VAL A CG1 1 
ATOM   368  C  CG2 . VAL A 1 52  ? 3.425   0.543   -15.231 1.00 33.46  ?  366 VAL A CG2 1 
ATOM   369  N  N   . GLY A 1 53  ? 2.397   4.458   -12.965 1.00 31.34  ?  367 GLY A N   1 
ATOM   370  C  CA  . GLY A 1 53  ? 1.843   5.787   -12.835 1.00 31.65  ?  367 GLY A CA  1 
ATOM   371  C  C   . GLY A 1 53  ? 2.569   6.771   -13.722 1.00 38.27  ?  367 GLY A C   1 
ATOM   372  O  O   . GLY A 1 53  ? 3.535   6.430   -14.407 1.00 37.49  ?  367 GLY A O   1 
ATOM   373  N  N   . LYS A 1 54  ? 2.124   8.018   -13.671 1.00 38.11  ?  368 LYS A N   1 
ATOM   374  C  CA  . LYS A 1 54  ? 2.727   9.108   -14.422 1.00 38.22  ?  368 LYS A CA  1 
ATOM   375  C  C   . LYS A 1 54  ? 4.056   9.556   -13.816 1.00 41.36  ?  368 LYS A C   1 
ATOM   376  O  O   . LYS A 1 54  ? 4.913   10.030  -14.552 1.00 43.46  ?  368 LYS A O   1 
ATOM   377  C  CB  . LYS A 1 54  ? 1.741   10.281  -14.538 1.00 40.10  ?  368 LYS A CB  1 
ATOM   378  C  CG  . LYS A 1 54  ? 0.554   10.004  -15.476 1.00 57.29  ?  368 LYS A CG  1 
ATOM   379  C  CD  . LYS A 1 54  ? 0.877   10.327  -16.964 1.00 75.56  ?  368 LYS A CD  1 
ATOM   380  C  CE  . LYS A 1 54  ? 0.923   11.816  -17.287 1.00 80.43  ?  368 LYS A CE  1 
ATOM   381  N  NZ  . LYS A 1 54  ? 1.380   12.101  -18.679 1.00 80.22  1  368 LYS A NZ  1 
ATOM   382  N  N   . ARG A 1 55  ? 4.238   9.400   -12.500 1.00 33.88  ?  369 ARG A N   1 
ATOM   383  C  CA  . ARG A 1 55  ? 5.435   9.894   -11.828 1.00 31.90  ?  369 ARG A CA  1 
ATOM   384  C  C   . ARG A 1 55  ? 6.184   8.818   -11.033 1.00 31.02  ?  369 ARG A C   1 
ATOM   385  O  O   . ARG A 1 55  ? 7.197   9.100   -10.387 1.00 29.55  ?  369 ARG A O   1 
ATOM   386  C  CB  . ARG A 1 55  ? 5.061   11.055  -10.897 1.00 32.52  ?  369 ARG A CB  1 
ATOM   387  C  CG  . ARG A 1 55  ? 4.697   12.338  -11.569 1.00 42.12  ?  369 ARG A CG  1 
ATOM   388  C  CD  . ARG A 1 55  ? 3.917   13.233  -10.634 1.00 41.50  ?  369 ARG A CD  1 
ATOM   389  N  NE  . ARG A 1 55  ? 2.773   12.523  -10.071 1.00 55.26  ?  369 ARG A NE  1 
ATOM   390  C  CZ  . ARG A 1 55  ? 1.632   12.287  -10.722 1.00 82.34  ?  369 ARG A CZ  1 
ATOM   391  N  NH1 . ARG A 1 55  ? 1.471   12.703  -11.977 1.00 80.57  1  369 ARG A NH1 1 
ATOM   392  N  NH2 . ARG A 1 55  ? 0.642   11.632  -10.125 1.00 63.24  ?  369 ARG A NH2 1 
ATOM   393  N  N   . ALA A 1 56  ? 5.672   7.603   -11.052 1.00 26.41  ?  370 ALA A N   1 
ATOM   394  C  CA  . ALA A 1 56  ? 6.280   6.478   -10.341 1.00 26.08  ?  370 ALA A CA  1 
ATOM   395  C  C   . ALA A 1 56  ? 5.820   5.194   -10.960 1.00 33.37  ?  370 ALA A C   1 
ATOM   396  O  O   . ALA A 1 56  ? 4.711   5.127   -11.517 1.00 31.99  ?  370 ALA A O   1 
ATOM   397  C  CB  . ALA A 1 56  ? 5.901   6.484   -8.859  1.00 26.61  ?  370 ALA A CB  1 
ATOM   398  N  N   . THR A 1 57  ? 6.695   4.173   -10.911 1.00 32.92  ?  371 THR A N   1 
ATOM   399  C  CA  . THR A 1 57  ? 6.358   2.812   -11.333 1.00 33.61  ?  371 THR A CA  1 
ATOM   400  C  C   . THR A 1 57  ? 6.856   1.884   -10.242 1.00 36.85  ?  371 THR A C   1 
ATOM   401  O  O   . THR A 1 57  ? 7.817   2.215   -9.531  1.00 36.50  ?  371 THR A O   1 
ATOM   402  C  CB  . THR A 1 57  ? 6.919   2.417   -12.724 1.00 46.25  ?  371 THR A CB  1 
ATOM   403  O  OG1 . THR A 1 57  ? 8.335   2.255   -12.652 1.00 50.87  ?  371 THR A OG1 1 
ATOM   404  C  CG2 . THR A 1 57  ? 6.540   3.387   -13.821 1.00 42.41  ?  371 THR A CG2 1 
ATOM   405  N  N   . ALA A 1 58  ? 6.224   0.711   -10.122 1.00 33.45  ?  372 ALA A N   1 
ATOM   406  C  CA  . ALA A 1 58  ? 6.635   -0.291  -9.130  1.00 33.25  ?  372 ALA A CA  1 
ATOM   407  C  C   . ALA A 1 58  ? 6.313   -1.689  -9.557  1.00 36.68  ?  372 ALA A C   1 
ATOM   408  O  O   . ALA A 1 58  ? 5.474   -1.904  -10.447 1.00 33.76  ?  372 ALA A O   1 
ATOM   409  C  CB  . ALA A 1 58  ? 5.999   -0.011  -7.761  1.00 33.56  ?  372 ALA A CB  1 
ATOM   410  N  N   . ILE A 1 59  ? 7.004   -2.647  -8.910  1.00 35.72  ?  373 ILE A N   1 
ATOM   411  C  CA  . ILE A 1 59  ? 6.716   -4.068  -9.004  1.00 37.23  ?  373 ILE A CA  1 
ATOM   412  C  C   . ILE A 1 59  ? 6.279   -4.464  -7.606  1.00 39.19  ?  373 ILE A C   1 
ATOM   413  O  O   . ILE A 1 59  ? 7.009   -4.243  -6.619  1.00 36.30  ?  373 ILE A O   1 
ATOM   414  C  CB  . ILE A 1 59  ? 7.881   -4.933  -9.511  1.00 42.02  ?  373 ILE A CB  1 
ATOM   415  C  CG1 . ILE A 1 59  ? 8.090   -4.750  -11.000 1.00 43.58  ?  373 ILE A CG1 1 
ATOM   416  C  CG2 . ILE A 1 59  ? 7.664   -6.414  -9.158  1.00 44.80  ?  373 ILE A CG2 1 
ATOM   417  C  CD1 . ILE A 1 59  ? 9.624   -5.007  -11.402 1.00 62.18  ?  373 ILE A CD1 1 
ATOM   418  N  N   . LEU A 1 60  ? 5.064   -5.014  -7.534  1.00 37.14  ?  374 LEU A N   1 
ATOM   419  C  CA  . LEU A 1 60  ? 4.453   -5.455  -6.310  1.00 38.02  ?  374 LEU A CA  1 
ATOM   420  C  C   . LEU A 1 60  ? 4.257   -6.950  -6.280  1.00 44.73  ?  374 LEU A C   1 
ATOM   421  O  O   . LEU A 1 60  ? 3.607   -7.504  -7.176  1.00 45.79  ?  374 LEU A O   1 
ATOM   422  C  CB  . LEU A 1 60  ? 3.091   -4.745  -6.155  1.00 38.40  ?  374 LEU A CB  1 
ATOM   423  C  CG  . LEU A 1 60  ? 2.171   -5.179  -4.999  1.00 42.84  ?  374 LEU A CG  1 
ATOM   424  C  CD1 . LEU A 1 60  ? 2.881   -5.097  -3.625  1.00 42.69  ?  374 LEU A CD1 1 
ATOM   425  C  CD2 . LEU A 1 60  ? 0.938   -4.347  -5.013  1.00 46.38  ?  374 LEU A CD2 1 
ATOM   426  N  N   . ARG A 1 61  ? 4.757   -7.589  -5.210  1.00 42.22  ?  375 ARG A N   1 
ATOM   427  C  CA  . ARG A 1 61  ? 4.484   -8.995  -4.921  1.00 42.82  ?  375 ARG A CA  1 
ATOM   428  C  C   . ARG A 1 61  ? 3.644   -9.026  -3.647  1.00 44.41  ?  375 ARG A C   1 
ATOM   429  O  O   . ARG A 1 61  ? 4.073   -8.508  -2.613  1.00 40.91  ?  375 ARG A O   1 
ATOM   430  C  CB  . ARG A 1 61  ? 5.755   -9.839  -4.746  1.00 43.70  ?  375 ARG A CB  1 
ATOM   431  C  CG  . ARG A 1 61  ? 6.651   -9.870  -5.959  1.00 56.07  ?  375 ARG A CG  1 
ATOM   432  C  CD  . ARG A 1 61  ? 8.006   -10.479 -5.664  1.00 67.44  ?  375 ARG A CD  1 
ATOM   433  N  NE  . ARG A 1 61  ? 8.836   -10.523 -6.867  1.00 80.85  ?  375 ARG A NE  1 
ATOM   434  C  CZ  . ARG A 1 61  ? 9.980   -11.190 -6.978  1.00 94.07  ?  375 ARG A CZ  1 
ATOM   435  N  NH1 . ARG A 1 61  ? 10.463  -11.872 -5.945  1.00 77.51  1  375 ARG A NH1 1 
ATOM   436  N  NH2 . ARG A 1 61  ? 10.644  -11.192 -8.125  1.00 84.20  ?  375 ARG A NH2 1 
ATOM   437  N  N   . LYS A 1 62  ? 2.441   -9.616  -3.736  1.00 41.93  ?  376 LYS A N   1 
ATOM   438  C  CA  . LYS A 1 62  ? 1.564   -9.728  -2.583  1.00 41.21  ?  376 LYS A CA  1 
ATOM   439  C  C   . LYS A 1 62  ? 0.896   -11.070 -2.455  1.00 42.75  ?  376 LYS A C   1 
ATOM   440  O  O   . LYS A 1 62  ? 0.439   -11.654 -3.458  1.00 37.58  ?  376 LYS A O   1 
ATOM   441  C  CB  . LYS A 1 62  ? 0.509   -8.597  -2.554  1.00 43.34  ?  376 LYS A CB  1 
ATOM   442  C  CG  . LYS A 1 62  ? -0.770  -8.868  -3.371  1.00 47.12  ?  376 LYS A CG  1 
ATOM   443  C  CD  . LYS A 1 62  ? -1.814  -7.774  -3.191  1.00 48.58  ?  376 LYS A CD  1 
ATOM   444  C  CE  . LYS A 1 62  ? -2.801  -7.986  -2.051  1.00 28.12  ?  376 LYS A CE  1 
ATOM   445  N  NZ  . LYS A 1 62  ? -3.888  -8.918  -2.439  1.00 41.52  1  376 LYS A NZ  1 
ATOM   446  N  N   . ALA A 1 63  ? 0.808   -11.530 -1.185  1.00 42.89  ?  377 ALA A N   1 
ATOM   447  C  CA  . ALA A 1 63  ? 0.071   -12.723 -0.772  1.00 43.30  ?  377 ALA A CA  1 
ATOM   448  C  C   . ALA A 1 63  ? -1.247  -12.193 -0.184  1.00 48.07  ?  377 ALA A C   1 
ATOM   449  O  O   . ALA A 1 63  ? -1.439  -10.975 -0.132  1.00 49.41  ?  377 ALA A O   1 
ATOM   450  C  CB  . ALA A 1 63  ? 0.860   -13.515 0.270   1.00 43.85  ?  377 ALA A CB  1 
ATOM   451  N  N   . THR A 1 64  ? -2.164  -13.077 0.222   1.00 43.22  ?  378 THR A N   1 
ATOM   452  C  CA  . THR A 1 64  ? -3.439  -12.657 0.800   1.00 41.52  ?  378 THR A CA  1 
ATOM   453  C  C   . THR A 1 64  ? -3.193  -11.748 1.980   1.00 41.47  ?  378 THR A C   1 
ATOM   454  O  O   . THR A 1 64  ? -2.457  -12.117 2.899   1.00 40.95  ?  378 THR A O   1 
ATOM   455  C  CB  . THR A 1 64  ? -4.270  -13.855 1.173   1.00 48.43  ?  378 THR A CB  1 
ATOM   456  O  OG1 . THR A 1 64  ? -4.345  -14.721 0.027   1.00 61.04  ?  378 THR A OG1 1 
ATOM   457  C  CG2 . THR A 1 64  ? -5.655  -13.458 1.663   1.00 33.48  ?  378 THR A CG2 1 
ATOM   458  N  N   . ARG A 1 65  ? -3.707  -10.516 1.887   1.00 35.54  ?  379 ARG A N   1 
ATOM   459  C  CA  . ARG A 1 65  ? -3.563  -9.492  2.929   1.00 34.94  ?  379 ARG A CA  1 
ATOM   460  C  C   . ARG A 1 65  ? -2.128  -9.326  3.439   1.00 42.81  ?  379 ARG A C   1 
ATOM   461  O  O   . ARG A 1 65  ? -1.919  -9.071  4.627   1.00 42.29  ?  379 ARG A O   1 
ATOM   462  C  CB  . ARG A 1 65  ? -4.535  -9.734  4.109   1.00 29.43  ?  379 ARG A CB  1 
ATOM   463  C  CG  . ARG A 1 65  ? -6.006  -9.870  3.698   1.00 35.88  ?  379 ARG A CG  1 
ATOM   464  C  CD  . ARG A 1 65  ? -6.966  -9.732  4.854   1.00 35.45  ?  379 ARG A CD  1 
ATOM   465  N  NE  . ARG A 1 65  ? -6.849  -8.414  5.460   1.00 44.82  ?  379 ARG A NE  1 
ATOM   466  C  CZ  . ARG A 1 65  ? -7.233  -8.100  6.686   1.00 56.35  ?  379 ARG A CZ  1 
ATOM   467  N  NH1 . ARG A 1 65  ? -7.805  -9.007  7.461   1.00 50.92  1  379 ARG A NH1 1 
ATOM   468  N  NH2 . ARG A 1 65  ? -7.029  -6.880  7.154   1.00 49.18  ?  379 ARG A NH2 1 
ATOM   469  N  N   . ARG A 1 66  ? -1.144  -9.449  2.548   1.00 43.26  ?  380 ARG A N   1 
ATOM   470  C  CA  . ARG A 1 66  ? 0.255   -9.341  2.945   1.00 44.92  ?  380 ARG A CA  1 
ATOM   471  C  C   . ARG A 1 66  ? 1.151   -8.892  1.782   1.00 51.28  ?  380 ARG A C   1 
ATOM   472  O  O   . ARG A 1 66  ? 1.333   -9.613  0.800   1.00 52.45  ?  380 ARG A O   1 
ATOM   473  C  CB  . ARG A 1 66  ? 0.734   -10.690 3.538   1.00 44.63  ?  380 ARG A CB  1 
ATOM   474  C  CG  . ARG A 1 66  ? 2.161   -10.709 4.096   1.00 39.07  ?  380 ARG A CG  1 
ATOM   475  C  CD  . ARG A 1 66  ? 2.455   -12.007 4.846   1.00 36.35  ?  380 ARG A CD  1 
ATOM   476  N  NE  . ARG A 1 66  ? 2.386   -13.191 3.980   1.00 43.54  ?  380 ARG A NE  1 
ATOM   477  C  CZ  . ARG A 1 66  ? 3.435   -13.754 3.373   1.00 54.52  ?  380 ARG A CZ  1 
ATOM   478  N  NH1 . ARG A 1 66  ? 4.662   -13.266 3.553   1.00 36.30  1  380 ARG A NH1 1 
ATOM   479  N  NH2 . ARG A 1 66  ? 3.266   -14.808 2.585   1.00 32.20  ?  380 ARG A NH2 1 
ATOM   480  N  N   . LEU A 1 67  ? 1.713   -7.701  1.903   1.00 46.79  ?  381 LEU A N   1 
ATOM   481  C  CA  . LEU A 1 67  ? 2.661   -7.225  0.905   1.00 46.33  ?  381 LEU A CA  1 
ATOM   482  C  C   . LEU A 1 67  ? 3.966   -8.007  1.142   1.00 48.30  ?  381 LEU A C   1 
ATOM   483  O  O   . LEU A 1 67  ? 4.490   -8.047  2.264   1.00 46.69  ?  381 LEU A O   1 
ATOM   484  C  CB  . LEU A 1 67  ? 2.889   -5.713  1.097   1.00 46.77  ?  381 LEU A CB  1 
ATOM   485  C  CG  . LEU A 1 67  ? 3.772   -4.987  0.096   1.00 51.22  ?  381 LEU A CG  1 
ATOM   486  C  CD1 . LEU A 1 67  ? 3.359   -3.576  0.016   1.00 52.19  ?  381 LEU A CD1 1 
ATOM   487  C  CD2 . LEU A 1 67  ? 5.216   -5.006  0.510   1.00 52.54  ?  381 LEU A CD2 1 
ATOM   488  N  N   . VAL A 1 68  ? 4.479   -8.640  0.091   1.00 45.22  ?  382 VAL A N   1 
ATOM   489  C  CA  . VAL A 1 68  ? 5.725   -9.423  0.204   1.00 43.32  ?  382 VAL A CA  1 
ATOM   490  C  C   . VAL A 1 68  ? 6.903   -8.573  -0.214  1.00 46.26  ?  382 VAL A C   1 
ATOM   491  O  O   . VAL A 1 68  ? 7.944   -8.573  0.446   1.00 46.57  ?  382 VAL A O   1 
ATOM   492  C  CB  . VAL A 1 68  ? 5.674   -10.747 -0.577  1.00 45.45  ?  382 VAL A CB  1 
ATOM   493  C  CG1 . VAL A 1 68  ? 6.998   -11.480 -0.483  1.00 45.01  ?  382 VAL A CG1 1 
ATOM   494  C  CG2 . VAL A 1 68  ? 4.538   -11.637 -0.084  1.00 44.99  ?  382 VAL A CG2 1 
ATOM   495  N  N   . GLN A 1 69  ? 6.738   -7.842  -1.312  1.00 41.91  ?  383 GLN A N   1 
ATOM   496  C  CA  . GLN A 1 69  ? 7.791   -6.974  -1.818  1.00 40.88  ?  383 GLN A CA  1 
ATOM   497  C  C   . GLN A 1 69  ? 7.230   -5.847  -2.660  1.00 42.46  ?  383 GLN A C   1 
ATOM   498  O  O   . GLN A 1 69  ? 6.334   -6.066  -3.472  1.00 42.12  ?  383 GLN A O   1 
ATOM   499  C  CB  . GLN A 1 69  ? 8.801   -7.805  -2.648  1.00 41.83  ?  383 GLN A CB  1 
ATOM   500  C  CG  . GLN A 1 69  ? 10.101  -7.081  -3.004  1.00 49.28  ?  383 GLN A CG  1 
ATOM   501  C  CD  . GLN A 1 69  ? 11.014  -7.926  -3.835  1.00 63.72  ?  383 GLN A CD  1 
ATOM   502  O  OE1 . GLN A 1 69  ? 10.761  -8.227  -5.004  1.00 67.13  ?  383 GLN A OE1 1 
ATOM   503  N  NE2 . GLN A 1 69  ? 12.131  -8.251  -3.266  1.00 53.66  ?  383 GLN A NE2 1 
ATOM   504  N  N   . LEU A 1 70  ? 7.802   -4.655  -2.493  1.00 37.54  ?  384 LEU A N   1 
ATOM   505  C  CA  . LEU A 1 70  ? 7.514   -3.516  -3.353  1.00 36.64  ?  384 LEU A CA  1 
ATOM   506  C  C   . LEU A 1 70  ? 8.819   -2.850  -3.725  1.00 39.49  ?  384 LEU A C   1 
ATOM   507  O  O   . LEU A 1 70  ? 9.545   -2.326  -2.855  1.00 38.92  ?  384 LEU A O   1 
ATOM   508  C  CB  . LEU A 1 70  ? 6.562   -2.495  -2.710  1.00 36.00  ?  384 LEU A CB  1 
ATOM   509  C  CG  . LEU A 1 70  ? 6.164   -1.284  -3.580  1.00 37.72  ?  384 LEU A CG  1 
ATOM   510  C  CD1 . LEU A 1 70  ? 5.115   -1.653  -4.608  1.00 34.52  ?  384 LEU A CD1 1 
ATOM   511  C  CD2 . LEU A 1 70  ? 5.690   -0.161  -2.704  1.00 41.21  ?  384 LEU A CD2 1 
ATOM   512  N  N   . ILE A 1 71  ? 9.120   -2.866  -5.017  1.00 34.69  ?  385 ILE A N   1 
ATOM   513  C  CA  . ILE A 1 71  ? 10.302  -2.151  -5.523  1.00 34.09  ?  385 ILE A CA  1 
ATOM   514  C  C   . ILE A 1 71  ? 9.742   -0.993  -6.338  1.00 39.12  ?  385 ILE A C   1 
ATOM   515  O  O   . ILE A 1 71  ? 9.042   -1.213  -7.348  1.00 38.50  ?  385 ILE A O   1 
ATOM   516  C  CB  . ILE A 1 71  ? 11.272  -3.049  -6.330  1.00 36.00  ?  385 ILE A CB  1 
ATOM   517  C  CG1 . ILE A 1 71  ? 11.646  -4.304  -5.522  1.00 36.00  ?  385 ILE A CG1 1 
ATOM   518  C  CG2 . ILE A 1 71  ? 12.488  -2.247  -6.769  1.00 34.63  ?  385 ILE A CG2 1 
ATOM   519  C  CD1 . ILE A 1 71  ? 12.051  -5.447  -6.374  1.00 51.06  ?  385 ILE A CD1 1 
ATOM   520  N  N   . VAL A 1 72  ? 9.986   0.229   -5.862  1.00 36.46  ?  386 VAL A N   1 
ATOM   521  C  CA  . VAL A 1 72  ? 9.430   1.404   -6.508  1.00 36.84  ?  386 VAL A CA  1 
ATOM   522  C  C   . VAL A 1 72  ? 10.492  2.385   -6.938  1.00 40.68  ?  386 VAL A C   1 
ATOM   523  O  O   . VAL A 1 72  ? 11.490  2.561   -6.243  1.00 39.68  ?  386 VAL A O   1 
ATOM   524  C  CB  . VAL A 1 72  ? 8.319   2.034   -5.601  1.00 42.07  ?  386 VAL A CB  1 
ATOM   525  C  CG1 . VAL A 1 72  ? 8.781   2.170   -4.152  1.00 41.93  ?  386 VAL A CG1 1 
ATOM   526  C  CG2 . VAL A 1 72  ? 7.774   3.376   -6.154  1.00 42.34  ?  386 VAL A CG2 1 
ATOM   527  N  N   . SER A 1 73  ? 10.279  3.008   -8.102  1.00 39.78  ?  387 SER A N   1 
ATOM   528  C  CA  . SER A 1 73  ? 11.069  4.137   -8.619  1.00 39.99  ?  387 SER A CA  1 
ATOM   529  C  C   . SER A 1 73  ? 10.078  5.223   -9.048  1.00 40.23  ?  387 SER A C   1 
ATOM   530  O  O   . SER A 1 73  ? 8.931   4.933   -9.388  1.00 37.15  ?  387 SER A O   1 
ATOM   531  C  CB  . SER A 1 73  ? 11.966  3.725   -9.782  1.00 47.40  ?  387 SER A CB  1 
ATOM   532  O  OG  . SER A 1 73  ? 11.220  3.091   -10.810 1.00 63.83  ?  387 SER A OG  1 
ATOM   533  N  N   . GLY A 1 74  ? 10.514  6.459   -8.982  1.00 37.65  ?  388 GLY A N   1 
ATOM   534  C  CA  . GLY A 1 74  ? 9.681   7.590   -9.334  1.00 37.35  ?  388 GLY A CA  1 
ATOM   535  C  C   . GLY A 1 74  ? 10.477  8.863   -9.443  1.00 43.22  ?  388 GLY A C   1 
ATOM   536  O  O   . GLY A 1 74  ? 11.698  8.862   -9.233  1.00 44.63  ?  388 GLY A O   1 
ATOM   537  N  N   . LYS A 1 75  ? 9.780   9.961   -9.742  1.00 38.64  ?  389 LYS A N   1 
ATOM   538  C  CA  . LYS A 1 75  ? 10.383  11.260  -9.961  1.00 37.70  ?  389 LYS A CA  1 
ATOM   539  C  C   . LYS A 1 75  ? 11.070  11.855  -8.746  1.00 41.28  ?  389 LYS A C   1 
ATOM   540  O  O   . LYS A 1 75  ? 12.088  12.528  -8.883  1.00 41.00  ?  389 LYS A O   1 
ATOM   541  C  CB  . LYS A 1 75  ? 9.365   12.232  -10.594 1.00 39.69  ?  389 LYS A CB  1 
ATOM   542  C  CG  . LYS A 1 75  ? 9.037   11.871  -12.031 1.00 60.39  ?  389 LYS A CG  1 
ATOM   543  C  CD  . LYS A 1 75  ? 8.285   12.970  -12.745 1.00 71.98  ?  389 LYS A CD  1 
ATOM   544  C  CE  . LYS A 1 75  ? 8.057   12.655  -14.200 1.00 79.08  ?  389 LYS A CE  1 
ATOM   545  N  NZ  . LYS A 1 75  ? 7.718   13.876  -14.967 1.00 83.08  1  389 LYS A NZ  1 
ATOM   546  N  N   . ASP A 1 76  ? 10.492  11.648  -7.567  1.00 38.69  ?  390 ASP A N   1 
ATOM   547  C  CA  . ASP A 1 76  ? 10.992  12.236  -6.322  1.00 38.53  ?  390 ASP A CA  1 
ATOM   548  C  C   . ASP A 1 76  ? 10.367  11.567  -5.128  1.00 39.39  ?  390 ASP A C   1 
ATOM   549  O  O   . ASP A 1 76  ? 9.519   10.689  -5.275  1.00 37.28  ?  390 ASP A O   1 
ATOM   550  C  CB  . ASP A 1 76  ? 10.681  13.740  -6.291  1.00 41.26  ?  390 ASP A CB  1 
ATOM   551  C  CG  . ASP A 1 76  ? 9.203   14.132  -6.352  1.00 53.39  ?  390 ASP A CG  1 
ATOM   552  O  OD1 . ASP A 1 76  ? 8.329   13.219  -6.457  1.00 54.57  ?  390 ASP A OD1 1 
ATOM   553  O  OD2 . ASP A 1 76  ? 8.917   15.332  -6.280  1.00 57.37  -1 390 ASP A OD2 1 
ATOM   554  N  N   . GLU A 1 77  ? 10.738  12.017  -3.948  1.00 36.51  ?  391 GLU A N   1 
ATOM   555  C  CA  . GLU A 1 77  ? 10.259  11.438  -2.698  1.00 36.58  ?  391 GLU A CA  1 
ATOM   556  C  C   . GLU A 1 77  ? 8.730   11.408  -2.621  1.00 41.45  ?  391 GLU A C   1 
ATOM   557  O  O   . GLU A 1 77  ? 8.152   10.393  -2.237  1.00 41.62  ?  391 GLU A O   1 
ATOM   558  C  CB  . GLU A 1 77  ? 10.904  12.177  -1.517  1.00 37.99  ?  391 GLU A CB  1 
ATOM   559  C  CG  . GLU A 1 77  ? 10.377  11.819  -0.150  1.00 50.80  ?  391 GLU A CG  1 
ATOM   560  C  CD  . GLU A 1 77  ? 9.194   12.659  0.286   1.00 86.87  ?  391 GLU A CD  1 
ATOM   561  O  OE1 . GLU A 1 77  ? 9.364   13.895  0.409   1.00 95.75  ?  391 GLU A OE1 1 
ATOM   562  O  OE2 . GLU A 1 77  ? 8.098   12.086  0.496   1.00 83.21  -1 391 GLU A OE2 1 
ATOM   563  N  N   . GLN A 1 78  ? 8.076   12.505  -2.980  1.00 38.21  ?  392 GLN A N   1 
ATOM   564  C  CA  . GLN A 1 78  ? 6.618   12.589  -2.895  1.00 38.06  ?  392 GLN A CA  1 
ATOM   565  C  C   . GLN A 1 78  ? 5.922   11.601  -3.813  1.00 42.01  ?  392 GLN A C   1 
ATOM   566  O  O   . GLN A 1 78  ? 5.003   10.913  -3.374  1.00 43.93  ?  392 GLN A O   1 
ATOM   567  C  CB  . GLN A 1 78  ? 6.144   14.030  -3.149  1.00 39.75  ?  392 GLN A CB  1 
ATOM   568  C  CG  . GLN A 1 78  ? 4.650   14.258  -2.972  1.00 52.17  ?  392 GLN A CG  1 
ATOM   569  C  CD  . GLN A 1 78  ? 4.184   13.931  -1.588  1.00 77.58  ?  392 GLN A CD  1 
ATOM   570  O  OE1 . GLN A 1 78  ? 4.730   14.430  -0.585  1.00 77.57  ?  392 GLN A OE1 1 
ATOM   571  N  NE2 . GLN A 1 78  ? 3.157   13.085  -1.519  1.00 67.70  ?  392 GLN A NE2 1 
ATOM   572  N  N   . SER A 1 79  ? 6.364   11.511  -5.068  1.00 36.60  ?  393 SER A N   1 
ATOM   573  C  CA  . SER A 1 79  ? 5.786   10.587  -6.034  1.00 36.37  ?  393 SER A CA  1 
ATOM   574  C  C   . SER A 1 79  ? 5.987   9.133   -5.617  1.00 39.13  ?  393 SER A C   1 
ATOM   575  O  O   . SER A 1 79  ? 5.111   8.303   -5.835  1.00 39.51  ?  393 SER A O   1 
ATOM   576  C  CB  . SER A 1 79  ? 6.399   10.841  -7.406  1.00 42.90  ?  393 SER A CB  1 
ATOM   577  O  OG  . SER A 1 79  ? 6.066   12.149  -7.855  1.00 59.25  ?  393 SER A OG  1 
ATOM   578  N  N   . ILE A 1 80  ? 7.150   8.830   -5.006  1.00 33.45  ?  394 ILE A N   1 
ATOM   579  C  CA  . ILE A 1 80  ? 7.469   7.508   -4.499  1.00 31.90  ?  394 ILE A CA  1 
ATOM   580  C  C   . ILE A 1 80  ? 6.577   7.194   -3.328  1.00 34.76  ?  394 ILE A C   1 
ATOM   581  O  O   . ILE A 1 80  ? 5.999   6.119   -3.301  1.00 36.09  ?  394 ILE A O   1 
ATOM   582  C  CB  . ILE A 1 80  ? 8.999   7.314   -4.196  1.00 35.29  ?  394 ILE A CB  1 
ATOM   583  C  CG1 . ILE A 1 80  ? 9.835   7.284   -5.505  1.00 34.99  ?  394 ILE A CG1 1 
ATOM   584  C  CG2 . ILE A 1 80  ? 9.253   6.026   -3.414  1.00 36.38  ?  394 ILE A CG2 1 
ATOM   585  C  CD1 . ILE A 1 80  ? 11.281  7.751   -5.355  1.00 34.96  ?  394 ILE A CD1 1 
ATOM   586  N  N   . ALA A 1 81  ? 6.421   8.127   -2.380  1.00 31.74  ?  395 ALA A N   1 
ATOM   587  C  CA  . ALA A 1 81  ? 5.544   7.922   -1.232  1.00 32.22  ?  395 ALA A CA  1 
ATOM   588  C  C   . ALA A 1 81  ? 4.086   7.648   -1.658  1.00 37.72  ?  395 ALA A C   1 
ATOM   589  O  O   . ALA A 1 81  ? 3.433   6.783   -1.061  1.00 38.96  ?  395 ALA A O   1 
ATOM   590  C  CB  . ALA A 1 81  ? 5.610   9.107   -0.317  1.00 33.10  ?  395 ALA A CB  1 
ATOM   591  N  N   . GLU A 1 82  ? 3.602   8.325   -2.709  1.00 33.05  ?  396 GLU A N   1 
ATOM   592  C  CA  . GLU A 1 82  ? 2.258   8.078   -3.252  1.00 34.61  ?  396 GLU A CA  1 
ATOM   593  C  C   . GLU A 1 82  ? 2.077   6.628   -3.697  1.00 41.49  ?  396 GLU A C   1 
ATOM   594  O  O   . GLU A 1 82  ? 1.066   5.997   -3.337  1.00 43.88  ?  396 GLU A O   1 
ATOM   595  C  CB  . GLU A 1 82  ? 1.884   9.037   -4.387  1.00 36.03  ?  396 GLU A CB  1 
ATOM   596  C  CG  . GLU A 1 82  ? 1.597   10.447  -3.891  1.00 61.58  ?  396 GLU A CG  1 
ATOM   597  C  CD  . GLU A 1 82  ? 1.450   11.554  -4.930  1.00 101.07 ?  396 GLU A CD  1 
ATOM   598  O  OE1 . GLU A 1 82  ? 1.411   11.247  -6.145  1.00 112.82 ?  396 GLU A OE1 1 
ATOM   599  O  OE2 . GLU A 1 82  ? 1.399   12.739  -4.524  1.00 90.42  -1 396 GLU A OE2 1 
ATOM   600  N  N   . ALA A 1 83  ? 3.073   6.085   -4.430  1.00 34.83  ?  397 ALA A N   1 
ATOM   601  C  CA  . ALA A 1 83  ? 3.009   4.709   -4.884  1.00 34.80  ?  397 ALA A CA  1 
ATOM   602  C  C   . ALA A 1 83  ? 3.044   3.756   -3.696  1.00 37.47  ?  397 ALA A C   1 
ATOM   603  O  O   . ALA A 1 83  ? 2.310   2.768   -3.670  1.00 37.31  ?  397 ALA A O   1 
ATOM   604  C  CB  . ALA A 1 83  ? 4.149   4.412   -5.838  1.00 35.89  ?  397 ALA A CB  1 
ATOM   605  N  N   . ILE A 1 84  ? 3.884   4.057   -2.703  1.00 32.81  ?  398 ILE A N   1 
ATOM   606  C  CA  . ILE A 1 84  ? 3.993   3.229   -1.496  1.00 31.60  ?  398 ILE A CA  1 
ATOM   607  C  C   . ILE A 1 84  ? 2.629   3.156   -0.760  1.00 35.81  ?  398 ILE A C   1 
ATOM   608  O  O   . ILE A 1 84  ? 2.211   2.071   -0.390  1.00 32.60  ?  398 ILE A O   1 
ATOM   609  C  CB  . ILE A 1 84  ? 5.142   3.712   -0.581  1.00 32.93  ?  398 ILE A CB  1 
ATOM   610  C  CG1 . ILE A 1 84  ? 6.500   3.475   -1.240  1.00 32.82  ?  398 ILE A CG1 1 
ATOM   611  C  CG2 . ILE A 1 84  ? 5.082   3.013   0.756   1.00 32.60  ?  398 ILE A CG2 1 
ATOM   612  C  CD1 . ILE A 1 84  ? 7.658   4.102   -0.503  1.00 39.21  ?  398 ILE A CD1 1 
ATOM   613  N  N   . ILE A 1 85  ? 1.954   4.313   -0.578  1.00 34.01  ?  399 ILE A N   1 
ATOM   614  C  CA  . ILE A 1 85  ? 0.673   4.390   0.102   1.00 33.77  ?  399 ILE A CA  1 
ATOM   615  C  C   . ILE A 1 85  ? -0.351  3.546   -0.643  1.00 37.64  ?  399 ILE A C   1 
ATOM   616  O  O   . ILE A 1 85  ? -1.049  2.758   -0.009  1.00 38.54  ?  399 ILE A O   1 
ATOM   617  C  CB  . ILE A 1 85  ? 0.208   5.863   0.251   1.00 37.10  ?  399 ILE A CB  1 
ATOM   618  C  CG1 . ILE A 1 85  ? 1.122   6.616   1.246   1.00 37.41  ?  399 ILE A CG1 1 
ATOM   619  C  CG2 . ILE A 1 85  ? -1.280  5.967   0.670   1.00 36.97  ?  399 ILE A CG2 1 
ATOM   620  C  CD1 . ILE A 1 85  ? 1.063   8.195   1.119   1.00 32.54  ?  399 ILE A CD1 1 
ATOM   621  N  N   . VAL A 1 86  ? -0.434  3.703   -1.986  1.00 32.17  ?  400 VAL A N   1 
ATOM   622  C  CA  . VAL A 1 86  ? -1.376  2.967   -2.822  1.00 29.69  ?  400 VAL A CA  1 
ATOM   623  C  C   . VAL A 1 86  ? -1.125  1.462   -2.655  1.00 37.04  ?  400 VAL A C   1 
ATOM   624  O  O   . VAL A 1 86  ? -2.068  0.700   -2.444  1.00 39.18  ?  400 VAL A O   1 
ATOM   625  C  CB  . VAL A 1 86  ? -1.349  3.443   -4.291  1.00 32.47  ?  400 VAL A CB  1 
ATOM   626  C  CG1 . VAL A 1 86  ? -2.145  2.502   -5.201  1.00 32.57  ?  400 VAL A CG1 1 
ATOM   627  C  CG2 . VAL A 1 86  ? -1.884  4.857   -4.418  1.00 31.95  ?  400 VAL A CG2 1 
ATOM   628  N  N   . ALA A 1 87  ? 0.137   1.053   -2.638  1.00 35.17  ?  401 ALA A N   1 
ATOM   629  C  CA  . ALA A 1 87  ? 0.512   -0.352  -2.477  1.00 35.66  ?  401 ALA A CA  1 
ATOM   630  C  C   . ALA A 1 87  ? 0.119   -0.909  -1.107  1.00 40.12  ?  401 ALA A C   1 
ATOM   631  O  O   . ALA A 1 87  ? -0.461  -1.979  -1.022  1.00 41.48  ?  401 ALA A O   1 
ATOM   632  C  CB  . ALA A 1 87  ? 2.010   -0.524  -2.702  1.00 36.25  ?  401 ALA A CB  1 
ATOM   633  N  N   . MET A 1 88  ? 0.426   -0.182  -0.045  1.00 35.58  ?  402 MET A N   1 
ATOM   634  C  CA  . MET A 1 88  ? 0.121   -0.581  1.323   1.00 34.12  ?  402 MET A CA  1 
ATOM   635  C  C   . MET A 1 88  ? -1.378  -0.742  1.507   1.00 38.78  ?  402 MET A C   1 
ATOM   636  O  O   . MET A 1 88  ? -1.809  -1.712  2.143   1.00 40.63  ?  402 MET A O   1 
ATOM   637  C  CB  . MET A 1 88  ? 0.698   0.429   2.319   1.00 35.27  ?  402 MET A CB  1 
ATOM   638  C  CG  . MET A 1 88  ? 2.194   0.325   2.444   1.00 37.49  ?  402 MET A CG  1 
ATOM   639  S  SD  . MET A 1 88  ? 2.782   1.543   3.617   1.00 42.38  ?  402 MET A SD  1 
ATOM   640  C  CE  . MET A 1 88  ? 4.503   1.109   3.738   1.00 38.10  ?  402 MET A CE  1 
ATOM   641  N  N   . VAL A 1 89  ? -2.176  0.191   0.944   1.00 31.34  ?  403 VAL A N   1 
ATOM   642  C  CA  . VAL A 1 89  ? -3.637  0.105   1.002   1.00 29.00  ?  403 VAL A CA  1 
ATOM   643  C  C   . VAL A 1 89  ? -4.096  -1.088  0.197   1.00 35.03  ?  403 VAL A C   1 
ATOM   644  O  O   . VAL A 1 89  ? -4.849  -1.917  0.699   1.00 34.89  ?  403 VAL A O   1 
ATOM   645  C  CB  . VAL A 1 89  ? -4.337  1.416   0.577   1.00 31.21  ?  403 VAL A CB  1 
ATOM   646  C  CG1 . VAL A 1 89  ? -5.842  1.221   0.412   1.00 30.28  ?  403 VAL A CG1 1 
ATOM   647  C  CG2 . VAL A 1 89  ? -4.068  2.526   1.606   1.00 30.89  ?  403 VAL A CG2 1 
ATOM   648  N  N   . PHE A 1 90  ? -3.590  -1.211  -1.038  1.00 31.69  ?  404 PHE A N   1 
ATOM   649  C  CA  . PHE A 1 90  ? -3.955  -2.283  -1.953  1.00 29.12  ?  404 PHE A CA  1 
ATOM   650  C  C   . PHE A 1 90  ? -3.710  -3.647  -1.349  1.00 32.55  ?  404 PHE A C   1 
ATOM   651  O  O   . PHE A 1 90  ? -4.532  -4.538  -1.550  1.00 33.86  ?  404 PHE A O   1 
ATOM   652  C  CB  . PHE A 1 90  ? -3.208  -2.091  -3.281  1.00 29.90  ?  404 PHE A CB  1 
ATOM   653  C  CG  . PHE A 1 90  ? -3.472  -3.128  -4.342  1.00 28.84  ?  404 PHE A CG  1 
ATOM   654  C  CD1 . PHE A 1 90  ? -4.597  -3.044  -5.150  1.00 26.96  ?  404 PHE A CD1 1 
ATOM   655  C  CD2 . PHE A 1 90  ? -2.620  -4.231  -4.489  1.00 27.93  ?  404 PHE A CD2 1 
ATOM   656  C  CE1 . PHE A 1 90  ? -4.851  -4.028  -6.107  1.00 28.10  ?  404 PHE A CE1 1 
ATOM   657  C  CE2 . PHE A 1 90  ? -2.878  -5.214  -5.446  1.00 28.36  ?  404 PHE A CE2 1 
ATOM   658  C  CZ  . PHE A 1 90  ? -3.985  -5.109  -6.251  1.00 26.61  ?  404 PHE A CZ  1 
ATOM   659  N  N   . SER A 1 91  ? -2.613  -3.807  -0.593  1.00 29.24  ?  405 SER A N   1 
ATOM   660  C  CA  . SER A 1 91  ? -2.200  -5.061  0.098   1.00 29.02  ?  405 SER A CA  1 
ATOM   661  C  C   . SER A 1 91  ? -3.251  -5.610  1.020   1.00 34.20  ?  405 SER A C   1 
ATOM   662  O  O   . SER A 1 91  ? -3.225  -6.799  1.271   1.00 36.13  ?  405 SER A O   1 
ATOM   663  C  CB  . SER A 1 91  ? -0.950  -4.846  0.951   1.00 32.72  ?  405 SER A CB  1 
ATOM   664  O  OG  . SER A 1 91  ? -1.263  -4.227  2.199   1.00 37.62  ?  405 SER A OG  1 
ATOM   665  N  N   . GLN A 1 92  ? -4.143  -4.742  1.563   1.00 29.49  ?  406 GLN A N   1 
ATOM   666  C  CA  . GLN A 1 92  ? -5.206  -5.078  2.517   1.00 27.80  ?  406 GLN A CA  1 
ATOM   667  C  C   . GLN A 1 92  ? -4.624  -5.587  3.841   1.00 36.67  ?  406 GLN A C   1 
ATOM   668  O  O   . GLN A 1 92  ? -5.344  -6.214  4.610   1.00 37.00  ?  406 GLN A O   1 
ATOM   669  C  CB  . GLN A 1 92  ? -6.223  -6.062  1.935   1.00 27.20  ?  406 GLN A CB  1 
ATOM   670  C  CG  . GLN A 1 92  ? -6.929  -5.559  0.678   1.00 25.19  ?  406 GLN A CG  1 
ATOM   671  C  CD  . GLN A 1 92  ? -7.926  -6.549  0.118   1.00 38.34  ?  406 GLN A CD  1 
ATOM   672  O  OE1 . GLN A 1 92  ? -7.663  -7.745  -0.007  1.00 36.21  ?  406 GLN A OE1 1 
ATOM   673  N  NE2 . GLN A 1 92  ? -9.078  -6.073  -0.253  1.00 31.78  ?  406 GLN A NE2 1 
ATOM   674  N  N   . GLU A 1 93  ? -3.323  -5.289  4.127   1.00 36.10  ?  407 GLU A N   1 
ATOM   675  C  CA  . GLU A 1 93  ? -2.664  -5.730  5.368   1.00 36.82  ?  407 GLU A CA  1 
ATOM   676  C  C   . GLU A 1 93  ? -3.380  -5.277  6.608   1.00 45.32  ?  407 GLU A C   1 
ATOM   677  O  O   . GLU A 1 93  ? -3.940  -4.177  6.617   1.00 46.35  ?  407 GLU A O   1 
ATOM   678  C  CB  . GLU A 1 93  ? -1.205  -5.284  5.443   1.00 37.62  ?  407 GLU A CB  1 
ATOM   679  C  CG  . GLU A 1 93  ? -0.272  -6.186  4.663   1.00 49.38  ?  407 GLU A CG  1 
ATOM   680  C  CD  . GLU A 1 93  ? 1.092   -6.386  5.292   1.00 72.93  ?  407 GLU A CD  1 
ATOM   681  O  OE1 . GLU A 1 93  ? 1.217   -6.211  6.527   1.00 63.20  ?  407 GLU A OE1 1 
ATOM   682  O  OE2 . GLU A 1 93  ? 2.040   -6.713  4.543   1.00 66.00  -1 407 GLU A OE2 1 
ATOM   683  N  N   . ASP A 1 94  ? -3.334  -6.118  7.664   1.00 43.38  ?  408 ASP A N   1 
ATOM   684  C  CA  . ASP A 1 94  ? -3.932  -5.799  8.936   1.00 44.10  ?  408 ASP A CA  1 
ATOM   685  C  C   . ASP A 1 94  ? -3.269  -4.562  9.528   1.00 50.53  ?  408 ASP A C   1 
ATOM   686  O  O   . ASP A 1 94  ? -3.975  -3.712  10.101  1.00 52.16  ?  408 ASP A O   1 
ATOM   687  C  CB  . ASP A 1 94  ? -3.864  -6.978  9.907   1.00 46.72  ?  408 ASP A CB  1 
ATOM   688  C  CG  . ASP A 1 94  ? -4.360  -6.655  11.309  1.00 62.43  ?  408 ASP A CG  1 
ATOM   689  O  OD1 . ASP A 1 94  ? -5.584  -6.365  11.458  1.00 63.50  ?  408 ASP A OD1 1 
ATOM   690  O  OD2 . ASP A 1 94  ? -3.508  -6.644  12.260  1.00 65.65  -1 408 ASP A OD2 1 
ATOM   691  N  N   . CYS A 1 95  ? -1.939  -4.426  9.383   1.00 46.20  ?  409 CYS A N   1 
ATOM   692  C  CA  . CYS A 1 95  ? -1.311  -3.258  9.994   1.00 47.02  ?  409 CYS A CA  1 
ATOM   693  C  C   . CYS A 1 95  ? -1.746  -1.940  9.345   1.00 47.20  ?  409 CYS A C   1 
ATOM   694  O  O   . CYS A 1 95  ? -1.732  -0.910  10.014  1.00 48.40  ?  409 CYS A O   1 
ATOM   695  C  CB  . CYS A 1 95  ? 0.199   -3.398  10.078  1.00 49.65  ?  409 CYS A CB  1 
ATOM   696  S  SG  . CYS A 1 95  ? 1.004   -3.467  8.474   1.00 55.69  ?  409 CYS A SG  1 
ATOM   697  N  N   . MET A 1 96  ? -2.199  -1.982  8.075   1.00 37.47  ?  410 MET A N   1 
ATOM   698  C  CA  . MET A 1 96  ? -2.699  -0.803  7.396   1.00 35.55  ?  410 MET A CA  1 
ATOM   699  C  C   . MET A 1 96  ? -4.099  -0.484  7.936   1.00 41.39  ?  410 MET A C   1 
ATOM   700  O  O   . MET A 1 96  ? -4.375  0.674   8.276   1.00 38.61  ?  410 MET A O   1 
ATOM   701  C  CB  . MET A 1 96  ? -2.674  -1.013  5.864   1.00 36.79  ?  410 MET A CB  1 
ATOM   702  C  CG  . MET A 1 96  ? -3.372  0.100   5.042   1.00 38.52  ?  410 MET A CG  1 
ATOM   703  S  SD  . MET A 1 96  ? -5.156  -0.122  4.813   1.00 40.55  ?  410 MET A SD  1 
ATOM   704  C  CE  . MET A 1 96  ? -5.197  -1.770  4.019   1.00 35.52  ?  410 MET A CE  1 
ATOM   705  N  N   . ILE A 1 97  ? -4.979  -1.528  8.039   1.00 40.73  ?  411 ILE A N   1 
ATOM   706  C  CA  . ILE A 1 97  ? -6.328  -1.399  8.611   1.00 41.18  ?  411 ILE A CA  1 
ATOM   707  C  C   . ILE A 1 97  ? -6.225  -0.876  10.055  1.00 44.46  ?  411 ILE A C   1 
ATOM   708  O  O   . ILE A 1 97  ? -6.932  0.063   10.430  1.00 45.77  ?  411 ILE A O   1 
ATOM   709  C  CB  . ILE A 1 97  ? -7.102  -2.740  8.583   1.00 45.29  ?  411 ILE A CB  1 
ATOM   710  C  CG1 . ILE A 1 97  ? -7.267  -3.267  7.147   1.00 45.50  ?  411 ILE A CG1 1 
ATOM   711  C  CG2 . ILE A 1 97  ? -8.478  -2.579  9.251   1.00 48.63  ?  411 ILE A CG2 1 
ATOM   712  C  CD1 . ILE A 1 97  ? -8.192  -2.387  6.224   1.00 49.88  ?  411 ILE A CD1 1 
ATOM   713  N  N   . LYS A 1 98  ? -5.324  -1.472  10.846  1.00 38.37  ?  412 LYS A N   1 
ATOM   714  C  CA  . LYS A 1 98  ? -5.129  -1.084  12.227  1.00 37.66  ?  412 LYS A CA  1 
ATOM   715  C  C   . LYS A 1 98  ? -4.506  0.298   12.398  1.00 44.08  ?  412 LYS A C   1 
ATOM   716  O  O   . LYS A 1 98  ? -4.539  0.836   13.501  1.00 44.36  ?  412 LYS A O   1 
ATOM   717  C  CB  . LYS A 1 98  ? -4.329  -2.158  12.968  1.00 38.93  ?  412 LYS A CB  1 
ATOM   718  C  CG  . LYS A 1 98  ? -5.103  -3.467  13.174  1.00 42.09  ?  412 LYS A CG  1 
ATOM   719  C  CD  . LYS A 1 98  ? -6.274  -3.342  14.157  1.00 33.19  ?  412 LYS A CD  1 
ATOM   720  C  CE  . LYS A 1 98  ? -6.878  -4.687  14.440  1.00 39.00  ?  412 LYS A CE  1 
ATOM   721  N  NZ  . LYS A 1 98  ? -7.470  -5.332  13.233  1.00 49.17  1  412 LYS A NZ  1 
ATOM   722  N  N   . ALA A 1 99  ? -3.944  0.871   11.310  1.00 41.11  ?  413 ALA A N   1 
ATOM   723  C  CA  . ALA A 1 99  ? -3.303  2.185   11.303  1.00 40.56  ?  413 ALA A CA  1 
ATOM   724  C  C   . ALA A 1 99  ? -4.323  3.278   11.170  1.00 45.15  ?  413 ALA A C   1 
ATOM   725  O  O   . ALA A 1 99  ? -3.965  4.448   11.321  1.00 45.51  ?  413 ALA A O   1 
ATOM   726  C  CB  . ALA A 1 99  ? -2.256  2.288   10.193  1.00 41.40  ?  413 ALA A CB  1 
ATOM   727  N  N   . VAL A 1 100 ? -5.599  2.915   10.879  1.00 41.63  ?  414 VAL A N   1 
ATOM   728  C  CA  . VAL A 1 100 ? -6.705  3.868   10.849  1.00 41.45  ?  414 VAL A CA  1 
ATOM   729  C  C   . VAL A 1 100 ? -7.028  4.147   12.331  1.00 52.47  ?  414 VAL A C   1 
ATOM   730  O  O   . VAL A 1 100 ? -7.460  3.250   13.046  1.00 51.62  ?  414 VAL A O   1 
ATOM   731  C  CB  . VAL A 1 100 ? -7.932  3.321   10.097  1.00 42.81  ?  414 VAL A CB  1 
ATOM   732  C  CG1 . VAL A 1 100 ? -9.100  4.311   10.182  1.00 41.33  ?  414 VAL A CG1 1 
ATOM   733  C  CG2 . VAL A 1 100 ? -7.587  3.006   8.649   1.00 42.04  ?  414 VAL A CG2 1 
ATOM   734  N  N   . ARG A 1 101 ? -6.858  5.369   12.807  1.00 55.70  ?  415 ARG A N   1 
ATOM   735  C  CA  . ARG A 1 101 ? -7.035  5.599   14.234  1.00 57.86  ?  415 ARG A CA  1 
ATOM   736  C  C   . ARG A 1 101 ? -8.205  6.487   14.644  1.00 66.00  ?  415 ARG A C   1 
ATOM   737  O  O   . ARG A 1 101 ? -8.544  6.563   15.813  1.00 66.84  ?  415 ARG A O   1 
ATOM   738  C  CB  . ARG A 1 101 ? -5.748  6.125   14.827  1.00 56.99  ?  415 ARG A CB  1 
ATOM   739  C  CG  . ARG A 1 101 ? -4.829  5.014   15.278  1.00 58.80  ?  415 ARG A CG  1 
ATOM   740  C  CD  . ARG A 1 101 ? -3.393  5.404   15.052  1.00 64.58  ?  415 ARG A CD  1 
ATOM   741  N  NE  . ARG A 1 101 ? -2.460  4.662   15.879  1.00 67.12  ?  415 ARG A NE  1 
ATOM   742  C  CZ  . ARG A 1 101 ? -2.339  3.345   15.868  1.00 81.36  ?  415 ARG A CZ  1 
ATOM   743  N  NH1 . ARG A 1 101 ? -3.112  2.617   15.083  1.00 57.96  1  415 ARG A NH1 1 
ATOM   744  N  NH2 . ARG A 1 101 ? -1.450  2.754   16.653  1.00 77.12  ?  415 ARG A NH2 1 
ATOM   745  N  N   . GLY A 1 102 ? -8.817  7.142   13.679  1.00 62.82  ?  416 GLY A N   1 
ATOM   746  C  CA  . GLY A 1 102 ? -10.060 7.861   13.888  1.00 63.28  ?  416 GLY A CA  1 
ATOM   747  C  C   . GLY A 1 102 ? -11.188 7.209   13.116  1.00 69.07  ?  416 GLY A C   1 
ATOM   748  O  O   . GLY A 1 102 ? -11.062 6.087   12.620  1.00 70.22  ?  416 GLY A O   1 
ATOM   749  N  N   . ASP A 1 103 ? -12.281 7.921   12.974  1.00 65.65  ?  417 ASP A N   1 
ATOM   750  C  CA  . ASP A 1 103 ? -13.449 7.422   12.275  1.00 65.36  ?  417 ASP A CA  1 
ATOM   751  C  C   . ASP A 1 103 ? -13.260 7.501   10.784  1.00 66.32  ?  417 ASP A C   1 
ATOM   752  O  O   . ASP A 1 103 ? -12.692 8.470   10.284  1.00 65.89  ?  417 ASP A O   1 
ATOM   753  C  CB  . ASP A 1 103 ? -14.687 8.260   12.683  1.00 68.49  ?  417 ASP A CB  1 
ATOM   754  C  CG  . ASP A 1 103 ? -15.992 7.843   12.020  1.00 88.21  ?  417 ASP A CG  1 
ATOM   755  O  OD1 . ASP A 1 103 ? -16.340 6.633   12.091  1.00 89.34  ?  417 ASP A OD1 1 
ATOM   756  O  OD2 . ASP A 1 103 ? -16.690 8.736   11.457  1.00 98.30  -1 417 ASP A OD2 1 
ATOM   757  N  N   . LEU A 1 104 ? -13.753 6.492   10.068  1.00 61.20  ?  418 LEU A N   1 
ATOM   758  C  CA  . LEU A 1 104 ? -13.810 6.517   8.621   1.00 60.35  ?  418 LEU A CA  1 
ATOM   759  C  C   . LEU A 1 104 ? -15.240 6.859   8.286   1.00 67.32  ?  418 LEU A C   1 
ATOM   760  O  O   . LEU A 1 104 ? -16.108 5.974   8.294   1.00 68.50  ?  418 LEU A O   1 
ATOM   761  C  CB  . LEU A 1 104 ? -13.415 5.183   7.981   1.00 59.48  ?  418 LEU A CB  1 
ATOM   762  C  CG  . LEU A 1 104 ? -11.934 4.888   7.910   1.00 63.15  ?  418 LEU A CG  1 
ATOM   763  C  CD1 . LEU A 1 104 ? -11.701 3.570   7.224   1.00 62.72  ?  418 LEU A CD1 1 
ATOM   764  C  CD2 . LEU A 1 104 ? -11.150 6.012   7.230   1.00 63.88  ?  418 LEU A CD2 1 
ATOM   765  N  N   . ASN A 1 105 ? -15.489 8.150   8.027   1.00 64.92  ?  419 ASN A N   1 
ATOM   766  C  CA  . ASN A 1 105 ? -16.828 8.664   7.755   1.00 66.14  ?  419 ASN A CA  1 
ATOM   767  C  C   . ASN A 1 105 ? -17.473 8.124   6.475   1.00 71.34  ?  419 ASN A C   1 
ATOM   768  O  O   . ASN A 1 105 ? -17.023 8.445   5.383   1.00 71.29  ?  419 ASN A O   1 
ATOM   769  C  CB  . ASN A 1 105 ? -16.816 10.197  7.780   1.00 68.75  ?  419 ASN A CB  1 
ATOM   770  C  CG  . ASN A 1 105 ? -18.171 10.859  7.876   1.00 88.40  ?  419 ASN A CG  1 
ATOM   771  O  OD1 . ASN A 1 105 ? -19.221 10.316  7.505   1.00 78.87  ?  419 ASN A OD1 1 
ATOM   772  N  ND2 . ASN A 1 105 ? -18.153 12.095  8.315   1.00 82.07  ?  419 ASN A ND2 1 
ATOM   773  N  N   . PHE A 1 106 ? -18.520 7.314   6.616   1.00 69.03  ?  420 PHE A N   1 
ATOM   774  C  CA  . PHE A 1 106 ? -19.280 6.793   5.477   1.00 70.37  ?  420 PHE A CA  1 
ATOM   775  C  C   . PHE A 1 106 ? -20.649 7.494   5.429   1.00 76.18  ?  420 PHE A C   1 
ATOM   776  O  O   . PHE A 1 106 ? -21.448 7.284   4.505   1.00 74.97  ?  420 PHE A O   1 
ATOM   777  C  CB  . PHE A 1 106 ? -19.495 5.282   5.622   1.00 72.90  ?  420 PHE A CB  1 
ATOM   778  C  CG  . PHE A 1 106 ? -18.291 4.467   5.248   1.00 75.93  ?  420 PHE A CG  1 
ATOM   779  C  CD1 . PHE A 1 106 ? -18.052 4.119   3.919   1.00 79.86  ?  420 PHE A CD1 1 
ATOM   780  C  CD2 . PHE A 1 106 ? -17.388 4.044   6.221   1.00 78.56  ?  420 PHE A CD2 1 
ATOM   781  C  CE1 . PHE A 1 106 ? -16.938 3.351   3.572   1.00 80.47  ?  420 PHE A CE1 1 
ATOM   782  C  CE2 . PHE A 1 106 ? -16.267 3.292   5.872   1.00 81.63  ?  420 PHE A CE2 1 
ATOM   783  C  CZ  . PHE A 1 106 ? -16.051 2.948   4.551   1.00 79.98  ?  420 PHE A CZ  1 
ATOM   784  N  N   . VAL A 1 107 ? -20.914 8.306   6.458   1.00 74.25  ?  421 VAL A N   1 
ATOM   785  C  CA  . VAL A 1 107 ? -22.163 9.011   6.639   1.00 74.75  ?  421 VAL A CA  1 
ATOM   786  C  C   . VAL A 1 107 ? -22.314 10.226  5.698   1.00 83.83  ?  421 VAL A C   1 
ATOM   787  O  O   . VAL A 1 107 ? -23.339 10.327  5.009   1.00 83.86  ?  421 VAL A O   1 
ATOM   788  C  CB  . VAL A 1 107 ? -22.350 9.348   8.127   1.00 76.81  ?  421 VAL A CB  1 
ATOM   789  C  CG1 . VAL A 1 107 ? -23.372 10.455  8.344   1.00 76.40  ?  421 VAL A CG1 1 
ATOM   790  C  CG2 . VAL A 1 107 ? -22.736 8.103   8.897   1.00 76.15  ?  421 VAL A CG2 1 
ATOM   791  N  N   . ASN A 1 108 ? -21.296 11.117  5.661   1.00 82.12  ?  422 ASN A N   1 
ATOM   792  C  CA  . ASN A 1 108 ? -21.335 12.349  4.878   1.00 83.12  ?  422 ASN A CA  1 
ATOM   793  C  C   . ASN A 1 108 ? -21.591 12.178  3.375   1.00 91.73  ?  422 ASN A C   1 
ATOM   794  O  O   . ASN A 1 108 ? -21.129 11.205  2.763   1.00 91.33  ?  422 ASN A O   1 
ATOM   795  C  CB  . ASN A 1 108 ? -20.132 13.248  5.167   1.00 80.43  ?  422 ASN A CB  1 
ATOM   796  N  N   . ARG A 1 109 ? -22.339 13.141  2.796   1.00 91.18  ?  423 ARG A N   1 
ATOM   797  C  CA  . ARG A 1 109 ? -22.752 13.183  1.395   1.00 92.05  ?  423 ARG A CA  1 
ATOM   798  C  C   . ARG A 1 109 ? -21.640 12.834  0.410   1.00 97.52  ?  423 ARG A C   1 
ATOM   799  O  O   . ARG A 1 109 ? -21.878 12.065  -0.523  1.00 98.08  ?  423 ARG A O   1 
ATOM   800  C  CB  . ARG A 1 109 ? -23.345 14.558  1.070   1.00 94.15  ?  423 ARG A CB  1 
ATOM   801  C  CG  . ARG A 1 109 ? -23.840 14.653  -0.350  1.00 107.87 ?  423 ARG A CG  1 
ATOM   802  C  CD  . ARG A 1 109 ? -25.326 14.816  -0.426  1.00 119.76 ?  423 ARG A CD  1 
ATOM   803  N  NE  . ARG A 1 109 ? -25.660 16.178  -0.842  1.00 128.09 ?  423 ARG A NE  1 
ATOM   804  C  CZ  . ARG A 1 109 ? -26.893 16.620  -1.057  1.00 141.18 ?  423 ARG A CZ  1 
ATOM   805  N  NH1 . ARG A 1 109 ? -27.933 15.815  -0.886  1.00 127.09 1  423 ARG A NH1 1 
ATOM   806  N  NH2 . ARG A 1 109 ? -27.097 17.874  -1.439  1.00 128.99 ?  423 ARG A NH2 1 
ATOM   807  N  N   . ALA A 1 110 ? -20.433 13.386  0.635   1.00 94.35  ?  424 ALA A N   1 
ATOM   808  C  CA  . ALA A 1 110 ? -19.250 13.230  -0.225  1.00 93.94  ?  424 ALA A CA  1 
ATOM   809  C  C   . ALA A 1 110 ? -18.547 11.860  -0.216  1.00 96.16  ?  424 ALA A C   1 
ATOM   810  O  O   . ALA A 1 110 ? -17.761 11.581  -1.121  1.00 94.52  ?  424 ALA A O   1 
ATOM   811  C  CB  . ALA A 1 110 ? -18.254 14.337  0.075   1.00 94.65  ?  424 ALA A CB  1 
ATOM   812  N  N   . ASN A 1 111 ? -18.839 11.006  0.780   1.00 93.57  ?  425 ASN A N   1 
ATOM   813  C  CA  . ASN A 1 111 ? -18.190 9.688   0.935   1.00 93.44  ?  425 ASN A CA  1 
ATOM   814  C  C   . ASN A 1 111 ? -19.068 8.488   0.555   1.00 97.14  ?  425 ASN A C   1 
ATOM   815  O  O   . ASN A 1 111 ? -18.644 7.339   0.698   1.00 95.11  ?  425 ASN A O   1 
ATOM   816  C  CB  . ASN A 1 111 ? -17.636 9.535   2.361   1.00 90.53  ?  425 ASN A CB  1 
ATOM   817  C  CG  . ASN A 1 111 ? -16.713 10.658  2.792   1.00 90.36  ?  425 ASN A CG  1 
ATOM   818  O  OD1 . ASN A 1 111 ? -16.045 11.305  1.984   1.00 89.14  ?  425 ASN A OD1 1 
ATOM   819  N  ND2 . ASN A 1 111 ? -16.660 10.917  4.080   1.00 70.60  ?  425 ASN A ND2 1 
ATOM   820  N  N   . GLN A 1 112 ? -20.281 8.771   0.053   1.00 95.29  ?  426 GLN A N   1 
ATOM   821  C  CA  . GLN A 1 112 ? -21.293 7.785   -0.336  1.00 95.17  ?  426 GLN A CA  1 
ATOM   822  C  C   . GLN A 1 112 ? -20.844 6.862   -1.466  1.00 98.08  ?  426 GLN A C   1 
ATOM   823  O  O   . GLN A 1 112 ? -21.109 5.654   -1.424  1.00 98.12  ?  426 GLN A O   1 
ATOM   824  C  CB  . GLN A 1 112 ? -22.613 8.490   -0.689  1.00 96.66  ?  426 GLN A CB  1 
ATOM   825  C  CG  . GLN A 1 112 ? -23.319 9.133   0.517   1.00 113.04 ?  426 GLN A CG  1 
ATOM   826  C  CD  . GLN A 1 112 ? -24.216 8.201   1.315   1.00 133.24 ?  426 GLN A CD  1 
ATOM   827  O  OE1 . GLN A 1 112 ? -24.120 6.891   1.085   1.00 124.19 ?  426 GLN A OE1 1 
ATOM   828  N  NE2 . GLN A 1 112 ? -25.017 8.649   2.145   1.00 130.64 ?  426 GLN A NE2 1 
ATOM   829  N  N   . ARG A 1 113 ? -20.135 7.438   -2.424  1.00 92.98  ?  427 ARG A N   1 
ATOM   830  C  CA  . ARG A 1 113 ? -19.685 6.736   -3.613  1.00 91.46  ?  427 ARG A CA  1 
ATOM   831  C  C   . ARG A 1 113 ? -18.338 6.045   -3.379  1.00 89.08  ?  427 ARG A C   1 
ATOM   832  O  O   . ARG A 1 113 ? -17.767 5.451   -4.286  1.00 88.89  ?  427 ARG A O   1 
ATOM   833  C  CB  . ARG A 1 113 ? -19.594 7.747   -4.765  1.00 93.50  ?  427 ARG A CB  1 
ATOM   834  C  CG  . ARG A 1 113 ? -18.771 7.315   -5.966  1.00 107.11 ?  427 ARG A CG  1 
ATOM   835  C  CD  . ARG A 1 113 ? -17.299 7.662   -5.818  1.00 118.64 ?  427 ARG A CD  1 
ATOM   836  N  NE  . ARG A 1 113 ? -16.469 6.831   -6.689  1.00 125.14 ?  427 ARG A NE  1 
ATOM   837  C  CZ  . ARG A 1 113 ? -15.149 6.713   -6.587  1.00 133.84 ?  427 ARG A CZ  1 
ATOM   838  N  NH1 . ARG A 1 113 ? -14.489 7.368   -5.644  1.00 123.20 1  427 ARG A NH1 1 
ATOM   839  N  NH2 . ARG A 1 113 ? -14.486 5.937   -7.430  1.00 108.97 ?  427 ARG A NH2 1 
ATOM   840  N  N   . LEU A 1 114 ? -17.845 6.101   -2.149  1.00 79.23  ?  428 LEU A N   1 
ATOM   841  C  CA  . LEU A 1 114 ? -16.528 5.580   -1.830  1.00 75.30  ?  428 LEU A CA  1 
ATOM   842  C  C   . LEU A 1 114 ? -16.654 4.207   -1.214  1.00 70.94  ?  428 LEU A C   1 
ATOM   843  O  O   . LEU A 1 114 ? -17.225 4.061   -0.143  1.00 70.03  ?  428 LEU A O   1 
ATOM   844  C  CB  . LEU A 1 114 ? -15.810 6.501   -0.851  1.00 74.94  ?  428 LEU A CB  1 
ATOM   845  C  CG  . LEU A 1 114 ? -14.880 7.566   -1.417  1.00 78.76  ?  428 LEU A CG  1 
ATOM   846  C  CD1 . LEU A 1 114 ? -13.972 8.052   -0.306  1.00 77.89  ?  428 LEU A CD1 1 
ATOM   847  C  CD2 . LEU A 1 114 ? -14.074 7.056   -2.595  1.00 80.50  ?  428 LEU A CD2 1 
ATOM   848  N  N   . ASN A 1 115 ? -16.119 3.204   -1.895  1.00 61.21  ?  429 ASN A N   1 
ATOM   849  C  CA  . ASN A 1 115 ? -16.071 1.866   -1.352  1.00 57.00  ?  429 ASN A CA  1 
ATOM   850  C  C   . ASN A 1 115 ? -15.021 1.845   -0.264  1.00 54.69  ?  429 ASN A C   1 
ATOM   851  O  O   . ASN A 1 115 ? -14.173 2.711   -0.216  1.00 52.77  ?  429 ASN A O   1 
ATOM   852  C  CB  . ASN A 1 115 ? -15.788 0.842   -2.454  1.00 55.97  ?  429 ASN A CB  1 
ATOM   853  C  CG  . ASN A 1 115 ? -14.315 0.705   -2.781  1.00 78.49  ?  429 ASN A CG  1 
ATOM   854  O  OD1 . ASN A 1 115 ? -13.517 1.587   -2.506  1.00 65.02  ?  429 ASN A OD1 1 
ATOM   855  N  ND2 . ASN A 1 115 ? -13.955 -0.412  -3.367  1.00 75.45  ?  429 ASN A ND2 1 
ATOM   856  N  N   . PRO A 1 116 ? -15.073 0.873   0.620   1.00 49.40  ?  430 PRO A N   1 
ATOM   857  C  CA  . PRO A 1 116 ? -14.086 0.873   1.721   1.00 47.50  ?  430 PRO A CA  1 
ATOM   858  C  C   . PRO A 1 116 ? -12.626 1.057   1.305   1.00 46.43  ?  430 PRO A C   1 
ATOM   859  O  O   . PRO A 1 116 ? -11.907 1.796   1.978   1.00 46.12  ?  430 PRO A O   1 
ATOM   860  C  CB  . PRO A 1 116 ? -14.310 -0.475  2.419   1.00 49.67  ?  430 PRO A CB  1 
ATOM   861  C  CG  . PRO A 1 116 ? -15.209 -1.257  1.514   1.00 55.73  ?  430 PRO A CG  1 
ATOM   862  C  CD  . PRO A 1 116 ? -15.979 -0.292  0.699   1.00 51.27  ?  430 PRO A CD  1 
ATOM   863  N  N   . MET A 1 117 ? -12.196 0.406   0.247   1.00 39.05  ?  431 MET A N   1 
ATOM   864  C  CA  . MET A 1 117 ? -10.809 0.474   -0.150  1.00 37.08  ?  431 MET A CA  1 
ATOM   865  C  C   . MET A 1 117 ? -10.461 1.879   -0.555  1.00 44.54  ?  431 MET A C   1 
ATOM   866  O  O   . MET A 1 117 ? -9.360  2.338   -0.347  1.00 44.44  ?  431 MET A O   1 
ATOM   867  C  CB  . MET A 1 117 ? -10.538 -0.466  -1.311  1.00 38.01  ?  431 MET A CB  1 
ATOM   868  C  CG  . MET A 1 117 ? -10.633 -1.921  -0.954  1.00 39.03  ?  431 MET A CG  1 
ATOM   869  S  SD  . MET A 1 117 ? -9.534  -2.347  0.376   1.00 41.20  ?  431 MET A SD  1 
ATOM   870  C  CE  . MET A 1 117 ? -7.990  -1.894  -0.352  1.00 37.71  ?  431 MET A CE  1 
ATOM   871  N  N   . HIS A 1 118 ? -11.419 2.560   -1.145  1.00 42.30  ?  432 HIS A N   1 
ATOM   872  C  CA  . HIS A 1 118 ? -11.199 3.907   -1.608  1.00 43.27  ?  432 HIS A CA  1 
ATOM   873  C  C   . HIS A 1 118 ? -11.269 4.878   -0.461  1.00 45.94  ?  432 HIS A C   1 
ATOM   874  O  O   . HIS A 1 118 ? -10.732 5.953   -0.529  1.00 46.48  ?  432 HIS A O   1 
ATOM   875  C  CB  . HIS A 1 118 ? -12.232 4.266   -2.650  1.00 46.36  ?  432 HIS A CB  1 
ATOM   876  C  CG  . HIS A 1 118 ? -11.780 4.025   -4.053  1.00 51.86  ?  432 HIS A CG  1 
ATOM   877  N  ND1 . HIS A 1 118 ? -12.231 2.968   -4.807  1.00 54.19  ?  432 HIS A ND1 1 
ATOM   878  C  CD2 . HIS A 1 118 ? -10.924 4.711   -4.842  1.00 54.48  ?  432 HIS A CD2 1 
ATOM   879  C  CE1 . HIS A 1 118 ? -11.674 3.013   -6.001  1.00 54.12  ?  432 HIS A CE1 1 
ATOM   880  N  NE2 . HIS A 1 118 ? -10.876 4.062   -6.048  1.00 54.70  ?  432 HIS A NE2 1 
ATOM   881  N  N   . GLN A 1 119 ? -11.930 4.480   0.606   1.00 41.90  ?  433 GLN A N   1 
ATOM   882  C  CA  . GLN A 1 119 ? -12.033 5.316   1.775   1.00 41.32  ?  433 GLN A CA  1 
ATOM   883  C  C   . GLN A 1 119 ? -10.758 5.215   2.554   1.00 42.99  ?  433 GLN A C   1 
ATOM   884  O  O   . GLN A 1 119 ? -10.274 6.194   3.091   1.00 42.55  ?  433 GLN A O   1 
ATOM   885  C  CB  . GLN A 1 119 ? -13.196 4.867   2.640   1.00 43.71  ?  433 GLN A CB  1 
ATOM   886  C  CG  . GLN A 1 119 ? -14.512 5.501   2.256   1.00 73.98  ?  433 GLN A CG  1 
ATOM   887  C  CD  . GLN A 1 119 ? -14.429 7.002   2.240   1.00 95.55  ?  433 GLN A CD  1 
ATOM   888  O  OE1 . GLN A 1 119 ? -14.350 7.626   1.181   1.00 91.29  ?  433 GLN A OE1 1 
ATOM   889  N  NE2 . GLN A 1 119 ? -14.434 7.595   3.421   1.00 90.93  ?  433 GLN A NE2 1 
ATOM   890  N  N   . LEU A 1 120 ? -10.219 4.010   2.619   1.00 37.06  ?  434 LEU A N   1 
ATOM   891  C  CA  . LEU A 1 120 ? -8.918  3.782   3.230   1.00 35.82  ?  434 LEU A CA  1 
ATOM   892  C  C   . LEU A 1 120 ? -7.871  4.564   2.504   1.00 35.40  ?  434 LEU A C   1 
ATOM   893  O  O   . LEU A 1 120 ? -7.063  5.209   3.139   1.00 34.69  ?  434 LEU A O   1 
ATOM   894  C  CB  . LEU A 1 120 ? -8.574  2.296   3.203   1.00 36.76  ?  434 LEU A CB  1 
ATOM   895  C  CG  . LEU A 1 120 ? -9.413  1.428   4.149   1.00 40.84  ?  434 LEU A CG  1 
ATOM   896  C  CD1 . LEU A 1 120 ? -9.337  -0.008  3.768   1.00 39.38  ?  434 LEU A CD1 1 
ATOM   897  C  CD2 . LEU A 1 120 ? -8.966  1.622   5.573   1.00 43.68  ?  434 LEU A CD2 1 
ATOM   898  N  N   . LEU A 1 121 ? -7.902  4.547   1.182   1.00 33.53  ?  435 LEU A N   1 
ATOM   899  C  CA  . LEU A 1 121 ? -6.931  5.276   0.380   1.00 35.16  ?  435 LEU A CA  1 
ATOM   900  C  C   . LEU A 1 121 ? -6.956  6.776   0.664   1.00 40.25  ?  435 LEU A C   1 
ATOM   901  O  O   . LEU A 1 121 ? -5.912  7.350   0.977   1.00 42.05  ?  435 LEU A O   1 
ATOM   902  C  CB  . LEU A 1 121 ? -7.091  4.978   -1.122  1.00 35.23  ?  435 LEU A CB  1 
ATOM   903  C  CG  . LEU A 1 121 ? -6.068  5.643   -2.038  1.00 37.97  ?  435 LEU A CG  1 
ATOM   904  C  CD1 . LEU A 1 121 ? -4.646  5.125   -1.791  1.00 37.05  ?  435 LEU A CD1 1 
ATOM   905  C  CD2 . LEU A 1 121 ? -6.493  5.479   -3.464  1.00 34.85  ?  435 LEU A CD2 1 
ATOM   906  N  N   . ARG A 1 122 ? -8.141  7.391   0.605   1.00 35.96  ?  436 ARG A N   1 
ATOM   907  C  CA  . ARG A 1 122 ? -8.334  8.813   0.901   1.00 35.57  ?  436 ARG A CA  1 
ATOM   908  C  C   . ARG A 1 122 ? -7.823  9.159   2.271   1.00 40.01  ?  436 ARG A C   1 
ATOM   909  O  O   . ARG A 1 122 ? -7.138  10.169  2.404   1.00 39.84  ?  436 ARG A O   1 
ATOM   910  C  CB  . ARG A 1 122 ? -9.798  9.195   0.780   1.00 38.81  ?  436 ARG A CB  1 
ATOM   911  C  CG  . ARG A 1 122 ? -10.144 10.591  1.310   1.00 52.30  ?  436 ARG A CG  1 
ATOM   912  C  CD  . ARG A 1 122 ? -11.648 10.824  1.330   1.00 66.96  ?  436 ARG A CD  1 
ATOM   913  N  NE  . ARG A 1 122 ? -11.964 12.180  1.765   1.00 86.66  ?  436 ARG A NE  1 
ATOM   914  C  CZ  . ARG A 1 122 ? -12.485 12.487  2.948   1.00 118.56 ?  436 ARG A CZ  1 
ATOM   915  N  NH1 . ARG A 1 122 ? -12.765 11.533  3.827   1.00 117.90 1  436 ARG A NH1 1 
ATOM   916  N  NH2 . ARG A 1 122 ? -12.728 13.753  3.266   1.00 109.29 ?  436 ARG A NH2 1 
ATOM   917  N  N   . HIS A 1 123 ? -8.127  8.310   3.289   1.00 37.45  ?  437 HIS A N   1 
ATOM   918  C  CA  . HIS A 1 123 ? -7.644  8.502   4.649   1.00 37.43  ?  437 HIS A CA  1 
ATOM   919  C  C   . HIS A 1 123 ? -6.119  8.601   4.683   1.00 43.50  ?  437 HIS A C   1 
ATOM   920  O  O   . HIS A 1 123 ? -5.619  9.553   5.254   1.00 45.33  ?  437 HIS A O   1 
ATOM   921  C  CB  . HIS A 1 123 ? -8.121  7.362   5.566   1.00 38.45  ?  437 HIS A CB  1 
ATOM   922  C  CG  . HIS A 1 123 ? -7.695  7.512   7.001   1.00 42.09  ?  437 HIS A CG  1 
ATOM   923  N  ND1 . HIS A 1 123 ? -6.641  6.778   7.529   1.00 44.24  ?  437 HIS A ND1 1 
ATOM   924  C  CD2 . HIS A 1 123 ? -8.162  8.344   7.959   1.00 43.72  ?  437 HIS A CD2 1 
ATOM   925  C  CE1 . HIS A 1 123 ? -6.512  7.177   8.793   1.00 43.78  ?  437 HIS A CE1 1 
ATOM   926  N  NE2 . HIS A 1 123 ? -7.395  8.119   9.098   1.00 43.63  ?  437 HIS A NE2 1 
ATOM   927  N  N   . PHE A 1 124 ? -5.385  7.645   4.068   1.00 39.82  ?  438 PHE A N   1 
ATOM   928  C  CA  . PHE A 1 124 ? -3.927  7.634   4.136   1.00 38.65  ?  438 PHE A CA  1 
ATOM   929  C  C   . PHE A 1 124 ? -3.249  8.637   3.278   1.00 42.77  ?  438 PHE A C   1 
ATOM   930  O  O   . PHE A 1 124 ? -2.179  9.125   3.660   1.00 41.06  ?  438 PHE A O   1 
ATOM   931  C  CB  . PHE A 1 124 ? -3.344  6.237   3.976   1.00 39.78  ?  438 PHE A CB  1 
ATOM   932  C  CG  . PHE A 1 124 ? -3.715  5.323   5.114   1.00 40.93  ?  438 PHE A CG  1 
ATOM   933  C  CD1 . PHE A 1 124 ? -3.255  5.569   6.409   1.00 43.70  ?  438 PHE A CD1 1 
ATOM   934  C  CD2 . PHE A 1 124 ? -4.534  4.225   4.905   1.00 42.26  ?  438 PHE A CD2 1 
ATOM   935  C  CE1 . PHE A 1 124 ? -3.604  4.720   7.473   1.00 43.93  ?  438 PHE A CE1 1 
ATOM   936  C  CE2 . PHE A 1 124 ? -4.867  3.370   5.965   1.00 45.44  ?  438 PHE A CE2 1 
ATOM   937  C  CZ  . PHE A 1 124 ? -4.415  3.639   7.249   1.00 42.90  ?  438 PHE A CZ  1 
ATOM   938  N  N   . GLN A 1 125 ? -3.887  8.998   2.141   1.00 40.20  ?  439 GLN A N   1 
ATOM   939  C  CA  . GLN A 1 125 ? -3.367  10.045  1.242   1.00 40.04  ?  439 GLN A CA  1 
ATOM   940  C  C   . GLN A 1 125 ? -3.362  11.409  1.941   1.00 45.05  ?  439 GLN A C   1 
ATOM   941  O  O   . GLN A 1 125 ? -2.444  12.194  1.715   1.00 44.56  ?  439 GLN A O   1 
ATOM   942  C  CB  . GLN A 1 125 ? -4.126  10.086  -0.086  1.00 41.05  ?  439 GLN A CB  1 
ATOM   943  C  CG  . GLN A 1 125 ? -3.829  8.873   -0.943  1.00 45.16  ?  439 GLN A CG  1 
ATOM   944  C  CD  . GLN A 1 125 ? -4.377  8.910   -2.360  1.00 69.48  ?  439 GLN A CD  1 
ATOM   945  O  OE1 . GLN A 1 125 ? -5.511  9.359   -2.645  1.00 51.74  ?  439 GLN A OE1 1 
ATOM   946  N  NE2 . GLN A 1 125 ? -3.587  8.352   -3.286  1.00 73.29  ?  439 GLN A NE2 1 
ATOM   947  N  N   . LYS A 1 126 ? -4.333  11.647  2.865   1.00 42.94  ?  440 LYS A N   1 
ATOM   948  C  CA  . LYS A 1 126 ? -4.403  12.862  3.690   1.00 42.31  ?  440 LYS A CA  1 
ATOM   949  C  C   . LYS A 1 126 ? -3.225  12.940  4.656   1.00 51.59  ?  440 LYS A C   1 
ATOM   950  O  O   . LYS A 1 126 ? -2.675  14.026  4.844   1.00 53.12  ?  440 LYS A O   1 
ATOM   951  C  CB  . LYS A 1 126 ? -5.703  12.928  4.471   1.00 41.91  ?  440 LYS A CB  1 
ATOM   952  C  CG  . LYS A 1 126 ? -6.847  13.447  3.649   1.00 43.65  ?  440 LYS A CG  1 
ATOM   953  C  CD  . LYS A 1 126 ? -8.052  13.727  4.500   1.00 50.20  ?  440 LYS A CD  1 
ATOM   954  C  CE  . LYS A 1 126 ? -8.986  12.547  4.571   1.00 69.50  ?  440 LYS A CE  1 
ATOM   955  N  NZ  . LYS A 1 126 ? -10.275 12.920  5.206   1.00 77.07  1  440 LYS A NZ  1 
ATOM   956  N  N   . ASP A 1 127 ? -2.848  11.805  5.285   1.00 49.58  ?  441 ASP A N   1 
ATOM   957  C  CA  . ASP A 1 127 ? -1.711  11.733  6.203   1.00 50.22  ?  441 ASP A CA  1 
ATOM   958  C  C   . ASP A 1 127 ? -1.275  10.301  6.410   1.00 52.39  ?  441 ASP A C   1 
ATOM   959  O  O   . ASP A 1 127 ? -1.989  9.525   7.047   1.00 53.42  ?  441 ASP A O   1 
ATOM   960  C  CB  . ASP A 1 127 ? -1.990  12.428  7.543   1.00 53.50  ?  441 ASP A CB  1 
ATOM   961  C  CG  . ASP A 1 127 ? -0.735  12.753  8.335   1.00 73.81  ?  441 ASP A CG  1 
ATOM   962  O  OD1 . ASP A 1 127 ? 0.112   11.861  8.486   1.00 72.89  ?  441 ASP A OD1 1 
ATOM   963  O  OD2 . ASP A 1 127 ? -0.609  13.910  8.805   1.00 87.99  -1 441 ASP A OD2 1 
ATOM   964  N  N   . ALA A 1 128 ? -0.096  9.961   5.889   1.00 45.38  ?  442 ALA A N   1 
ATOM   965  C  CA  . ALA A 1 128 ? 0.411   8.603   5.945   1.00 44.79  ?  442 ALA A CA  1 
ATOM   966  C  C   . ALA A 1 128 ? 1.403   8.346   7.071   1.00 51.22  ?  442 ALA A C   1 
ATOM   967  O  O   . ALA A 1 128 ? 2.016   7.269   7.105   1.00 50.69  ?  442 ALA A O   1 
ATOM   968  C  CB  . ALA A 1 128 ? 1.031   8.239   4.618   1.00 45.06  ?  442 ALA A CB  1 
ATOM   969  N  N   . LYS A 1 129 ? 1.572   9.317   7.992   1.00 48.67  ?  443 LYS A N   1 
ATOM   970  C  CA  . LYS A 1 129 ? 2.502   9.206   9.121   1.00 48.68  ?  443 LYS A CA  1 
ATOM   971  C  C   . LYS A 1 129 ? 2.282   7.951   9.947   1.00 52.48  ?  443 LYS A C   1 
ATOM   972  O  O   . LYS A 1 129 ? 3.222   7.175   10.127  1.00 53.92  ?  443 LYS A O   1 
ATOM   973  C  CB  . LYS A 1 129 ? 2.445   10.443  10.033  1.00 53.07  ?  443 LYS A CB  1 
ATOM   974  C  CG  . LYS A 1 129 ? 3.208   11.665  9.520   1.00 76.83  ?  443 LYS A CG  1 
ATOM   975  C  CD  . LYS A 1 129 ? 3.469   12.706  10.625  1.00 88.45  ?  443 LYS A CD  1 
ATOM   976  C  CE  . LYS A 1 129 ? 4.495   12.238  11.665  1.00 98.97  ?  443 LYS A CE  1 
ATOM   977  N  NZ  . LYS A 1 129 ? 5.336   13.344  12.216  1.00 104.14 1  443 LYS A NZ  1 
ATOM   978  N  N   . VAL A 1 130 ? 1.055   7.730   10.440  1.00 46.90  ?  444 VAL A N   1 
ATOM   979  C  CA  . VAL A 1 130 ? 0.799   6.547   11.261  1.00 46.17  ?  444 VAL A CA  1 
ATOM   980  C  C   . VAL A 1 130 ? 0.868   5.278   10.451  1.00 50.19  ?  444 VAL A C   1 
ATOM   981  O  O   . VAL A 1 130 ? 1.361   4.278   10.951  1.00 51.13  ?  444 VAL A O   1 
ATOM   982  C  CB  . VAL A 1 130 ? -0.370  6.672   12.303  1.00 50.26  ?  444 VAL A CB  1 
ATOM   983  C  CG1 . VAL A 1 130 ? -1.321  7.819   11.956  1.00 50.41  ?  444 VAL A CG1 1 
ATOM   984  C  CG2 . VAL A 1 130 ? -1.134  5.368   12.511  1.00 49.66  ?  444 VAL A CG2 1 
ATOM   985  N  N   . LEU A 1 131 ? 0.457   5.333   9.177   1.00 47.48  ?  445 LEU A N   1 
ATOM   986  C  CA  . LEU A 1 131 ? 0.583   4.187   8.271   1.00 46.72  ?  445 LEU A CA  1 
ATOM   987  C  C   . LEU A 1 131 ? 2.041   3.764   8.183   1.00 49.53  ?  445 LEU A C   1 
ATOM   988  O  O   . LEU A 1 131 ? 2.348   2.595   8.434   1.00 48.49  ?  445 LEU A O   1 
ATOM   989  C  CB  . LEU A 1 131 ? 0.051   4.511   6.867   1.00 46.53  ?  445 LEU A CB  1 
ATOM   990  C  CG  . LEU A 1 131 ? 0.235   3.420   5.783   1.00 51.05  ?  445 LEU A CG  1 
ATOM   991  C  CD1 . LEU A 1 131 ? -0.475  2.102   6.141   1.00 49.67  ?  445 LEU A CD1 1 
ATOM   992  C  CD2 . LEU A 1 131 ? -0.252  3.915   4.450   1.00 55.03  ?  445 LEU A CD2 1 
ATOM   993  N  N   . PHE A 1 132 ? 2.938   4.720   7.874   1.00 46.59  ?  446 PHE A N   1 
ATOM   994  C  CA  . PHE A 1 132 ? 4.365   4.422   7.718   1.00 46.66  ?  446 PHE A CA  1 
ATOM   995  C  C   . PHE A 1 132 ? 5.038   3.990   9.026   1.00 53.59  ?  446 PHE A C   1 
ATOM   996  O  O   . PHE A 1 132 ? 5.811   3.022   9.029   1.00 52.22  ?  446 PHE A O   1 
ATOM   997  C  CB  . PHE A 1 132 ? 5.106   5.569   7.034   1.00 47.23  ?  446 PHE A CB  1 
ATOM   998  C  CG  . PHE A 1 132 ? 4.866   5.733   5.547   1.00 48.07  ?  446 PHE A CG  1 
ATOM   999  C  CD1 . PHE A 1 132 ? 3.921   4.957   4.881   1.00 50.05  ?  446 PHE A CD1 1 
ATOM   1000 C  CD2 . PHE A 1 132 ? 5.580   6.677   4.810   1.00 50.00  ?  446 PHE A CD2 1 
ATOM   1001 C  CE1 . PHE A 1 132 ? 3.676   5.144   3.515   1.00 50.21  ?  446 PHE A CE1 1 
ATOM   1002 C  CE2 . PHE A 1 132 ? 5.352   6.844   3.435   1.00 51.45  ?  446 PHE A CE2 1 
ATOM   1003 C  CZ  . PHE A 1 132 ? 4.400   6.078   2.800   1.00 48.64  ?  446 PHE A CZ  1 
ATOM   1004 N  N   . GLN A 1 133 ? 4.684   4.662   10.137  1.00 51.67  ?  447 GLN A N   1 
ATOM   1005 C  CA  . GLN A 1 133 ? 5.236   4.361   11.452  1.00 52.16  ?  447 GLN A CA  1 
ATOM   1006 C  C   . GLN A 1 133 ? 4.808   3.014   12.016  1.00 58.31  ?  447 GLN A C   1 
ATOM   1007 O  O   . GLN A 1 133 ? 5.545   2.423   12.812  1.00 60.20  ?  447 GLN A O   1 
ATOM   1008 C  CB  . GLN A 1 133 ? 4.925   5.469   12.433  1.00 53.35  ?  447 GLN A CB  1 
ATOM   1009 C  CG  . GLN A 1 133 ? 5.735   6.737   12.168  1.00 77.81  ?  447 GLN A CG  1 
ATOM   1010 C  CD  . GLN A 1 133 ? 5.389   7.870   13.106  1.00 111.74 ?  447 GLN A CD  1 
ATOM   1011 O  OE1 . GLN A 1 133 ? 4.755   7.685   14.155  1.00 111.66 ?  447 GLN A OE1 1 
ATOM   1012 N  NE2 . GLN A 1 133 ? 5.806   9.078   12.750  1.00 106.49 ?  447 GLN A NE2 1 
ATOM   1013 N  N   . ASN A 1 134 ? 3.654   2.510   11.592  1.00 53.20  ?  448 ASN A N   1 
ATOM   1014 C  CA  . ASN A 1 134 ? 3.141   1.249   12.097  1.00 52.53  ?  448 ASN A CA  1 
ATOM   1015 C  C   . ASN A 1 134 ? 3.344   0.061   11.195  1.00 54.98  ?  448 ASN A C   1 
ATOM   1016 O  O   . ASN A 1 134 ? 3.042   -1.068  11.583  1.00 57.25  ?  448 ASN A O   1 
ATOM   1017 C  CB  . ASN A 1 134 ? 1.691   1.403   12.502  1.00 55.55  ?  448 ASN A CB  1 
ATOM   1018 C  CG  . ASN A 1 134 ? 1.584   2.054   13.854  1.00 102.65 ?  448 ASN A CG  1 
ATOM   1019 O  OD1 . ASN A 1 134 ? 1.292   3.351   13.871  1.00 108.58 ?  448 ASN A OD1 1 
ATOM   1020 N  ND2 . ASN A 1 134 ? 1.831   1.420   14.894  1.00 94.23  ?  448 ASN A ND2 1 
ATOM   1021 N  N   . TRP A 1 135 ? 3.876   0.297   10.008  1.00 47.16  ?  449 TRP A N   1 
ATOM   1022 C  CA  . TRP A 1 135 ? 4.086   -0.764  9.029   1.00 44.26  ?  449 TRP A CA  1 
ATOM   1023 C  C   . TRP A 1 135 ? 5.193   -1.724  9.493   1.00 51.71  ?  449 TRP A C   1 
ATOM   1024 O  O   . TRP A 1 135 ? 5.089   -2.948  9.298   1.00 51.60  ?  449 TRP A O   1 
ATOM   1025 C  CB  . TRP A 1 135 ? 4.411   -0.137  7.654   1.00 39.63  ?  449 TRP A CB  1 
ATOM   1026 C  CG  . TRP A 1 135 ? 4.574   -1.146  6.567   1.00 37.97  ?  449 TRP A CG  1 
ATOM   1027 C  CD1 . TRP A 1 135 ? 5.744   -1.704  6.145   1.00 40.66  ?  449 TRP A CD1 1 
ATOM   1028 C  CD2 . TRP A 1 135 ? 3.531   -1.751  5.785   1.00 36.17  ?  449 TRP A CD2 1 
ATOM   1029 N  NE1 . TRP A 1 135 ? 5.500   -2.587  5.115   1.00 39.01  ?  449 TRP A NE1 1 
ATOM   1030 C  CE2 . TRP A 1 135 ? 4.151   -2.634  4.873   1.00 39.66  ?  449 TRP A CE2 1 
ATOM   1031 C  CE3 . TRP A 1 135 ? 2.136   -1.608  5.743   1.00 36.87  ?  449 TRP A CE3 1 
ATOM   1032 C  CZ2 . TRP A 1 135 ? 3.426   -3.378  3.936   1.00 39.04  ?  449 TRP A CZ2 1 
ATOM   1033 C  CZ3 . TRP A 1 135 ? 1.414   -2.343  4.813   1.00 38.90  ?  449 TRP A CZ3 1 
ATOM   1034 C  CH2 . TRP A 1 135 ? 2.057   -3.207  3.913   1.00 39.62  ?  449 TRP A CH2 1 
ATOM   1035 N  N   . GLY A 1 136 ? 6.229   -1.142  10.096  1.00 51.34  ?  450 GLY A N   1 
ATOM   1036 C  CA  . GLY A 1 136 ? 7.380   -1.867  10.600  1.00 53.63  ?  450 GLY A CA  1 
ATOM   1037 C  C   . GLY A 1 136 ? 8.630   -1.699  9.761   1.00 64.59  ?  450 GLY A C   1 
ATOM   1038 O  O   . GLY A 1 136 ? 8.556   -1.492  8.539   1.00 66.06  ?  450 GLY A O   1 
ATOM   1039 N  N   . ILE A 1 137 ? 9.796   -1.818  10.422  1.00 62.89  ?  451 ILE A N   1 
ATOM   1040 C  CA  . ILE A 1 137 ? 11.085  -1.729  9.762   1.00 63.90  ?  451 ILE A CA  1 
ATOM   1041 C  C   . ILE A 1 137 ? 11.876  -3.011  9.870   1.00 71.82  ?  451 ILE A C   1 
ATOM   1042 O  O   . ILE A 1 137 ? 11.647  -3.815  10.774  1.00 71.96  ?  451 ILE A O   1 
ATOM   1043 C  CB  . ILE A 1 137 ? 11.904  -0.488  10.162  1.00 67.80  ?  451 ILE A CB  1 
ATOM   1044 C  CG1 . ILE A 1 137 ? 12.038  -0.364  11.682  1.00 68.89  ?  451 ILE A CG1 1 
ATOM   1045 C  CG2 . ILE A 1 137 ? 11.311  0.782   9.532   1.00 69.87  ?  451 ILE A CG2 1 
ATOM   1046 C  CD1 . ILE A 1 137 ? 13.191  0.523   12.132  1.00 82.73  ?  451 ILE A CD1 1 
ATOM   1047 N  N   . GLU A 1 138 ? 12.784  -3.218  8.922   1.00 71.22  ?  452 GLU A N   1 
ATOM   1048 C  CA  . GLU A 1 138 ? 13.645  -4.381  8.892   1.00 71.69  ?  452 GLU A CA  1 
ATOM   1049 C  C   . GLU A 1 138 ? 15.050  -3.966  8.501   1.00 80.69  ?  452 GLU A C   1 
ATOM   1050 O  O   . GLU A 1 138 ? 15.226  -2.960  7.804   1.00 80.26  ?  452 GLU A O   1 
ATOM   1051 C  CB  . GLU A 1 138 ? 13.097  -5.421  7.893   1.00 72.31  ?  452 GLU A CB  1 
ATOM   1052 C  CG  . GLU A 1 138 ? 13.219  -5.041  6.423   1.00 78.61  ?  452 GLU A CG  1 
ATOM   1053 C  CD  . GLU A 1 138 ? 12.348  -5.836  5.464   1.00 87.13  ?  452 GLU A CD  1 
ATOM   1054 O  OE1 . GLU A 1 138 ? 11.755  -6.846  5.901   1.00 84.10  ?  452 GLU A OE1 1 
ATOM   1055 O  OE2 . GLU A 1 138 ? 12.252  -5.449  4.275   1.00 64.54  -1 452 GLU A OE2 1 
ATOM   1056 N  N   . HIS A 1 139 ? 16.047  -4.763  8.915   1.00 80.45  ?  453 HIS A N   1 
ATOM   1057 C  CA  . HIS A 1 139 ? 17.415  -4.592  8.447   1.00 81.14  ?  453 HIS A CA  1 
ATOM   1058 C  C   . HIS A 1 139 ? 17.407  -5.115  7.010   1.00 81.39  ?  453 HIS A C   1 
ATOM   1059 O  O   . HIS A 1 139 ? 16.683  -6.069  6.695   1.00 78.42  ?  453 HIS A O   1 
ATOM   1060 C  CB  . HIS A 1 139 ? 18.400  -5.399  9.304   1.00 83.11  ?  453 HIS A CB  1 
ATOM   1061 C  CG  . HIS A 1 139 ? 18.850  -4.668  10.527  1.00 87.79  ?  453 HIS A CG  1 
ATOM   1062 N  ND1 . HIS A 1 139 ? 20.061  -3.993  10.557  1.00 90.10  ?  453 HIS A ND1 1 
ATOM   1063 C  CD2 . HIS A 1 139 ? 18.226  -4.510  11.721  1.00 90.24  ?  453 HIS A CD2 1 
ATOM   1064 C  CE1 . HIS A 1 139 ? 20.143  -3.466  11.771  1.00 89.97  ?  453 HIS A CE1 1 
ATOM   1065 N  NE2 . HIS A 1 139 ? 19.059  -3.749  12.507  1.00 90.22  ?  453 HIS A NE2 1 
ATOM   1066 N  N   . ILE A 1 140 ? 18.178  -4.471  6.136   1.00 78.34  ?  454 ILE A N   1 
ATOM   1067 C  CA  . ILE A 1 140 ? 18.209  -4.857  4.735   1.00 78.97  ?  454 ILE A CA  1 
ATOM   1068 C  C   . ILE A 1 140 ? 19.532  -5.488  4.323   1.00 86.93  ?  454 ILE A C   1 
ATOM   1069 O  O   . ILE A 1 140 ? 20.582  -5.157  4.873   1.00 85.78  ?  454 ILE A O   1 
ATOM   1070 C  CB  . ILE A 1 140 ? 17.757  -3.708  3.774   1.00 81.32  ?  454 ILE A CB  1 
ATOM   1071 C  CG1 . ILE A 1 140 ? 18.762  -2.543  3.744   1.00 80.44  ?  454 ILE A CG1 1 
ATOM   1072 C  CG2 . ILE A 1 140 ? 16.361  -3.212  4.131   1.00 82.54  ?  454 ILE A CG2 1 
ATOM   1073 C  CD1 . ILE A 1 140 ? 18.529  -1.514  2.668   1.00 78.79  ?  454 ILE A CD1 1 
ATOM   1074 N  N   . ASP A 1 141 ? 19.469  -6.405  3.350   1.00 87.16  ?  455 ASP A N   1 
ATOM   1075 C  CA  . ASP A 1 141 ? 20.650  -7.039  2.777   1.00 88.56  ?  455 ASP A CA  1 
ATOM   1076 C  C   . ASP A 1 141 ? 21.198  -6.062  1.736   1.00 93.83  ?  455 ASP A C   1 
ATOM   1077 O  O   . ASP A 1 141 ? 20.423  -5.342  1.100   1.00 94.30  ?  455 ASP A O   1 
ATOM   1078 C  CB  . ASP A 1 141 ? 20.284  -8.372  2.089   1.00 91.35  ?  455 ASP A CB  1 
ATOM   1079 C  CG  . ASP A 1 141 ? 19.588  -9.403  2.964   1.00 109.61 ?  455 ASP A CG  1 
ATOM   1080 O  OD1 . ASP A 1 141 ? 18.397  -9.191  3.299   1.00 111.50 ?  455 ASP A OD1 1 
ATOM   1081 O  OD2 . ASP A 1 141 ? 20.217  -10.448 3.271   1.00 116.44 -1 455 ASP A OD2 1 
ATOM   1082 N  N   . ASN A 1 142 ? 22.519  -6.022  1.551   1.00 90.67  ?  456 ASN A N   1 
ATOM   1083 C  CA  . ASN A 1 142 ? 23.064  -5.101  0.547   1.00 90.41  ?  456 ASN A CA  1 
ATOM   1084 C  C   . ASN A 1 142 ? 22.858  -5.567  -0.892  1.00 91.42  ?  456 ASN A C   1 
ATOM   1085 O  O   . ASN A 1 142 ? 23.471  -6.547  -1.334  1.00 90.85  ?  456 ASN A O   1 
ATOM   1086 C  CB  . ASN A 1 142 ? 24.524  -4.661  0.810   1.00 93.79  ?  456 ASN A CB  1 
ATOM   1087 C  CG  . ASN A 1 142 ? 24.978  -3.538  -0.127  1.00 119.00 ?  456 ASN A CG  1 
ATOM   1088 O  OD1 . ASN A 1 142 ? 24.736  -2.342  0.109   1.00 110.24 ?  456 ASN A OD1 1 
ATOM   1089 N  ND2 . ASN A 1 142 ? 25.628  -3.892  -1.234  1.00 110.45 ?  456 ASN A ND2 1 
ATOM   1090 N  N   . VAL A 1 143 ? 21.971  -4.853  -1.608  1.00 85.51  ?  457 VAL A N   1 
ATOM   1091 C  CA  . VAL A 1 143 ? 21.725  -5.045  -3.036  1.00 84.18  ?  457 VAL A CA  1 
ATOM   1092 C  C   . VAL A 1 143 ? 21.973  -3.709  -3.680  1.00 86.38  ?  457 VAL A C   1 
ATOM   1093 O  O   . VAL A 1 143 ? 21.314  -2.730  -3.320  1.00 86.81  ?  457 VAL A O   1 
ATOM   1094 C  CB  . VAL A 1 143 ? 20.336  -5.587  -3.424  1.00 87.60  ?  457 VAL A CB  1 
ATOM   1095 C  CG1 . VAL A 1 143 ? 20.232  -5.736  -4.944  1.00 87.15  ?  457 VAL A CG1 1 
ATOM   1096 C  CG2 . VAL A 1 143 ? 20.039  -6.908  -2.720  1.00 87.18  ?  457 VAL A CG2 1 
ATOM   1097 N  N   . MET A 1 144 ? 22.936  -3.653  -4.608  1.00 80.99  ?  458 MET A N   1 
ATOM   1098 C  CA  . MET A 1 144 ? 23.273  -2.408  -5.289  1.00 79.59  ?  458 MET A CA  1 
ATOM   1099 C  C   . MET A 1 144 ? 22.167  -1.982  -6.257  1.00 83.60  ?  458 MET A C   1 
ATOM   1100 O  O   . MET A 1 144 ? 21.405  -2.831  -6.761  1.00 83.23  ?  458 MET A O   1 
ATOM   1101 C  CB  . MET A 1 144 ? 24.650  -2.476  -5.943  1.00 81.35  ?  458 MET A CB  1 
ATOM   1102 C  CG  . MET A 1 144 ? 25.782  -2.576  -4.938  1.00 84.38  ?  458 MET A CG  1 
ATOM   1103 S  SD  . MET A 1 144 ? 27.360  -2.849  -5.761  1.00 87.86  ?  458 MET A SD  1 
ATOM   1104 C  CE  . MET A 1 144 ? 27.984  -4.295  -4.848  1.00 84.08  ?  458 MET A CE  1 
ATOM   1105 N  N   . GLY A 1 145 ? 22.041  -0.662  -6.424  1.00 79.08  ?  459 GLY A N   1 
ATOM   1106 C  CA  . GLY A 1 145 ? 21.003  -0.041  -7.240  1.00 78.11  ?  459 GLY A CA  1 
ATOM   1107 C  C   . GLY A 1 145 ? 19.651  0.026   -6.542  1.00 78.70  ?  459 GLY A C   1 
ATOM   1108 O  O   . GLY A 1 145 ? 18.662  0.501   -7.125  1.00 79.64  ?  459 GLY A O   1 
ATOM   1109 N  N   . MET A 1 146 ? 19.604  -0.457  -5.287  1.00 70.09  ?  460 MET A N   1 
ATOM   1110 C  CA  . MET A 1 146 ? 18.404  -0.461  -4.460  1.00 67.98  ?  460 MET A CA  1 
ATOM   1111 C  C   . MET A 1 146 ? 18.712  0.102   -3.108  1.00 71.45  ?  460 MET A C   1 
ATOM   1112 O  O   . MET A 1 146 ? 19.804  -0.120  -2.569  1.00 73.47  ?  460 MET A O   1 
ATOM   1113 C  CB  . MET A 1 146 ? 17.873  -1.864  -4.266  1.00 69.68  ?  460 MET A CB  1 
ATOM   1114 C  CG  . MET A 1 146 ? 17.107  -2.361  -5.421  1.00 72.94  ?  460 MET A CG  1 
ATOM   1115 S  SD  . MET A 1 146 ? 16.223  -3.804  -4.860  1.00 76.90  ?  460 MET A SD  1 
ATOM   1116 C  CE  . MET A 1 146 ? 15.321  -4.139  -6.256  1.00 72.70  ?  460 MET A CE  1 
ATOM   1117 N  N   . VAL A 1 147 ? 17.750  0.824   -2.541  1.00 63.69  ?  461 VAL A N   1 
ATOM   1118 C  CA  . VAL A 1 147 ? 17.910  1.415   -1.217  1.00 61.69  ?  461 VAL A CA  1 
ATOM   1119 C  C   . VAL A 1 147 ? 16.708  1.163   -0.359  1.00 57.79  ?  461 VAL A C   1 
ATOM   1120 O  O   . VAL A 1 147 ? 15.624  0.897   -0.859  1.00 55.28  ?  461 VAL A O   1 
ATOM   1121 C  CB  . VAL A 1 147 ? 18.254  2.926   -1.246  1.00 67.11  ?  461 VAL A CB  1 
ATOM   1122 C  CG1 . VAL A 1 147 ? 19.634  3.166   -1.834  1.00 67.20  ?  461 VAL A CG1 1 
ATOM   1123 C  CG2 . VAL A 1 147 ? 17.193  3.729   -2.000  1.00 67.54  ?  461 VAL A CG2 1 
ATOM   1124 N  N   . GLY A 1 148 ? 16.915  1.259   0.934   1.00 52.28  ?  462 GLY A N   1 
ATOM   1125 C  CA  . GLY A 1 148 ? 15.843  1.145   1.888   1.00 51.33  ?  462 GLY A CA  1 
ATOM   1126 C  C   . GLY A 1 148 ? 15.276  2.523   2.099   1.00 54.30  ?  462 GLY A C   1 
ATOM   1127 O  O   . GLY A 1 148 ? 15.918  3.535   1.761   1.00 54.62  ?  462 GLY A O   1 
ATOM   1128 N  N   . VAL A 1 149 ? 14.059  2.572   2.637   1.00 48.37  ?  463 VAL A N   1 
ATOM   1129 C  CA  . VAL A 1 149 ? 13.436  3.849   2.933   1.00 47.03  ?  463 VAL A CA  1 
ATOM   1130 C  C   . VAL A 1 149 ? 12.832  3.792   4.309   1.00 50.28  ?  463 VAL A C   1 
ATOM   1131 O  O   . VAL A 1 149 ? 12.109  2.864   4.632   1.00 47.79  ?  463 VAL A O   1 
ATOM   1132 C  CB  . VAL A 1 149 ? 12.459  4.335   1.828   1.00 50.13  ?  463 VAL A CB  1 
ATOM   1133 C  CG1 . VAL A 1 149 ? 11.366  3.309   1.539   1.00 49.94  ?  463 VAL A CG1 1 
ATOM   1134 C  CG2 . VAL A 1 149 ? 11.862  5.667   2.197   1.00 49.62  ?  463 VAL A CG2 1 
ATOM   1135 N  N   . LEU A 1 150 ? 13.182  4.754   5.132   1.00 50.97  ?  464 LEU A N   1 
ATOM   1136 C  CA  . LEU A 1 150 ? 12.675  4.862   6.491   1.00 52.87  ?  464 LEU A CA  1 
ATOM   1137 C  C   . LEU A 1 150 ? 11.260  5.449   6.498   1.00 56.70  ?  464 LEU A C   1 
ATOM   1138 O  O   . LEU A 1 150 ? 10.834  6.055   5.503   1.00 56.92  ?  464 LEU A O   1 
ATOM   1139 C  CB  . LEU A 1 150 ? 13.635  5.719   7.362   1.00 53.99  ?  464 LEU A CB  1 
ATOM   1140 C  CG  . LEU A 1 150 ? 15.093  5.214   7.517   1.00 59.09  ?  464 LEU A CG  1 
ATOM   1141 C  CD1 . LEU A 1 150 ? 15.833  5.997   8.573   1.00 59.21  ?  464 LEU A CD1 1 
ATOM   1142 C  CD2 . LEU A 1 150 ? 15.165  3.706   7.804   1.00 59.52  ?  464 LEU A CD2 1 
ATOM   1143 N  N   . PRO A 1 151 ? 10.511  5.300   7.608   1.00 52.03  ?  465 PRO A N   1 
ATOM   1144 C  CA  . PRO A 1 151 ? 9.129   5.825   7.624   1.00 51.58  ?  465 PRO A CA  1 
ATOM   1145 C  C   . PRO A 1 151 ? 8.975   7.302   7.308   1.00 55.94  ?  465 PRO A C   1 
ATOM   1146 O  O   . PRO A 1 151 ? 7.886   7.722   6.947   1.00 56.29  ?  465 PRO A O   1 
ATOM   1147 C  CB  . PRO A 1 151 ? 8.628   5.475   9.036   1.00 53.14  ?  465 PRO A CB  1 
ATOM   1148 C  CG  . PRO A 1 151 ? 9.472   4.296   9.460   1.00 57.21  ?  465 PRO A CG  1 
ATOM   1149 C  CD  . PRO A 1 151 ? 10.827  4.569   8.858   1.00 52.55  ?  465 PRO A CD  1 
ATOM   1150 N  N   . ASP A 1 152 ? 10.061  8.054   7.359   1.00 53.71  ?  466 ASP A N   1 
ATOM   1151 C  CA  . ASP A 1 152 ? 10.016  9.459   6.993   1.00 53.81  ?  466 ASP A CA  1 
ATOM   1152 C  C   . ASP A 1 152 ? 10.521  9.695   5.590   1.00 57.09  ?  466 ASP A C   1 
ATOM   1153 O  O   . ASP A 1 152 ? 10.752  10.828  5.199   1.00 56.28  ?  466 ASP A O   1 
ATOM   1154 C  CB  . ASP A 1 152 ? 10.818  10.311  7.966   1.00 55.99  ?  466 ASP A CB  1 
ATOM   1155 C  CG  . ASP A 1 152 ? 12.258  9.916   8.035   1.00 68.44  ?  466 ASP A CG  1 
ATOM   1156 O  OD1 . ASP A 1 152 ? 12.749  9.314   7.076   1.00 69.66  ?  466 ASP A OD1 1 
ATOM   1157 O  OD2 . ASP A 1 152 ? 12.906  10.217  9.050   1.00 77.76  -1 466 ASP A OD2 1 
ATOM   1158 N  N   . MET A 1 153 ? 10.686  8.611   4.846   1.00 52.53  ?  467 MET A N   1 
ATOM   1159 C  CA  . MET A 1 153 ? 11.041  8.660   3.444   1.00 51.12  ?  467 MET A CA  1 
ATOM   1160 C  C   . MET A 1 153 ? 12.454  9.147   3.198   1.00 58.17  ?  467 MET A C   1 
ATOM   1161 O  O   . MET A 1 153 ? 12.770  9.630   2.126   1.00 60.41  ?  467 MET A O   1 
ATOM   1162 C  CB  . MET A 1 153 ? 10.052  9.515   2.671   1.00 52.23  ?  467 MET A CB  1 
ATOM   1163 C  CG  . MET A 1 153 ? 8.693   8.878   2.527   1.00 54.74  ?  467 MET A CG  1 
ATOM   1164 S  SD  . MET A 1 153 ? 8.688   7.461   1.440   1.00 57.53  ?  467 MET A SD  1 
ATOM   1165 C  CE  . MET A 1 153 ? 9.685   8.059   0.101   1.00 53.29  ?  467 MET A CE  1 
ATOM   1166 N  N   . THR A 1 154 ? 13.312  9.002   4.190   1.00 52.98  ?  468 THR A N   1 
ATOM   1167 C  CA  . THR A 1 154 ? 14.710  9.286   3.997   1.00 52.15  ?  468 THR A CA  1 
ATOM   1168 C  C   . THR A 1 154 ? 15.376  7.980   3.677   1.00 54.21  ?  468 THR A C   1 
ATOM   1169 O  O   . THR A 1 154 ? 15.012  6.955   4.220   1.00 52.83  ?  468 THR A O   1 
ATOM   1170 C  CB  . THR A 1 154 ? 15.336  9.908   5.241   1.00 61.08  ?  468 THR A CB  1 
ATOM   1171 O  OG1 . THR A 1 154 ? 15.029  9.106   6.380   1.00 66.24  ?  468 THR A OG1 1 
ATOM   1172 C  CG2 . THR A 1 154 ? 14.799  11.300  5.448   1.00 57.84  ?  468 THR A CG2 1 
ATOM   1173 N  N   . PRO A 1 155 ? 16.339  8.002   2.773   1.00 51.56  ?  469 PRO A N   1 
ATOM   1174 C  CA  . PRO A 1 155 ? 16.917  6.733   2.315   1.00 52.37  ?  469 PRO A CA  1 
ATOM   1175 C  C   . PRO A 1 155 ? 17.910  6.159   3.316   1.00 57.26  ?  469 PRO A C   1 
ATOM   1176 O  O   . PRO A 1 155 ? 18.504  6.897   4.103   1.00 56.24  ?  469 PRO A O   1 
ATOM   1177 C  CB  . PRO A 1 155 ? 17.534  7.086   0.963   1.00 53.68  ?  469 PRO A CB  1 
ATOM   1178 C  CG  . PRO A 1 155 ? 17.767  8.519   1.012   1.00 57.18  ?  469 PRO A CG  1 
ATOM   1179 C  CD  . PRO A 1 155 ? 16.871  9.144   2.011   1.00 52.88  ?  469 PRO A CD  1 
ATOM   1180 N  N   . SER A 1 156 ? 18.029  4.836   3.325   1.00 54.07  ?  470 SER A N   1 
ATOM   1181 C  CA  . SER A 1 156 ? 18.944  4.151   4.213   1.00 54.61  ?  470 SER A CA  1 
ATOM   1182 C  C   . SER A 1 156 ? 19.471  2.918   3.543   1.00 60.98  ?  470 SER A C   1 
ATOM   1183 O  O   . SER A 1 156 ? 18.712  2.213   2.884   1.00 60.77  ?  470 SER A O   1 
ATOM   1184 C  CB  . SER A 1 156 ? 18.248  3.784   5.519   1.00 58.73  ?  470 SER A CB  1 
ATOM   1185 O  OG  . SER A 1 156 ? 19.039  2.926   6.333   1.00 65.67  ?  470 SER A OG  1 
ATOM   1186 N  N   . THR A 1 157 ? 20.769  2.648   3.705   1.00 60.67  ?  471 THR A N   1 
ATOM   1187 C  CA  . THR A 1 157 ? 21.370  1.414   3.173   1.00 62.13  ?  471 THR A CA  1 
ATOM   1188 C  C   . THR A 1 157 ? 21.371  0.356   4.281   1.00 66.69  ?  471 THR A C   1 
ATOM   1189 O  O   . THR A 1 157 ? 21.815  -0.762  4.068   1.00 64.49  ?  471 THR A O   1 
ATOM   1190 C  CB  . THR A 1 157 ? 22.789  1.650   2.616   1.00 72.12  ?  471 THR A CB  1 
ATOM   1191 O  OG1 . THR A 1 157 ? 23.617  2.228   3.631   1.00 80.22  ?  471 THR A OG1 1 
ATOM   1192 C  CG2 . THR A 1 157 ? 22.794  2.494   1.363   1.00 67.25  ?  471 THR A CG2 1 
ATOM   1193 N  N   . GLU A 1 158 ? 20.844  0.714   5.449   1.00 66.54  ?  472 GLU A N   1 
ATOM   1194 C  CA  . GLU A 1 158 ? 20.851  -0.132  6.633   1.00 68.24  ?  472 GLU A CA  1 
ATOM   1195 C  C   . GLU A 1 158 ? 19.516  -0.790  6.928   1.00 72.45  ?  472 GLU A C   1 
ATOM   1196 O  O   . GLU A 1 158 ? 19.460  -2.000  7.166   1.00 71.62  ?  472 GLU A O   1 
ATOM   1197 C  CB  . GLU A 1 158 ? 21.293  0.717   7.835   1.00 70.63  ?  472 GLU A CB  1 
ATOM   1198 C  CG  . GLU A 1 158 ? 21.664  -0.087  9.071   1.00 89.06  ?  472 GLU A CG  1 
ATOM   1199 C  CD  . GLU A 1 158 ? 23.050  -0.717  9.045   1.00 119.65 ?  472 GLU A CD  1 
ATOM   1200 O  OE1 . GLU A 1 158 ? 23.744  -0.604  8.007   1.00 113.61 ?  472 GLU A OE1 1 
ATOM   1201 O  OE2 . GLU A 1 158 ? 23.438  -1.331  10.068  1.00 116.41 -1 472 GLU A OE2 1 
ATOM   1202 N  N   . MET A 1 159 ? 18.446  0.012   6.957   1.00 70.19  ?  473 MET A N   1 
ATOM   1203 C  CA  . MET A 1 159 ? 17.104  -0.470  7.247   1.00 70.20  ?  473 MET A CA  1 
ATOM   1204 C  C   . MET A 1 159 ? 16.076  0.082   6.275   1.00 68.91  ?  473 MET A C   1 
ATOM   1205 O  O   . MET A 1 159 ? 16.357  1.026   5.540   1.00 67.40  ?  473 MET A O   1 
ATOM   1206 C  CB  . MET A 1 159 ? 16.711  -0.113  8.679   1.00 73.75  ?  473 MET A CB  1 
ATOM   1207 C  CG  . MET A 1 159 ? 17.496  -0.874  9.734   1.00 79.35  ?  473 MET A CG  1 
ATOM   1208 S  SD  . MET A 1 159 ? 16.830  -0.626  11.400  1.00 85.24  ?  473 MET A SD  1 
ATOM   1209 C  CE  . MET A 1 159 ? 17.182  1.118   11.645  1.00 82.30  ?  473 MET A CE  1 
ATOM   1210 N  N   . SER A 1 160 ? 14.875  -0.514  6.278   1.00 62.67  ?  474 SER A N   1 
ATOM   1211 C  CA  . SER A 1 160 ? 13.759  -0.072  5.444   1.00 60.38  ?  474 SER A CA  1 
ATOM   1212 C  C   . SER A 1 160 ? 12.412  -0.492  6.007   1.00 62.01  ?  474 SER A C   1 
ATOM   1213 O  O   . SER A 1 160 ? 12.327  -1.471  6.757   1.00 62.51  ?  474 SER A O   1 
ATOM   1214 C  CB  . SER A 1 160 ? 13.880  -0.643  4.035   1.00 59.36  ?  474 SER A CB  1 
ATOM   1215 O  OG  . SER A 1 160 ? 12.999  0.031   3.155   1.00 57.27  ?  474 SER A OG  1 
ATOM   1216 N  N   . MET A 1 161 ? 11.346  0.201   5.564   1.00 54.57  ?  475 MET A N   1 
ATOM   1217 C  CA  . MET A 1 161 ? 9.982   -0.201  5.850   1.00 52.58  ?  475 MET A CA  1 
ATOM   1218 C  C   . MET A 1 161 ? 9.840   -1.617  5.260   1.00 55.43  ?  475 MET A C   1 
ATOM   1219 O  O   . MET A 1 161 ? 10.321  -1.895  4.150   1.00 53.80  ?  475 MET A O   1 
ATOM   1220 C  CB  . MET A 1 161 ? 8.979   0.765   5.215   1.00 54.37  ?  475 MET A CB  1 
ATOM   1221 C  CG  . MET A 1 161 ? 8.866   2.042   5.982   1.00 58.26  ?  475 MET A CG  1 
ATOM   1222 S  SD  . MET A 1 161 ? 7.524   3.126   5.489   1.00 63.37  ?  475 MET A SD  1 
ATOM   1223 C  CE  . MET A 1 161 ? 8.167   3.818   3.918   1.00 60.07  ?  475 MET A CE  1 
ATOM   1224 N  N   . ARG A 1 162 ? 9.236   -2.518  6.035   1.00 51.68  ?  476 ARG A N   1 
ATOM   1225 C  CA  . ARG A 1 162 ? 9.093   -3.925  5.675   1.00 50.82  ?  476 ARG A CA  1 
ATOM   1226 C  C   . ARG A 1 162 ? 8.664   -4.204  4.213   1.00 50.51  ?  476 ARG A C   1 
ATOM   1227 O  O   . ARG A 1 162 ? 7.583   -3.813  3.796   1.00 50.59  ?  476 ARG A O   1 
ATOM   1228 C  CB  . ARG A 1 162 ? 8.190   -4.649  6.699   1.00 51.37  ?  476 ARG A CB  1 
ATOM   1229 C  CG  . ARG A 1 162 ? 7.832   -6.085  6.293   1.00 59.23  ?  476 ARG A CG  1 
ATOM   1230 C  CD  . ARG A 1 162 ? 6.897   -6.759  7.275   1.00 68.51  ?  476 ARG A CD  1 
ATOM   1231 N  NE  . ARG A 1 162 ? 5.746   -5.932  7.671   1.00 71.89  ?  476 ARG A NE  1 
ATOM   1232 C  CZ  . ARG A 1 162 ? 4.595   -5.849  7.002   1.00 76.29  ?  476 ARG A CZ  1 
ATOM   1233 N  NH1 . ARG A 1 162 ? 4.433   -6.508  5.843   1.00 58.79  1  476 ARG A NH1 1 
ATOM   1234 N  NH2 . ARG A 1 162 ? 3.605   -5.099  7.473   1.00 42.35  ?  476 ARG A NH2 1 
ATOM   1235 N  N   . GLY A 1 163 ? 9.526   -4.878  3.466   1.00 44.14  ?  477 GLY A N   1 
ATOM   1236 C  CA  . GLY A 1 163 ? 9.266   -5.308  2.093   1.00 42.40  ?  477 GLY A CA  1 
ATOM   1237 C  C   . GLY A 1 163 ? 9.403   -4.224  1.050   1.00 45.63  ?  477 GLY A C   1 
ATOM   1238 O  O   . GLY A 1 163 ? 9.172   -4.486  -0.136  1.00 44.54  ?  477 GLY A O   1 
ATOM   1239 N  N   . ILE A 1 164 ? 9.748   -2.979  1.488   1.00 41.04  ?  478 ILE A N   1 
ATOM   1240 C  CA  . ILE A 1 164 ? 9.826   -1.811  0.612   1.00 39.15  ?  478 ILE A CA  1 
ATOM   1241 C  C   . ILE A 1 164 ? 11.264  -1.508  0.221   1.00 47.99  ?  478 ILE A C   1 
ATOM   1242 O  O   . ILE A 1 164 ? 12.129  -1.378  1.094   1.00 46.84  ?  478 ILE A O   1 
ATOM   1243 C  CB  . ILE A 1 164 ? 9.144   -0.561  1.232   1.00 39.26  ?  478 ILE A CB  1 
ATOM   1244 C  CG1 . ILE A 1 164 ? 7.790   -0.878  1.932   1.00 38.64  ?  478 ILE A CG1 1 
ATOM   1245 C  CG2 . ILE A 1 164 ? 9.046   0.606   0.238   1.00 35.75  ?  478 ILE A CG2 1 
ATOM   1246 C  CD1 . ILE A 1 164 ? 6.700   -1.306  1.050   1.00 44.80  ?  478 ILE A CD1 1 
ATOM   1247 N  N   . ARG A 1 165 ? 11.505  -1.376  -1.096  1.00 47.26  ?  479 ARG A N   1 
ATOM   1248 C  CA  . ARG A 1 165 ? 12.789  -0.947  -1.620  1.00 48.84  ?  479 ARG A CA  1 
ATOM   1249 C  C   . ARG A 1 165 ? 12.568  0.147   -2.688  1.00 53.47  ?  479 ARG A C   1 
ATOM   1250 O  O   . ARG A 1 165 ? 11.583  0.113   -3.439  1.00 54.76  ?  479 ARG A O   1 
ATOM   1251 C  CB  . ARG A 1 165 ? 13.608  -2.134  -2.187  1.00 53.71  ?  479 ARG A CB  1 
ATOM   1252 C  CG  . ARG A 1 165 ? 13.850  -3.312  -1.225  1.00 68.77  ?  479 ARG A CG  1 
ATOM   1253 C  CD  . ARG A 1 165 ? 14.761  -2.955  -0.042  1.00 77.82  ?  479 ARG A CD  1 
ATOM   1254 N  NE  . ARG A 1 165 ? 15.027  -4.096  0.840   1.00 82.45  ?  479 ARG A NE  1 
ATOM   1255 C  CZ  . ARG A 1 165 ? 14.239  -4.492  1.834   1.00 90.84  ?  479 ARG A CZ  1 
ATOM   1256 N  NH1 . ARG A 1 165 ? 13.120  -3.840  2.103   1.00 73.31  1  479 ARG A NH1 1 
ATOM   1257 N  NH2 . ARG A 1 165 ? 14.573  -5.537  2.575   1.00 83.25  ?  479 ARG A NH2 1 
ATOM   1258 N  N   . VAL A 1 166 ? 13.479  1.117   -2.738  1.00 47.61  ?  480 VAL A N   1 
ATOM   1259 C  CA  . VAL A 1 166 ? 13.463  2.174   -3.745  1.00 46.08  ?  480 VAL A CA  1 
ATOM   1260 C  C   . VAL A 1 166 ? 14.597  1.901   -4.742  1.00 48.76  ?  480 VAL A C   1 
ATOM   1261 O  O   . VAL A 1 166 ? 15.748  1.688   -4.351  1.00 47.36  ?  480 VAL A O   1 
ATOM   1262 C  CB  . VAL A 1 166 ? 13.552  3.589   -3.140  1.00 48.49  ?  480 VAL A CB  1 
ATOM   1263 C  CG1 . VAL A 1 166 ? 13.670  4.623   -4.234  1.00 48.34  ?  480 VAL A CG1 1 
ATOM   1264 C  CG2 . VAL A 1 166 ? 12.333  3.889   -2.295  1.00 47.94  ?  480 VAL A CG2 1 
ATOM   1265 N  N   . SER A 1 167 ? 14.256  1.888   -6.022  1.00 44.87  ?  481 SER A N   1 
ATOM   1266 C  CA  . SER A 1 167 ? 15.190  1.674   -7.111  1.00 44.02  ?  481 SER A CA  1 
ATOM   1267 C  C   . SER A 1 167 ? 15.474  3.012   -7.780  1.00 49.17  ?  481 SER A C   1 
ATOM   1268 O  O   . SER A 1 167 ? 14.631  3.920   -7.764  1.00 47.55  ?  481 SER A O   1 
ATOM   1269 C  CB  . SER A 1 167 ? 14.553  0.737   -8.134  1.00 48.59  ?  481 SER A CB  1 
ATOM   1270 O  OG  . SER A 1 167 ? 15.443  0.393   -9.186  1.00 65.30  ?  481 SER A OG  1 
ATOM   1271 N  N   . LYS A 1 168 ? 16.665  3.137   -8.400  1.00 48.88  ?  482 LYS A N   1 
ATOM   1272 C  CA  . LYS A 1 168 ? 17.013  4.328   -9.201  1.00 48.22  ?  482 LYS A CA  1 
ATOM   1273 C  C   . LYS A 1 168 ? 16.209  4.297   -10.521 1.00 52.68  ?  482 LYS A C   1 
ATOM   1274 O  O   . LYS A 1 168 ? 15.973  3.223   -11.087 1.00 50.00  ?  482 LYS A O   1 
ATOM   1275 C  CB  . LYS A 1 168 ? 18.519  4.435   -9.459  1.00 48.99  ?  482 LYS A CB  1 
ATOM   1276 C  CG  . LYS A 1 168 ? 19.318  4.648   -8.178  1.00 65.89  ?  482 LYS A CG  1 
ATOM   1277 C  CD  . LYS A 1 168 ? 20.698  3.985   -8.228  1.00 81.68  ?  482 LYS A CD  1 
ATOM   1278 C  CE  . LYS A 1 168 ? 21.563  4.244   -7.009  1.00 87.90  ?  482 LYS A CE  1 
ATOM   1279 N  NZ  . LYS A 1 168 ? 21.052  3.558   -5.802  1.00 98.95  1  482 LYS A NZ  1 
ATOM   1280 N  N   . MET A 1 169 ? 15.715  5.471   -10.948 1.00 52.47  ?  483 MET A N   1 
ATOM   1281 C  CA  . MET A 1 169 ? 14.938  5.632   -12.179 1.00 100.08 ?  483 MET A CA  1 
ATOM   1282 C  C   . MET A 1 169 ? 15.724  5.151   -13.410 1.00 113.91 ?  483 MET A C   1 
ATOM   1283 O  O   . MET A 1 169 ? 15.414  4.105   -13.976 1.00 69.05  ?  483 MET A O   1 
ATOM   1284 C  CB  . MET A 1 169 ? 14.544  7.095   -12.356 1.00 102.64 ?  483 MET A CB  1 
ATOM   1285 C  CG  . MET A 1 169 ? 13.429  7.277   -13.319 1.00 106.66 ?  483 MET A CG  1 
ATOM   1286 S  SD  . MET A 1 169 ? 11.885  7.587   -12.468 1.00 111.03 ?  483 MET A SD  1 
ATOM   1287 C  CE  . MET A 1 169 ? 11.708  9.294   -12.828 1.00 107.54 ?  483 MET A CE  1 
HETATM 1288 CL CL1 . 704 B 2 .   ? -7.757  -4.025  -3.120  1.00 47.32  ?  501 704 A CL1 1 
HETATM 1289 C  C1  . 704 B 2 .   ? -9.975  -1.152  -8.760  1.00 46.45  ?  501 704 A C1  1 
HETATM 1290 C  C2  . 704 B 2 .   ? -9.633  -2.544  -8.226  1.00 48.56  ?  501 704 A C2  1 
HETATM 1291 C  C4  . 704 B 2 .   ? -10.406 -2.788  -6.944  1.00 54.40  ?  501 704 A C4  1 
HETATM 1292 O  O5  . 704 B 2 .   ? -11.486 -3.371  -7.024  1.00 53.64  ?  501 704 A O5  1 
HETATM 1293 N  N6  . 704 B 2 .   ? -9.930  -2.359  -5.732  1.00 57.89  ?  501 704 A N6  1 
HETATM 1294 C  C7  . 704 B 2 .   ? -10.708 -2.602  -4.508  1.00 55.59  ?  501 704 A C7  1 
HETATM 1295 C  C8  . 704 B 2 .   ? -8.634  -1.662  -5.585  1.00 59.00  ?  501 704 A C8  1 
HETATM 1296 N  N9  . 704 B 2 .   ? -10.058 -3.491  -9.248  1.00 46.88  ?  501 704 A N9  1 
HETATM 1297 C  C10 . 704 B 2 .   ? -9.574  -4.781  -9.288  1.00 46.32  ?  501 704 A C10 1 
HETATM 1298 C  C11 . 704 B 2 .   ? -9.845  -5.533  -10.434 1.00 47.40  ?  501 704 A C11 1 
HETATM 1299 C  C12 . 704 B 2 .   ? -9.321  -6.808  -10.545 1.00 44.31  ?  501 704 A C12 1 
HETATM 1300 N  N13 . 704 B 2 .   ? -8.601  -7.291  -9.527  1.00 43.82  ?  501 704 A N13 1 
HETATM 1301 C  C14 . 704 B 2 .   ? -8.389  -6.569  -8.431  1.00 41.88  ?  501 704 A C14 1 
HETATM 1302 N  N15 . 704 B 2 .   ? -8.846  -5.323  -8.304  1.00 45.00  ?  501 704 A N15 1 
HETATM 1303 C  C16 . 704 B 2 .   ? -7.521  -7.132  -7.407  1.00 42.14  ?  501 704 A C16 1 
HETATM 1304 C  C17 . 704 B 2 .   ? -6.756  -8.243  -7.555  1.00 47.78  ?  501 704 A C17 1 
HETATM 1305 N  N18 . 704 B 2 .   ? -6.063  -8.470  -6.393  1.00 48.60  ?  501 704 A N18 1 
HETATM 1306 C  C20 . 704 B 2 .   ? -6.338  -7.498  -5.466  1.00 42.58  ?  501 704 A C20 1 
HETATM 1307 C  C21 . 704 B 2 .   ? -7.268  -6.612  -6.060  1.00 39.49  ?  501 704 A C21 1 
HETATM 1308 C  C22 . 704 B 2 .   ? -7.749  -5.540  -5.327  1.00 38.06  ?  501 704 A C22 1 
HETATM 1309 C  C23 . 704 B 2 .   ? -7.274  -5.401  -4.037  1.00 42.52  ?  501 704 A C23 1 
HETATM 1310 C  C24 . 704 B 2 .   ? -6.316  -6.269  -3.532  1.00 42.77  ?  501 704 A C24 1 
HETATM 1311 N  N25 . 704 B 2 .   ? -5.906  -7.310  -4.229  1.00 41.30  ?  501 704 A N25 1 
HETATM 1312 F  F27 . 704 B 2 .   ? -10.586 -4.979  -11.409 1.00 54.76  ?  501 704 A F27 1 
HETATM 1313 O  O   . HOH C 3 .   ? 0.691   -17.560 -12.374 1.00 40.36  ?  601 HOH A O   1 
HETATM 1314 O  O   . HOH C 3 .   ? -7.905  -14.540 -10.716 1.00 78.62  ?  602 HOH A O   1 
HETATM 1315 O  O   . HOH C 3 .   ? -17.539 -12.306 -6.847  1.00 53.70  ?  603 HOH A O   1 
HETATM 1316 O  O   . HOH C 3 .   ? -0.199  -13.971 4.030   1.00 46.74  ?  604 HOH A O   1 
HETATM 1317 O  O   . HOH C 3 .   ? 13.980  11.661  -10.947 1.00 50.49  ?  605 HOH A O   1 
HETATM 1318 O  O   . HOH C 3 .   ? 0.291   2.069   17.636  1.00 51.58  ?  606 HOH A O   1 
HETATM 1319 O  O   . HOH C 3 .   ? -12.019 8.773   4.165   1.00 59.68  ?  607 HOH A O   1 
HETATM 1320 O  O   . HOH C 3 .   ? -0.934  8.320   -2.327  1.00 53.23  ?  608 HOH A O   1 
HETATM 1321 O  O   . HOH C 3 .   ? -19.625 1.923   -1.287  1.00 57.37  ?  609 HOH A O   1 
HETATM 1322 O  O   . HOH C 3 .   ? -0.713  -14.027 -13.991 1.00 66.18  ?  610 HOH A O   1 
HETATM 1323 O  O   . HOH C 3 .   ? -13.400 -15.521 -26.229 1.00 46.03  ?  611 HOH A O   1 
HETATM 1324 O  O   . HOH C 3 .   ? -9.950  -16.849 -10.658 1.00 46.14  ?  612 HOH A O   1 
HETATM 1325 O  O   . HOH C 3 .   ? -10.122 10.589  15.564  1.00 57.15  ?  613 HOH A O   1 
HETATM 1326 O  O   . HOH C 3 .   ? -7.578  -7.024  -18.323 1.00 61.64  ?  614 HOH A O   1 
HETATM 1327 O  O   . HOH C 3 .   ? 5.684   10.304  5.451   1.00 55.86  ?  615 HOH A O   1 
HETATM 1328 O  O   . HOH C 3 .   ? 11.268  -8.039  1.201   1.00 47.37  ?  616 HOH A O   1 
HETATM 1329 O  O   . HOH C 3 .   ? 3.688   -4.954  11.381  1.00 60.48  ?  617 HOH A O   1 
HETATM 1330 O  O   . HOH C 3 .   ? -18.158 -0.922  5.352   1.00 47.47  ?  618 HOH A O   1 
HETATM 1331 O  O   . HOH C 3 .   ? -6.664  -20.256 -10.754 1.00 45.62  ?  619 HOH A O   1 
HETATM 1332 O  O   . HOH C 3 .   ? -14.373 -19.124 -36.829 1.00 58.24  ?  620 HOH A O   1 
HETATM 1333 O  O   . HOH C 3 .   ? 10.706  -0.295  -11.031 1.00 48.59  ?  621 HOH A O   1 
HETATM 1334 O  O   . HOH C 3 .   ? -3.902  -10.250 -16.110 1.00 67.37  ?  622 HOH A O   1 
HETATM 1335 O  O   . HOH C 3 .   ? -7.841  -17.628 -8.744  1.00 57.23  ?  623 HOH A O   1 
HETATM 1336 O  O   . HOH C 3 .   ? 14.036  8.853   -7.923  1.00 50.00  ?  624 HOH A O   1 
HETATM 1337 O  O   . HOH C 3 .   ? 13.502  6.287   -7.825  1.00 50.00  ?  625 HOH A O   1 
HETATM 1338 O  O   . HOH C 3 .   ? -3.330  -17.942 -6.298  1.00 50.00  ?  626 HOH A O   1 
HETATM 1339 O  O   . HOH C 3 .   ? -4.062  -11.535 -3.515  1.00 50.00  ?  627 HOH A O   1 
# 
loop_
_pdbx_poly_seq_scheme.asym_id 
_pdbx_poly_seq_scheme.entity_id 
_pdbx_poly_seq_scheme.seq_id 
_pdbx_poly_seq_scheme.mon_id 
_pdbx_poly_seq_scheme.ndb_seq_num 
_pdbx_poly_seq_scheme.pdb_seq_num 
_pdbx_poly_seq_scheme.auth_seq_num 
_pdbx_poly_seq_scheme.pdb_mon_id 
_pdbx_poly_seq_scheme.auth_mon_id 
_pdbx_poly_seq_scheme.pdb_strand_id 
_pdbx_poly_seq_scheme.pdb_ins_code 
_pdbx_poly_seq_scheme.hetero 
A 1 1   GLY 1   315 ?   ?   ?   A . n 
A 1 2   HIS 2   316 ?   ?   ?   A . n 
A 1 3   MET 3   317 ?   ?   ?   A . n 
A 1 4   ARG 4   318 ?   ?   ?   A . n 
A 1 5   ILE 5   319 ?   ?   ?   A . n 
A 1 6   SER 6   320 ?   ?   ?   A . n 
A 1 7   SER 7   321 321 SER SER A . n 
A 1 8   SER 8   322 322 SER SER A . n 
A 1 9   PHE 9   323 323 PHE PHE A . n 
A 1 10  SER 10  324 324 SER SER A . n 
A 1 11  PHE 11  325 325 PHE PHE A . n 
A 1 12  GLY 12  326 326 GLY GLY A . n 
A 1 13  GLY 13  327 327 GLY GLY A . n 
A 1 14  PHE 14  328 328 PHE PHE A . n 
A 1 15  THR 15  329 329 THR THR A . n 
A 1 16  PHE 16  330 330 PHE PHE A . n 
A 1 17  LYS 17  331 331 LYS LYS A . n 
A 1 18  ARG 18  332 332 ARG ARG A . n 
A 1 19  THR 19  333 333 THR THR A . n 
A 1 20  SER 20  334 334 SER SER A . n 
A 1 21  GLY 21  335 335 GLY GLY A . n 
A 1 22  SER 22  336 336 SER SER A . n 
A 1 23  SER 23  337 337 SER SER A . n 
A 1 24  ILE 24  338 338 ILE ILE A . n 
A 1 25  LYS 25  339 339 LYS LYS A . n 
A 1 26  ARG 26  340 340 ARG ARG A . n 
A 1 27  GLU 27  341 341 GLU GLU A . n 
A 1 28  GLU 28  342 342 GLU GLU A . n 
A 1 29  GLU 29  343 343 GLU GLU A . n 
A 1 30  VAL 30  344 344 VAL VAL A . n 
A 1 31  LEU 31  345 345 LEU LEU A . n 
A 1 32  THR 32  346 346 THR THR A . n 
A 1 33  GLY 33  347 347 GLY GLY A . n 
A 1 34  ASN 34  348 348 ASN ASN A . n 
A 1 35  LEU 35  349 349 LEU LEU A . n 
A 1 36  GLN 36  350 350 GLN GLN A . n 
A 1 37  THR 37  351 351 THR THR A . n 
A 1 38  LEU 38  352 352 LEU LEU A . n 
A 1 39  LYS 39  353 353 LYS LYS A . n 
A 1 40  ILE 40  354 354 ILE ILE A . n 
A 1 41  ARG 41  355 355 ARG ARG A . n 
A 1 42  VAL 42  356 356 VAL VAL A . n 
A 1 43  HIS 43  357 357 HIS HIS A . n 
A 1 44  GLU 44  358 358 GLU GLU A . n 
A 1 45  GLY 45  359 359 GLY GLY A . n 
A 1 46  TYR 46  360 360 TYR TYR A . n 
A 1 47  GLU 47  361 361 GLU GLU A . n 
A 1 48  GLU 48  362 362 GLU GLU A . n 
A 1 49  PHE 49  363 363 PHE PHE A . n 
A 1 50  THR 50  364 364 THR THR A . n 
A 1 51  MET 51  365 365 MET MET A . n 
A 1 52  VAL 52  366 366 VAL VAL A . n 
A 1 53  GLY 53  367 367 GLY GLY A . n 
A 1 54  LYS 54  368 368 LYS LYS A . n 
A 1 55  ARG 55  369 369 ARG ARG A . n 
A 1 56  ALA 56  370 370 ALA ALA A . n 
A 1 57  THR 57  371 371 THR THR A . n 
A 1 58  ALA 58  372 372 ALA ALA A . n 
A 1 59  ILE 59  373 373 ILE ILE A . n 
A 1 60  LEU 60  374 374 LEU LEU A . n 
A 1 61  ARG 61  375 375 ARG ARG A . n 
A 1 62  LYS 62  376 376 LYS LYS A . n 
A 1 63  ALA 63  377 377 ALA ALA A . n 
A 1 64  THR 64  378 378 THR THR A . n 
A 1 65  ARG 65  379 379 ARG ARG A . n 
A 1 66  ARG 66  380 380 ARG ARG A . n 
A 1 67  LEU 67  381 381 LEU LEU A . n 
A 1 68  VAL 68  382 382 VAL VAL A . n 
A 1 69  GLN 69  383 383 GLN GLN A . n 
A 1 70  LEU 70  384 384 LEU LEU A . n 
A 1 71  ILE 71  385 385 ILE ILE A . n 
A 1 72  VAL 72  386 386 VAL VAL A . n 
A 1 73  SER 73  387 387 SER SER A . n 
A 1 74  GLY 74  388 388 GLY GLY A . n 
A 1 75  LYS 75  389 389 LYS LYS A . n 
A 1 76  ASP 76  390 390 ASP ASP A . n 
A 1 77  GLU 77  391 391 GLU GLU A . n 
A 1 78  GLN 78  392 392 GLN GLN A . n 
A 1 79  SER 79  393 393 SER SER A . n 
A 1 80  ILE 80  394 394 ILE ILE A . n 
A 1 81  ALA 81  395 395 ALA ALA A . n 
A 1 82  GLU 82  396 396 GLU GLU A . n 
A 1 83  ALA 83  397 397 ALA ALA A . n 
A 1 84  ILE 84  398 398 ILE ILE A . n 
A 1 85  ILE 85  399 399 ILE ILE A . n 
A 1 86  VAL 86  400 400 VAL VAL A . n 
A 1 87  ALA 87  401 401 ALA ALA A . n 
A 1 88  MET 88  402 402 MET MET A . n 
A 1 89  VAL 89  403 403 VAL VAL A . n 
A 1 90  PHE 90  404 404 PHE PHE A . n 
A 1 91  SER 91  405 405 SER SER A . n 
A 1 92  GLN 92  406 406 GLN GLN A . n 
A 1 93  GLU 93  407 407 GLU GLU A . n 
A 1 94  ASP 94  408 408 ASP ASP A . n 
A 1 95  CYS 95  409 409 CYS CYS A . n 
A 1 96  MET 96  410 410 MET MET A . n 
A 1 97  ILE 97  411 411 ILE ILE A . n 
A 1 98  LYS 98  412 412 LYS LYS A . n 
A 1 99  ALA 99  413 413 ALA ALA A . n 
A 1 100 VAL 100 414 414 VAL VAL A . n 
A 1 101 ARG 101 415 415 ARG ARG A . n 
A 1 102 GLY 102 416 416 GLY GLY A . n 
A 1 103 ASP 103 417 417 ASP ASP A . n 
A 1 104 LEU 104 418 418 LEU LEU A . n 
A 1 105 ASN 105 419 419 ASN ASN A . n 
A 1 106 PHE 106 420 420 PHE PHE A . n 
A 1 107 VAL 107 421 421 VAL VAL A . n 
A 1 108 ASN 108 422 422 ASN ASN A . n 
A 1 109 ARG 109 423 423 ARG ARG A . n 
A 1 110 ALA 110 424 424 ALA ALA A . n 
A 1 111 ASN 111 425 425 ASN ASN A . n 
A 1 112 GLN 112 426 426 GLN GLN A . n 
A 1 113 ARG 113 427 427 ARG ARG A . n 
A 1 114 LEU 114 428 428 LEU LEU A . n 
A 1 115 ASN 115 429 429 ASN ASN A . n 
A 1 116 PRO 116 430 430 PRO PRO A . n 
A 1 117 MET 117 431 431 MET MET A . n 
A 1 118 HIS 118 432 432 HIS HIS A . n 
A 1 119 GLN 119 433 433 GLN GLN A . n 
A 1 120 LEU 120 434 434 LEU LEU A . n 
A 1 121 LEU 121 435 435 LEU LEU A . n 
A 1 122 ARG 122 436 436 ARG ARG A . n 
A 1 123 HIS 123 437 437 HIS HIS A . n 
A 1 124 PHE 124 438 438 PHE PHE A . n 
A 1 125 GLN 125 439 439 GLN GLN A . n 
A 1 126 LYS 126 440 440 LYS LYS A . n 
A 1 127 ASP 127 441 441 ASP ASP A . n 
A 1 128 ALA 128 442 442 ALA ALA A . n 
A 1 129 LYS 129 443 443 LYS LYS A . n 
A 1 130 VAL 130 444 444 VAL VAL A . n 
A 1 131 LEU 131 445 445 LEU LEU A . n 
A 1 132 PHE 132 446 446 PHE PHE A . n 
A 1 133 GLN 133 447 447 GLN GLN A . n 
A 1 134 ASN 134 448 448 ASN ASN A . n 
A 1 135 TRP 135 449 449 TRP TRP A . n 
A 1 136 GLY 136 450 450 GLY GLY A . n 
A 1 137 ILE 137 451 451 ILE ILE A . n 
A 1 138 GLU 138 452 452 GLU GLU A . n 
A 1 139 HIS 139 453 453 HIS HIS A . n 
A 1 140 ILE 140 454 454 ILE ILE A . n 
A 1 141 ASP 141 455 455 ASP ASP A . n 
A 1 142 ASN 142 456 456 ASN ASN A . n 
A 1 143 VAL 143 457 457 VAL VAL A . n 
A 1 144 MET 144 458 458 MET MET A . n 
A 1 145 GLY 145 459 459 GLY GLY A . n 
A 1 146 MET 146 460 460 MET MET A . n 
A 1 147 VAL 147 461 461 VAL VAL A . n 
A 1 148 GLY 148 462 462 GLY GLY A . n 
A 1 149 VAL 149 463 463 VAL VAL A . n 
A 1 150 LEU 150 464 464 LEU LEU A . n 
A 1 151 PRO 151 465 465 PRO PRO A . n 
A 1 152 ASP 152 466 466 ASP ASP A . n 
A 1 153 MET 153 467 467 MET MET A . n 
A 1 154 THR 154 468 468 THR THR A . n 
A 1 155 PRO 155 469 469 PRO PRO A . n 
A 1 156 SER 156 470 470 SER SER A . n 
A 1 157 THR 157 471 471 THR THR A . n 
A 1 158 GLU 158 472 472 GLU GLU A . n 
A 1 159 MET 159 473 473 MET MET A . n 
A 1 160 SER 160 474 474 SER SER A . n 
A 1 161 MET 161 475 475 MET MET A . n 
A 1 162 ARG 162 476 476 ARG ARG A . n 
A 1 163 GLY 163 477 477 GLY GLY A . n 
A 1 164 ILE 164 478 478 ILE ILE A . n 
A 1 165 ARG 165 479 479 ARG ARG A . n 
A 1 166 VAL 166 480 480 VAL VAL A . n 
A 1 167 SER 167 481 481 SER SER A . n 
A 1 168 LYS 168 482 482 LYS LYS A . n 
A 1 169 MET 169 483 483 MET MET A . n 
# 
loop_
_pdbx_nonpoly_scheme.asym_id 
_pdbx_nonpoly_scheme.entity_id 
_pdbx_nonpoly_scheme.mon_id 
_pdbx_nonpoly_scheme.ndb_seq_num 
_pdbx_nonpoly_scheme.pdb_seq_num 
_pdbx_nonpoly_scheme.auth_seq_num 
_pdbx_nonpoly_scheme.pdb_mon_id 
_pdbx_nonpoly_scheme.auth_mon_id 
_pdbx_nonpoly_scheme.pdb_strand_id 
_pdbx_nonpoly_scheme.pdb_ins_code 
B 2 704 1  501 1   704 704 A . 
C 3 HOH 1  601 35  HOH HOH A . 
C 3 HOH 2  602 37  HOH HOH A . 
C 3 HOH 3  603 55  HOH HOH A . 
C 3 HOH 4  604 80  HOH HOH A . 
C 3 HOH 5  605 89  HOH HOH A . 
C 3 HOH 6  606 115 HOH HOH A . 
C 3 HOH 7  607 133 HOH HOH A . 
C 3 HOH 8  608 139 HOH HOH A . 
C 3 HOH 9  609 2   HOH HOH A . 
C 3 HOH 10 610 5   HOH HOH A . 
C 3 HOH 11 611 6   HOH HOH A . 
C 3 HOH 12 612 8   HOH HOH A . 
C 3 HOH 13 613 9   HOH HOH A . 
C 3 HOH 14 614 12  HOH HOH A . 
C 3 HOH 15 615 13  HOH HOH A . 
C 3 HOH 16 616 14  HOH HOH A . 
C 3 HOH 17 617 15  HOH HOH A . 
C 3 HOH 18 618 16  HOH HOH A . 
C 3 HOH 19 619 17  HOH HOH A . 
C 3 HOH 20 620 18  HOH HOH A . 
C 3 HOH 21 621 19  HOH HOH A . 
C 3 HOH 22 622 20  HOH HOH A . 
C 3 HOH 23 623 21  HOH HOH A . 
C 3 HOH 24 624 140 HOH HOH A . 
C 3 HOH 25 625 141 HOH HOH A . 
C 3 HOH 26 626 142 HOH HOH A . 
C 3 HOH 27 627 143 HOH HOH A . 
# 
_pdbx_struct_assembly.id                   1 
_pdbx_struct_assembly.details              author_and_software_defined_assembly 
_pdbx_struct_assembly.method_details       PISA 
_pdbx_struct_assembly.oligomeric_details   monomeric 
_pdbx_struct_assembly.oligomeric_count     1 
# 
_pdbx_struct_assembly_gen.assembly_id       1 
_pdbx_struct_assembly_gen.oper_expression   1 
_pdbx_struct_assembly_gen.asym_id_list      A,B,C 
# 
_pdbx_struct_oper_list.id                   1 
_pdbx_struct_oper_list.type                 'identity operation' 
_pdbx_struct_oper_list.name                 1_555 
_pdbx_struct_oper_list.symmetry_operation   x,y,z 
_pdbx_struct_oper_list.matrix[1][1]         1.0000000000 
_pdbx_struct_oper_list.matrix[1][2]         0.0000000000 
_pdbx_struct_oper_list.matrix[1][3]         0.0000000000 
_pdbx_struct_oper_list.vector[1]            0.0000000000 
_pdbx_struct_oper_list.matrix[2][1]         0.0000000000 
_pdbx_struct_oper_list.matrix[2][2]         1.0000000000 
_pdbx_struct_oper_list.matrix[2][3]         0.0000000000 
_pdbx_struct_oper_list.vector[2]            0.0000000000 
_pdbx_struct_oper_list.matrix[3][1]         0.0000000000 
_pdbx_struct_oper_list.matrix[3][2]         0.0000000000 
_pdbx_struct_oper_list.matrix[3][3]         1.0000000000 
_pdbx_struct_oper_list.vector[3]            0.0000000000 
# 
loop_
_pdbx_audit_revision_history.ordinal 
_pdbx_audit_revision_history.data_content_type 
_pdbx_audit_revision_history.major_revision 
_pdbx_audit_revision_history.minor_revision 
_pdbx_audit_revision_history.revision_date 
1 'Structure model' 1 0 2014-07-30 
2 'Structure model' 1 1 2014-08-06 
3 'Structure model' 1 2 2014-08-27 
4 'Structure model' 1 3 2023-09-20 
# 
_pdbx_audit_revision_details.ordinal             1 
_pdbx_audit_revision_details.revision_ordinal    1 
_pdbx_audit_revision_details.data_content_type   'Structure model' 
_pdbx_audit_revision_details.provider            repository 
_pdbx_audit_revision_details.type                'Initial release' 
_pdbx_audit_revision_details.description         ? 
_pdbx_audit_revision_details.details             ? 
# 
loop_
_pdbx_audit_revision_group.ordinal 
_pdbx_audit_revision_group.revision_ordinal 
_pdbx_audit_revision_group.data_content_type 
_pdbx_audit_revision_group.group 
1 2 'Structure model' 'Database references'    
2 3 'Structure model' 'Database references'    
3 4 'Structure model' 'Data collection'        
4 4 'Structure model' 'Database references'    
5 4 'Structure model' 'Derived calculations'   
6 4 'Structure model' 'Refinement description' 
# 
loop_
_pdbx_audit_revision_category.ordinal 
_pdbx_audit_revision_category.revision_ordinal 
_pdbx_audit_revision_category.data_content_type 
_pdbx_audit_revision_category.category 
1 4 'Structure model' chem_comp_atom                
2 4 'Structure model' chem_comp_bond                
3 4 'Structure model' database_2                    
4 4 'Structure model' pdbx_initial_refinement_model 
5 4 'Structure model' struct_ref_seq_dif            
6 4 'Structure model' struct_site                   
# 
loop_
_pdbx_audit_revision_item.ordinal 
_pdbx_audit_revision_item.revision_ordinal 
_pdbx_audit_revision_item.data_content_type 
_pdbx_audit_revision_item.item 
1 4 'Structure model' '_database_2.pdbx_DOI'                
2 4 'Structure model' '_database_2.pdbx_database_accession' 
3 4 'Structure model' '_struct_ref_seq_dif.details'         
4 4 'Structure model' '_struct_site.pdbx_auth_asym_id'      
5 4 'Structure model' '_struct_site.pdbx_auth_comp_id'      
6 4 'Structure model' '_struct_site.pdbx_auth_seq_id'       
# 
loop_
_software.name 
_software.classification 
_software.version 
_software.citation_id 
_software.pdbx_ordinal 
BUSTER refinement       2.11.2             ? 1 
global 'data reduction' 'phasing autoproc' ? 2 
global 'data scaling'   'phasing autoproc' ? 3 
# 
loop_
_pdbx_validate_close_contact.id 
_pdbx_validate_close_contact.PDB_model_num 
_pdbx_validate_close_contact.auth_atom_id_1 
_pdbx_validate_close_contact.auth_asym_id_1 
_pdbx_validate_close_contact.auth_comp_id_1 
_pdbx_validate_close_contact.auth_seq_id_1 
_pdbx_validate_close_contact.PDB_ins_code_1 
_pdbx_validate_close_contact.label_alt_id_1 
_pdbx_validate_close_contact.auth_atom_id_2 
_pdbx_validate_close_contact.auth_asym_id_2 
_pdbx_validate_close_contact.auth_comp_id_2 
_pdbx_validate_close_contact.auth_seq_id_2 
_pdbx_validate_close_contact.PDB_ins_code_2 
_pdbx_validate_close_contact.label_alt_id_2 
_pdbx_validate_close_contact.dist 
1 1 CD1 A LEU 428 ? ? OE1 A GLN 433 ? ? 1.59 
2 1 NH2 A ARG 415 ? ? O   A HOH 606 ? ? 2.11 
# 
_pdbx_validate_torsion.id              1 
_pdbx_validate_torsion.PDB_model_num   1 
_pdbx_validate_torsion.auth_comp_id    ASP 
_pdbx_validate_torsion.auth_asym_id    A 
_pdbx_validate_torsion.auth_seq_id     441 
_pdbx_validate_torsion.PDB_ins_code    ? 
_pdbx_validate_torsion.label_alt_id    ? 
_pdbx_validate_torsion.phi             -162.50 
_pdbx_validate_torsion.psi             110.71 
# 
loop_
_pdbx_unobs_or_zero_occ_atoms.id 
_pdbx_unobs_or_zero_occ_atoms.PDB_model_num 
_pdbx_unobs_or_zero_occ_atoms.polymer_flag 
_pdbx_unobs_or_zero_occ_atoms.occupancy_flag 
_pdbx_unobs_or_zero_occ_atoms.auth_asym_id 
_pdbx_unobs_or_zero_occ_atoms.auth_comp_id 
_pdbx_unobs_or_zero_occ_atoms.auth_seq_id 
_pdbx_unobs_or_zero_occ_atoms.PDB_ins_code 
_pdbx_unobs_or_zero_occ_atoms.auth_atom_id 
_pdbx_unobs_or_zero_occ_atoms.label_alt_id 
_pdbx_unobs_or_zero_occ_atoms.label_asym_id 
_pdbx_unobs_or_zero_occ_atoms.label_comp_id 
_pdbx_unobs_or_zero_occ_atoms.label_seq_id 
_pdbx_unobs_or_zero_occ_atoms.label_atom_id 
1 1 Y 1 A ASN 422 ? CG  ? A ASN 108 CG  
2 1 Y 1 A ASN 422 ? OD1 ? A ASN 108 OD1 
3 1 Y 1 A ASN 422 ? ND2 ? A ASN 108 ND2 
# 
loop_
_pdbx_unobs_or_zero_occ_residues.id 
_pdbx_unobs_or_zero_occ_residues.PDB_model_num 
_pdbx_unobs_or_zero_occ_residues.polymer_flag 
_pdbx_unobs_or_zero_occ_residues.occupancy_flag 
_pdbx_unobs_or_zero_occ_residues.auth_asym_id 
_pdbx_unobs_or_zero_occ_residues.auth_comp_id 
_pdbx_unobs_or_zero_occ_residues.auth_seq_id 
_pdbx_unobs_or_zero_occ_residues.PDB_ins_code 
_pdbx_unobs_or_zero_occ_residues.label_asym_id 
_pdbx_unobs_or_zero_occ_residues.label_comp_id 
_pdbx_unobs_or_zero_occ_residues.label_seq_id 
1 1 Y 1 A GLY 315 ? A GLY 1 
2 1 Y 1 A HIS 316 ? A HIS 2 
3 1 Y 1 A MET 317 ? A MET 3 
4 1 Y 1 A ARG 318 ? A ARG 4 
5 1 Y 1 A ILE 319 ? A ILE 5 
6 1 Y 1 A SER 320 ? A SER 6 
# 
loop_
_chem_comp_atom.comp_id 
_chem_comp_atom.atom_id 
_chem_comp_atom.type_symbol 
_chem_comp_atom.pdbx_aromatic_flag 
_chem_comp_atom.pdbx_stereo_config 
_chem_comp_atom.pdbx_ordinal 
704 CL1  CL N N 1   
704 C1   C  N N 2   
704 C2   C  N S 3   
704 C4   C  N N 4   
704 O5   O  N N 5   
704 N6   N  N N 6   
704 C7   C  N N 7   
704 C8   C  N N 8   
704 N9   N  N N 9   
704 C10  C  Y N 10  
704 C11  C  Y N 11  
704 C12  C  Y N 12  
704 N13  N  Y N 13  
704 C14  C  Y N 14  
704 N15  N  Y N 15  
704 C16  C  Y N 16  
704 C17  C  Y N 17  
704 N18  N  Y N 18  
704 C20  C  Y N 19  
704 C21  C  Y N 20  
704 C22  C  Y N 21  
704 C23  C  Y N 22  
704 C24  C  Y N 23  
704 N25  N  Y N 24  
704 F27  F  N N 25  
704 H1   H  N N 26  
704 H2   H  N N 27  
704 H3   H  N N 28  
704 H4   H  N N 29  
704 H5   H  N N 30  
704 H6   H  N N 31  
704 H7   H  N N 32  
704 H8   H  N N 33  
704 H9   H  N N 34  
704 H10  H  N N 35  
704 H11  H  N N 36  
704 H12  H  N N 37  
704 H13  H  N N 38  
704 H14  H  N N 39  
704 H15  H  N N 40  
704 H16  H  N N 41  
ALA N    N  N N 42  
ALA CA   C  N S 43  
ALA C    C  N N 44  
ALA O    O  N N 45  
ALA CB   C  N N 46  
ALA OXT  O  N N 47  
ALA H    H  N N 48  
ALA H2   H  N N 49  
ALA HA   H  N N 50  
ALA HB1  H  N N 51  
ALA HB2  H  N N 52  
ALA HB3  H  N N 53  
ALA HXT  H  N N 54  
ARG N    N  N N 55  
ARG CA   C  N S 56  
ARG C    C  N N 57  
ARG O    O  N N 58  
ARG CB   C  N N 59  
ARG CG   C  N N 60  
ARG CD   C  N N 61  
ARG NE   N  N N 62  
ARG CZ   C  N N 63  
ARG NH1  N  N N 64  
ARG NH2  N  N N 65  
ARG OXT  O  N N 66  
ARG H    H  N N 67  
ARG H2   H  N N 68  
ARG HA   H  N N 69  
ARG HB2  H  N N 70  
ARG HB3  H  N N 71  
ARG HG2  H  N N 72  
ARG HG3  H  N N 73  
ARG HD2  H  N N 74  
ARG HD3  H  N N 75  
ARG HE   H  N N 76  
ARG HH11 H  N N 77  
ARG HH12 H  N N 78  
ARG HH21 H  N N 79  
ARG HH22 H  N N 80  
ARG HXT  H  N N 81  
ASN N    N  N N 82  
ASN CA   C  N S 83  
ASN C    C  N N 84  
ASN O    O  N N 85  
ASN CB   C  N N 86  
ASN CG   C  N N 87  
ASN OD1  O  N N 88  
ASN ND2  N  N N 89  
ASN OXT  O  N N 90  
ASN H    H  N N 91  
ASN H2   H  N N 92  
ASN HA   H  N N 93  
ASN HB2  H  N N 94  
ASN HB3  H  N N 95  
ASN HD21 H  N N 96  
ASN HD22 H  N N 97  
ASN HXT  H  N N 98  
ASP N    N  N N 99  
ASP CA   C  N S 100 
ASP C    C  N N 101 
ASP O    O  N N 102 
ASP CB   C  N N 103 
ASP CG   C  N N 104 
ASP OD1  O  N N 105 
ASP OD2  O  N N 106 
ASP OXT  O  N N 107 
ASP H    H  N N 108 
ASP H2   H  N N 109 
ASP HA   H  N N 110 
ASP HB2  H  N N 111 
ASP HB3  H  N N 112 
ASP HD2  H  N N 113 
ASP HXT  H  N N 114 
CYS N    N  N N 115 
CYS CA   C  N R 116 
CYS C    C  N N 117 
CYS O    O  N N 118 
CYS CB   C  N N 119 
CYS SG   S  N N 120 
CYS OXT  O  N N 121 
CYS H    H  N N 122 
CYS H2   H  N N 123 
CYS HA   H  N N 124 
CYS HB2  H  N N 125 
CYS HB3  H  N N 126 
CYS HG   H  N N 127 
CYS HXT  H  N N 128 
GLN N    N  N N 129 
GLN CA   C  N S 130 
GLN C    C  N N 131 
GLN O    O  N N 132 
GLN CB   C  N N 133 
GLN CG   C  N N 134 
GLN CD   C  N N 135 
GLN OE1  O  N N 136 
GLN NE2  N  N N 137 
GLN OXT  O  N N 138 
GLN H    H  N N 139 
GLN H2   H  N N 140 
GLN HA   H  N N 141 
GLN HB2  H  N N 142 
GLN HB3  H  N N 143 
GLN HG2  H  N N 144 
GLN HG3  H  N N 145 
GLN HE21 H  N N 146 
GLN HE22 H  N N 147 
GLN HXT  H  N N 148 
GLU N    N  N N 149 
GLU CA   C  N S 150 
GLU C    C  N N 151 
GLU O    O  N N 152 
GLU CB   C  N N 153 
GLU CG   C  N N 154 
GLU CD   C  N N 155 
GLU OE1  O  N N 156 
GLU OE2  O  N N 157 
GLU OXT  O  N N 158 
GLU H    H  N N 159 
GLU H2   H  N N 160 
GLU HA   H  N N 161 
GLU HB2  H  N N 162 
GLU HB3  H  N N 163 
GLU HG2  H  N N 164 
GLU HG3  H  N N 165 
GLU HE2  H  N N 166 
GLU HXT  H  N N 167 
GLY N    N  N N 168 
GLY CA   C  N N 169 
GLY C    C  N N 170 
GLY O    O  N N 171 
GLY OXT  O  N N 172 
GLY H    H  N N 173 
GLY H2   H  N N 174 
GLY HA2  H  N N 175 
GLY HA3  H  N N 176 
GLY HXT  H  N N 177 
HIS N    N  N N 178 
HIS CA   C  N S 179 
HIS C    C  N N 180 
HIS O    O  N N 181 
HIS CB   C  N N 182 
HIS CG   C  Y N 183 
HIS ND1  N  Y N 184 
HIS CD2  C  Y N 185 
HIS CE1  C  Y N 186 
HIS NE2  N  Y N 187 
HIS OXT  O  N N 188 
HIS H    H  N N 189 
HIS H2   H  N N 190 
HIS HA   H  N N 191 
HIS HB2  H  N N 192 
HIS HB3  H  N N 193 
HIS HD1  H  N N 194 
HIS HD2  H  N N 195 
HIS HE1  H  N N 196 
HIS HE2  H  N N 197 
HIS HXT  H  N N 198 
HOH O    O  N N 199 
HOH H1   H  N N 200 
HOH H2   H  N N 201 
ILE N    N  N N 202 
ILE CA   C  N S 203 
ILE C    C  N N 204 
ILE O    O  N N 205 
ILE CB   C  N S 206 
ILE CG1  C  N N 207 
ILE CG2  C  N N 208 
ILE CD1  C  N N 209 
ILE OXT  O  N N 210 
ILE H    H  N N 211 
ILE H2   H  N N 212 
ILE HA   H  N N 213 
ILE HB   H  N N 214 
ILE HG12 H  N N 215 
ILE HG13 H  N N 216 
ILE HG21 H  N N 217 
ILE HG22 H  N N 218 
ILE HG23 H  N N 219 
ILE HD11 H  N N 220 
ILE HD12 H  N N 221 
ILE HD13 H  N N 222 
ILE HXT  H  N N 223 
LEU N    N  N N 224 
LEU CA   C  N S 225 
LEU C    C  N N 226 
LEU O    O  N N 227 
LEU CB   C  N N 228 
LEU CG   C  N N 229 
LEU CD1  C  N N 230 
LEU CD2  C  N N 231 
LEU OXT  O  N N 232 
LEU H    H  N N 233 
LEU H2   H  N N 234 
LEU HA   H  N N 235 
LEU HB2  H  N N 236 
LEU HB3  H  N N 237 
LEU HG   H  N N 238 
LEU HD11 H  N N 239 
LEU HD12 H  N N 240 
LEU HD13 H  N N 241 
LEU HD21 H  N N 242 
LEU HD22 H  N N 243 
LEU HD23 H  N N 244 
LEU HXT  H  N N 245 
LYS N    N  N N 246 
LYS CA   C  N S 247 
LYS C    C  N N 248 
LYS O    O  N N 249 
LYS CB   C  N N 250 
LYS CG   C  N N 251 
LYS CD   C  N N 252 
LYS CE   C  N N 253 
LYS NZ   N  N N 254 
LYS OXT  O  N N 255 
LYS H    H  N N 256 
LYS H2   H  N N 257 
LYS HA   H  N N 258 
LYS HB2  H  N N 259 
LYS HB3  H  N N 260 
LYS HG2  H  N N 261 
LYS HG3  H  N N 262 
LYS HD2  H  N N 263 
LYS HD3  H  N N 264 
LYS HE2  H  N N 265 
LYS HE3  H  N N 266 
LYS HZ1  H  N N 267 
LYS HZ2  H  N N 268 
LYS HZ3  H  N N 269 
LYS HXT  H  N N 270 
MET N    N  N N 271 
MET CA   C  N S 272 
MET C    C  N N 273 
MET O    O  N N 274 
MET CB   C  N N 275 
MET CG   C  N N 276 
MET SD   S  N N 277 
MET CE   C  N N 278 
MET OXT  O  N N 279 
MET H    H  N N 280 
MET H2   H  N N 281 
MET HA   H  N N 282 
MET HB2  H  N N 283 
MET HB3  H  N N 284 
MET HG2  H  N N 285 
MET HG3  H  N N 286 
MET HE1  H  N N 287 
MET HE2  H  N N 288 
MET HE3  H  N N 289 
MET HXT  H  N N 290 
PHE N    N  N N 291 
PHE CA   C  N S 292 
PHE C    C  N N 293 
PHE O    O  N N 294 
PHE CB   C  N N 295 
PHE CG   C  Y N 296 
PHE CD1  C  Y N 297 
PHE CD2  C  Y N 298 
PHE CE1  C  Y N 299 
PHE CE2  C  Y N 300 
PHE CZ   C  Y N 301 
PHE OXT  O  N N 302 
PHE H    H  N N 303 
PHE H2   H  N N 304 
PHE HA   H  N N 305 
PHE HB2  H  N N 306 
PHE HB3  H  N N 307 
PHE HD1  H  N N 308 
PHE HD2  H  N N 309 
PHE HE1  H  N N 310 
PHE HE2  H  N N 311 
PHE HZ   H  N N 312 
PHE HXT  H  N N 313 
PRO N    N  N N 314 
PRO CA   C  N S 315 
PRO C    C  N N 316 
PRO O    O  N N 317 
PRO CB   C  N N 318 
PRO CG   C  N N 319 
PRO CD   C  N N 320 
PRO OXT  O  N N 321 
PRO H    H  N N 322 
PRO HA   H  N N 323 
PRO HB2  H  N N 324 
PRO HB3  H  N N 325 
PRO HG2  H  N N 326 
PRO HG3  H  N N 327 
PRO HD2  H  N N 328 
PRO HD3  H  N N 329 
PRO HXT  H  N N 330 
SER N    N  N N 331 
SER CA   C  N S 332 
SER C    C  N N 333 
SER O    O  N N 334 
SER CB   C  N N 335 
SER OG   O  N N 336 
SER OXT  O  N N 337 
SER H    H  N N 338 
SER H2   H  N N 339 
SER HA   H  N N 340 
SER HB2  H  N N 341 
SER HB3  H  N N 342 
SER HG   H  N N 343 
SER HXT  H  N N 344 
THR N    N  N N 345 
THR CA   C  N S 346 
THR C    C  N N 347 
THR O    O  N N 348 
THR CB   C  N R 349 
THR OG1  O  N N 350 
THR CG2  C  N N 351 
THR OXT  O  N N 352 
THR H    H  N N 353 
THR H2   H  N N 354 
THR HA   H  N N 355 
THR HB   H  N N 356 
THR HG1  H  N N 357 
THR HG21 H  N N 358 
THR HG22 H  N N 359 
THR HG23 H  N N 360 
THR HXT  H  N N 361 
TRP N    N  N N 362 
TRP CA   C  N S 363 
TRP C    C  N N 364 
TRP O    O  N N 365 
TRP CB   C  N N 366 
TRP CG   C  Y N 367 
TRP CD1  C  Y N 368 
TRP CD2  C  Y N 369 
TRP NE1  N  Y N 370 
TRP CE2  C  Y N 371 
TRP CE3  C  Y N 372 
TRP CZ2  C  Y N 373 
TRP CZ3  C  Y N 374 
TRP CH2  C  Y N 375 
TRP OXT  O  N N 376 
TRP H    H  N N 377 
TRP H2   H  N N 378 
TRP HA   H  N N 379 
TRP HB2  H  N N 380 
TRP HB3  H  N N 381 
TRP HD1  H  N N 382 
TRP HE1  H  N N 383 
TRP HE3  H  N N 384 
TRP HZ2  H  N N 385 
TRP HZ3  H  N N 386 
TRP HH2  H  N N 387 
TRP HXT  H  N N 388 
TYR N    N  N N 389 
TYR CA   C  N S 390 
TYR C    C  N N 391 
TYR O    O  N N 392 
TYR CB   C  N N 393 
TYR CG   C  Y N 394 
TYR CD1  C  Y N 395 
TYR CD2  C  Y N 396 
TYR CE1  C  Y N 397 
TYR CE2  C  Y N 398 
TYR CZ   C  Y N 399 
TYR OH   O  N N 400 
TYR OXT  O  N N 401 
TYR H    H  N N 402 
TYR H2   H  N N 403 
TYR HA   H  N N 404 
TYR HB2  H  N N 405 
TYR HB3  H  N N 406 
TYR HD1  H  N N 407 
TYR HD2  H  N N 408 
TYR HE1  H  N N 409 
TYR HE2  H  N N 410 
TYR HH   H  N N 411 
TYR HXT  H  N N 412 
VAL N    N  N N 413 
VAL CA   C  N S 414 
VAL C    C  N N 415 
VAL O    O  N N 416 
VAL CB   C  N N 417 
VAL CG1  C  N N 418 
VAL CG2  C  N N 419 
VAL OXT  O  N N 420 
VAL H    H  N N 421 
VAL H2   H  N N 422 
VAL HA   H  N N 423 
VAL HB   H  N N 424 
VAL HG11 H  N N 425 
VAL HG12 H  N N 426 
VAL HG13 H  N N 427 
VAL HG21 H  N N 428 
VAL HG22 H  N N 429 
VAL HG23 H  N N 430 
VAL HXT  H  N N 431 
# 
loop_
_chem_comp_bond.comp_id 
_chem_comp_bond.atom_id_1 
_chem_comp_bond.atom_id_2 
_chem_comp_bond.value_order 
_chem_comp_bond.pdbx_aromatic_flag 
_chem_comp_bond.pdbx_stereo_config 
_chem_comp_bond.pdbx_ordinal 
704 N18 C20  sing Y N 1   
704 N18 C17  sing Y N 2   
704 N25 C20  doub Y N 3   
704 N25 C24  sing Y N 4   
704 C20 C21  sing Y N 5   
704 C17 C16  doub Y N 6   
704 C24 C23  doub Y N 7   
704 C21 C16  sing Y N 8   
704 C21 C22  doub Y N 9   
704 C16 C14  sing N N 10  
704 C23 C22  sing Y N 11  
704 C23 CL1  sing N N 12  
704 N13 C14  doub Y N 13  
704 N13 C12  sing Y N 14  
704 C14 N15  sing Y N 15  
704 C12 C11  doub Y N 16  
704 N15 C10  doub Y N 17  
704 C11 C10  sing Y N 18  
704 C11 F27  sing N N 19  
704 C10 N9   sing N N 20  
704 C7  N6   sing N N 21  
704 O5  C4   doub N N 22  
704 N6  C4   sing N N 23  
704 N6  C8   sing N N 24  
704 N9  C2   sing N N 25  
704 C4  C2   sing N N 26  
704 C2  C1   sing N N 27  
704 C1  H1   sing N N 28  
704 C1  H2   sing N N 29  
704 C1  H3   sing N N 30  
704 C2  H4   sing N N 31  
704 C7  H5   sing N N 32  
704 C7  H6   sing N N 33  
704 C7  H7   sing N N 34  
704 C8  H8   sing N N 35  
704 C8  H9   sing N N 36  
704 C8  H10  sing N N 37  
704 N9  H11  sing N N 38  
704 C12 H12  sing N N 39  
704 C17 H13  sing N N 40  
704 N18 H14  sing N N 41  
704 C22 H15  sing N N 42  
704 C24 H16  sing N N 43  
ALA N   CA   sing N N 44  
ALA N   H    sing N N 45  
ALA N   H2   sing N N 46  
ALA CA  C    sing N N 47  
ALA CA  CB   sing N N 48  
ALA CA  HA   sing N N 49  
ALA C   O    doub N N 50  
ALA C   OXT  sing N N 51  
ALA CB  HB1  sing N N 52  
ALA CB  HB2  sing N N 53  
ALA CB  HB3  sing N N 54  
ALA OXT HXT  sing N N 55  
ARG N   CA   sing N N 56  
ARG N   H    sing N N 57  
ARG N   H2   sing N N 58  
ARG CA  C    sing N N 59  
ARG CA  CB   sing N N 60  
ARG CA  HA   sing N N 61  
ARG C   O    doub N N 62  
ARG C   OXT  sing N N 63  
ARG CB  CG   sing N N 64  
ARG CB  HB2  sing N N 65  
ARG CB  HB3  sing N N 66  
ARG CG  CD   sing N N 67  
ARG CG  HG2  sing N N 68  
ARG CG  HG3  sing N N 69  
ARG CD  NE   sing N N 70  
ARG CD  HD2  sing N N 71  
ARG CD  HD3  sing N N 72  
ARG NE  CZ   sing N N 73  
ARG NE  HE   sing N N 74  
ARG CZ  NH1  sing N N 75  
ARG CZ  NH2  doub N N 76  
ARG NH1 HH11 sing N N 77  
ARG NH1 HH12 sing N N 78  
ARG NH2 HH21 sing N N 79  
ARG NH2 HH22 sing N N 80  
ARG OXT HXT  sing N N 81  
ASN N   CA   sing N N 82  
ASN N   H    sing N N 83  
ASN N   H2   sing N N 84  
ASN CA  C    sing N N 85  
ASN CA  CB   sing N N 86  
ASN CA  HA   sing N N 87  
ASN C   O    doub N N 88  
ASN C   OXT  sing N N 89  
ASN CB  CG   sing N N 90  
ASN CB  HB2  sing N N 91  
ASN CB  HB3  sing N N 92  
ASN CG  OD1  doub N N 93  
ASN CG  ND2  sing N N 94  
ASN ND2 HD21 sing N N 95  
ASN ND2 HD22 sing N N 96  
ASN OXT HXT  sing N N 97  
ASP N   CA   sing N N 98  
ASP N   H    sing N N 99  
ASP N   H2   sing N N 100 
ASP CA  C    sing N N 101 
ASP CA  CB   sing N N 102 
ASP CA  HA   sing N N 103 
ASP C   O    doub N N 104 
ASP C   OXT  sing N N 105 
ASP CB  CG   sing N N 106 
ASP CB  HB2  sing N N 107 
ASP CB  HB3  sing N N 108 
ASP CG  OD1  doub N N 109 
ASP CG  OD2  sing N N 110 
ASP OD2 HD2  sing N N 111 
ASP OXT HXT  sing N N 112 
CYS N   CA   sing N N 113 
CYS N   H    sing N N 114 
CYS N   H2   sing N N 115 
CYS CA  C    sing N N 116 
CYS CA  CB   sing N N 117 
CYS CA  HA   sing N N 118 
CYS C   O    doub N N 119 
CYS C   OXT  sing N N 120 
CYS CB  SG   sing N N 121 
CYS CB  HB2  sing N N 122 
CYS CB  HB3  sing N N 123 
CYS SG  HG   sing N N 124 
CYS OXT HXT  sing N N 125 
GLN N   CA   sing N N 126 
GLN N   H    sing N N 127 
GLN N   H2   sing N N 128 
GLN CA  C    sing N N 129 
GLN CA  CB   sing N N 130 
GLN CA  HA   sing N N 131 
GLN C   O    doub N N 132 
GLN C   OXT  sing N N 133 
GLN CB  CG   sing N N 134 
GLN CB  HB2  sing N N 135 
GLN CB  HB3  sing N N 136 
GLN CG  CD   sing N N 137 
GLN CG  HG2  sing N N 138 
GLN CG  HG3  sing N N 139 
GLN CD  OE1  doub N N 140 
GLN CD  NE2  sing N N 141 
GLN NE2 HE21 sing N N 142 
GLN NE2 HE22 sing N N 143 
GLN OXT HXT  sing N N 144 
GLU N   CA   sing N N 145 
GLU N   H    sing N N 146 
GLU N   H2   sing N N 147 
GLU CA  C    sing N N 148 
GLU CA  CB   sing N N 149 
GLU CA  HA   sing N N 150 
GLU C   O    doub N N 151 
GLU C   OXT  sing N N 152 
GLU CB  CG   sing N N 153 
GLU CB  HB2  sing N N 154 
GLU CB  HB3  sing N N 155 
GLU CG  CD   sing N N 156 
GLU CG  HG2  sing N N 157 
GLU CG  HG3  sing N N 158 
GLU CD  OE1  doub N N 159 
GLU CD  OE2  sing N N 160 
GLU OE2 HE2  sing N N 161 
GLU OXT HXT  sing N N 162 
GLY N   CA   sing N N 163 
GLY N   H    sing N N 164 
GLY N   H2   sing N N 165 
GLY CA  C    sing N N 166 
GLY CA  HA2  sing N N 167 
GLY CA  HA3  sing N N 168 
GLY C   O    doub N N 169 
GLY C   OXT  sing N N 170 
GLY OXT HXT  sing N N 171 
HIS N   CA   sing N N 172 
HIS N   H    sing N N 173 
HIS N   H2   sing N N 174 
HIS CA  C    sing N N 175 
HIS CA  CB   sing N N 176 
HIS CA  HA   sing N N 177 
HIS C   O    doub N N 178 
HIS C   OXT  sing N N 179 
HIS CB  CG   sing N N 180 
HIS CB  HB2  sing N N 181 
HIS CB  HB3  sing N N 182 
HIS CG  ND1  sing Y N 183 
HIS CG  CD2  doub Y N 184 
HIS ND1 CE1  doub Y N 185 
HIS ND1 HD1  sing N N 186 
HIS CD2 NE2  sing Y N 187 
HIS CD2 HD2  sing N N 188 
HIS CE1 NE2  sing Y N 189 
HIS CE1 HE1  sing N N 190 
HIS NE2 HE2  sing N N 191 
HIS OXT HXT  sing N N 192 
HOH O   H1   sing N N 193 
HOH O   H2   sing N N 194 
ILE N   CA   sing N N 195 
ILE N   H    sing N N 196 
ILE N   H2   sing N N 197 
ILE CA  C    sing N N 198 
ILE CA  CB   sing N N 199 
ILE CA  HA   sing N N 200 
ILE C   O    doub N N 201 
ILE C   OXT  sing N N 202 
ILE CB  CG1  sing N N 203 
ILE CB  CG2  sing N N 204 
ILE CB  HB   sing N N 205 
ILE CG1 CD1  sing N N 206 
ILE CG1 HG12 sing N N 207 
ILE CG1 HG13 sing N N 208 
ILE CG2 HG21 sing N N 209 
ILE CG2 HG22 sing N N 210 
ILE CG2 HG23 sing N N 211 
ILE CD1 HD11 sing N N 212 
ILE CD1 HD12 sing N N 213 
ILE CD1 HD13 sing N N 214 
ILE OXT HXT  sing N N 215 
LEU N   CA   sing N N 216 
LEU N   H    sing N N 217 
LEU N   H2   sing N N 218 
LEU CA  C    sing N N 219 
LEU CA  CB   sing N N 220 
LEU CA  HA   sing N N 221 
LEU C   O    doub N N 222 
LEU C   OXT  sing N N 223 
LEU CB  CG   sing N N 224 
LEU CB  HB2  sing N N 225 
LEU CB  HB3  sing N N 226 
LEU CG  CD1  sing N N 227 
LEU CG  CD2  sing N N 228 
LEU CG  HG   sing N N 229 
LEU CD1 HD11 sing N N 230 
LEU CD1 HD12 sing N N 231 
LEU CD1 HD13 sing N N 232 
LEU CD2 HD21 sing N N 233 
LEU CD2 HD22 sing N N 234 
LEU CD2 HD23 sing N N 235 
LEU OXT HXT  sing N N 236 
LYS N   CA   sing N N 237 
LYS N   H    sing N N 238 
LYS N   H2   sing N N 239 
LYS CA  C    sing N N 240 
LYS CA  CB   sing N N 241 
LYS CA  HA   sing N N 242 
LYS C   O    doub N N 243 
LYS C   OXT  sing N N 244 
LYS CB  CG   sing N N 245 
LYS CB  HB2  sing N N 246 
LYS CB  HB3  sing N N 247 
LYS CG  CD   sing N N 248 
LYS CG  HG2  sing N N 249 
LYS CG  HG3  sing N N 250 
LYS CD  CE   sing N N 251 
LYS CD  HD2  sing N N 252 
LYS CD  HD3  sing N N 253 
LYS CE  NZ   sing N N 254 
LYS CE  HE2  sing N N 255 
LYS CE  HE3  sing N N 256 
LYS NZ  HZ1  sing N N 257 
LYS NZ  HZ2  sing N N 258 
LYS NZ  HZ3  sing N N 259 
LYS OXT HXT  sing N N 260 
MET N   CA   sing N N 261 
MET N   H    sing N N 262 
MET N   H2   sing N N 263 
MET CA  C    sing N N 264 
MET CA  CB   sing N N 265 
MET CA  HA   sing N N 266 
MET C   O    doub N N 267 
MET C   OXT  sing N N 268 
MET CB  CG   sing N N 269 
MET CB  HB2  sing N N 270 
MET CB  HB3  sing N N 271 
MET CG  SD   sing N N 272 
MET CG  HG2  sing N N 273 
MET CG  HG3  sing N N 274 
MET SD  CE   sing N N 275 
MET CE  HE1  sing N N 276 
MET CE  HE2  sing N N 277 
MET CE  HE3  sing N N 278 
MET OXT HXT  sing N N 279 
PHE N   CA   sing N N 280 
PHE N   H    sing N N 281 
PHE N   H2   sing N N 282 
PHE CA  C    sing N N 283 
PHE CA  CB   sing N N 284 
PHE CA  HA   sing N N 285 
PHE C   O    doub N N 286 
PHE C   OXT  sing N N 287 
PHE CB  CG   sing N N 288 
PHE CB  HB2  sing N N 289 
PHE CB  HB3  sing N N 290 
PHE CG  CD1  doub Y N 291 
PHE CG  CD2  sing Y N 292 
PHE CD1 CE1  sing Y N 293 
PHE CD1 HD1  sing N N 294 
PHE CD2 CE2  doub Y N 295 
PHE CD2 HD2  sing N N 296 
PHE CE1 CZ   doub Y N 297 
PHE CE1 HE1  sing N N 298 
PHE CE2 CZ   sing Y N 299 
PHE CE2 HE2  sing N N 300 
PHE CZ  HZ   sing N N 301 
PHE OXT HXT  sing N N 302 
PRO N   CA   sing N N 303 
PRO N   CD   sing N N 304 
PRO N   H    sing N N 305 
PRO CA  C    sing N N 306 
PRO CA  CB   sing N N 307 
PRO CA  HA   sing N N 308 
PRO C   O    doub N N 309 
PRO C   OXT  sing N N 310 
PRO CB  CG   sing N N 311 
PRO CB  HB2  sing N N 312 
PRO CB  HB3  sing N N 313 
PRO CG  CD   sing N N 314 
PRO CG  HG2  sing N N 315 
PRO CG  HG3  sing N N 316 
PRO CD  HD2  sing N N 317 
PRO CD  HD3  sing N N 318 
PRO OXT HXT  sing N N 319 
SER N   CA   sing N N 320 
SER N   H    sing N N 321 
SER N   H2   sing N N 322 
SER CA  C    sing N N 323 
SER CA  CB   sing N N 324 
SER CA  HA   sing N N 325 
SER C   O    doub N N 326 
SER C   OXT  sing N N 327 
SER CB  OG   sing N N 328 
SER CB  HB2  sing N N 329 
SER CB  HB3  sing N N 330 
SER OG  HG   sing N N 331 
SER OXT HXT  sing N N 332 
THR N   CA   sing N N 333 
THR N   H    sing N N 334 
THR N   H2   sing N N 335 
THR CA  C    sing N N 336 
THR CA  CB   sing N N 337 
THR CA  HA   sing N N 338 
THR C   O    doub N N 339 
THR C   OXT  sing N N 340 
THR CB  OG1  sing N N 341 
THR CB  CG2  sing N N 342 
THR CB  HB   sing N N 343 
THR OG1 HG1  sing N N 344 
THR CG2 HG21 sing N N 345 
THR CG2 HG22 sing N N 346 
THR CG2 HG23 sing N N 347 
THR OXT HXT  sing N N 348 
TRP N   CA   sing N N 349 
TRP N   H    sing N N 350 
TRP N   H2   sing N N 351 
TRP CA  C    sing N N 352 
TRP CA  CB   sing N N 353 
TRP CA  HA   sing N N 354 
TRP C   O    doub N N 355 
TRP C   OXT  sing N N 356 
TRP CB  CG   sing N N 357 
TRP CB  HB2  sing N N 358 
TRP CB  HB3  sing N N 359 
TRP CG  CD1  doub Y N 360 
TRP CG  CD2  sing Y N 361 
TRP CD1 NE1  sing Y N 362 
TRP CD1 HD1  sing N N 363 
TRP CD2 CE2  doub Y N 364 
TRP CD2 CE3  sing Y N 365 
TRP NE1 CE2  sing Y N 366 
TRP NE1 HE1  sing N N 367 
TRP CE2 CZ2  sing Y N 368 
TRP CE3 CZ3  doub Y N 369 
TRP CE3 HE3  sing N N 370 
TRP CZ2 CH2  doub Y N 371 
TRP CZ2 HZ2  sing N N 372 
TRP CZ3 CH2  sing Y N 373 
TRP CZ3 HZ3  sing N N 374 
TRP CH2 HH2  sing N N 375 
TRP OXT HXT  sing N N 376 
TYR N   CA   sing N N 377 
TYR N   H    sing N N 378 
TYR N   H2   sing N N 379 
TYR CA  C    sing N N 380 
TYR CA  CB   sing N N 381 
TYR CA  HA   sing N N 382 
TYR C   O    doub N N 383 
TYR C   OXT  sing N N 384 
TYR CB  CG   sing N N 385 
TYR CB  HB2  sing N N 386 
TYR CB  HB3  sing N N 387 
TYR CG  CD1  doub Y N 388 
TYR CG  CD2  sing Y N 389 
TYR CD1 CE1  sing Y N 390 
TYR CD1 HD1  sing N N 391 
TYR CD2 CE2  doub Y N 392 
TYR CD2 HD2  sing N N 393 
TYR CE1 CZ   doub Y N 394 
TYR CE1 HE1  sing N N 395 
TYR CE2 CZ   sing Y N 396 
TYR CE2 HE2  sing N N 397 
TYR CZ  OH   sing N N 398 
TYR OH  HH   sing N N 399 
TYR OXT HXT  sing N N 400 
VAL N   CA   sing N N 401 
VAL N   H    sing N N 402 
VAL N   H2   sing N N 403 
VAL CA  C    sing N N 404 
VAL CA  CB   sing N N 405 
VAL CA  HA   sing N N 406 
VAL C   O    doub N N 407 
VAL C   OXT  sing N N 408 
VAL CB  CG1  sing N N 409 
VAL CB  CG2  sing N N 410 
VAL CB  HB   sing N N 411 
VAL CG1 HG11 sing N N 412 
VAL CG1 HG12 sing N N 413 
VAL CG1 HG13 sing N N 414 
VAL CG2 HG21 sing N N 415 
VAL CG2 HG22 sing N N 416 
VAL CG2 HG23 sing N N 417 
VAL OXT HXT  sing N N 418 
# 
loop_
_pdbx_entity_nonpoly.entity_id 
_pdbx_entity_nonpoly.name 
_pdbx_entity_nonpoly.comp_id 
2 'N~2~-[2-(5-chloro-1H-pyrrolo[2,3-b]pyridin-3-yl)-5-fluoropyrimidin-4-yl]-N,N-dimethyl-L-alaninamide' 704 
3 water                                                                                                 HOH 
# 
_pdbx_initial_refinement_model.id               1 
_pdbx_initial_refinement_model.entity_id_list   ? 
_pdbx_initial_refinement_model.type             'experimental model' 
_pdbx_initial_refinement_model.source_name      PDB 
_pdbx_initial_refinement_model.accession_code   4NCE 
_pdbx_initial_refinement_model.details          'PDB ENTRY 4NCE' 
# 
